data_7LHL
#
_entry.id   7LHL
#
_cell.length_a   1.00
_cell.length_b   1.00
_cell.length_c   1.00
_cell.angle_alpha   90.00
_cell.angle_beta   90.00
_cell.angle_gamma   90.00
#
_symmetry.space_group_name_H-M   'P 1'
#
_entity_poly.entity_id   1
_entity_poly.type   'polypeptide(L)'
_entity_poly.pdbx_seq_one_letter_code
;SMTTNGADPLGRFSALTREWFTTAFAAPTPAQADAWSAISEGNNTLVIAPTGSGKTLAAFLWAIDRLADPAREPSQGTQV
LYVSPLKALAVDVERNLRTPLTGITRVAERHGLPAPSITVGVRSGDTPPNQRRAMIANPPDVLITTPESLFLMLTSAARE
TLTSVRTVIVDEVHAVAATKRGAHLALSLERLDQLLDTPAQRIGLSATVRPPEEVARFLSGQAPTTIVCPPAAKTFDLSV
QVPVPDMANLDNNSIWPDVEERIVDLVEAHNSSIVFANSRRLAERLTSRLNEIHAERSGIELPAGPNPEVGGGAPAHLMG
SGQANGAPPLLARAHHGSVSKEQRAQVEDDLKSGRLRAVVATSSLELGIDMGAVDLVIQVEAPPSVASGLQRVGRAGHQV
GEISQGVLFPKHRTDLIGCAVTVQRMQTGDIETLRVPANPLDVLAQHTVAVAALEPVDADAWFDAVRRSAPFATLPRSAF
EATLDLLSGKYPSTEFAELRPRLVYDRDTGTLTARPGAQRLAVTSGGAIPDRGMFTVYLASETEKPSRVGELDEEMVYES
RPGDVISLGATSWRITEITHDRVLVIPAPGQPARLPFWRGDSVGRPAELGAAVGAFTGELASLDRKAFDKRCQKMGFAGY
ATDNLHQLLREQREATGVVPSDTTFVVERFRDELGDWRVILHSPYGLRVHGPLALAVGRRLRERYGIDEKPTASDDGIIV
RLPDSGDTPPGADLFVFDADEIEPIVTAEVGGSALFASRFRECAARALLLPRRHPGKRSPLWHQRQRAAQLLDIARKYPD
FPIVLEAVRECLQDVYDVPALIELMHKIAQRRLRIVEVETATPSPFAASLLFGYVGAFMYEGDSPLAERRAAALALDTVL
LSELLGRVELRELLDPAVVASTSAQLQHLTPERAARDAEGVADLLRLLGPLTEADIAQRCTADNIGAWLDGLHAAKRALP
VTYAGQTWWAAVEDIGLLRDGIGVPVPVGVPAAFTESASDPLGDLIGRYARTRGPFTTEQTAARFGLGVRVASDVLSRMA
VDGRLIRGEFAADLSGEQWCDAQVLKILRRRSLAALRAQVEPVSTDAYARFLPSWQHVGSTNTTGVDGLATVIEQLAGVP
IPASAVESLVFPQRVRDYQPAMLDELLASGEVMWSGAGQIGNGDGWVAFHLADTAPLTLTHGAEIEFTDTHRVILETLGH
GGAYFFRQLTDGTVEGTAGQELKQALWELIWAGWVTGDTFAPVRAVLSGPRRSGAPAHRQRQRPPRLSRYSVAHAQTRGT
DPTVSGRWSALPAAEPDSTVRAHFQAELLLGRHGVLTKGAVGAEGVPGGFATLYKVLSAFEDAGRCQRGYFVESLGGAQF
AVASTVDRLRSYLDNVDPERPEYHAVVLAATDPANPYGAALGWPTDSEAHRPGRKAGALVALVDGRLVWFLERGGRSLLS
FGADADAQRAAAGALTDLVSAGRIPSLLVERINGVAVLDPDVDAERAVVQDALLGAGLSRTPRGLRLR
;
_entity_poly.pdbx_strand_id   A,B,C,D
#
# COMPACT_ATOMS: atom_id res chain seq x y z
N PRO A 896 -18.45 2.62 59.92
CA PRO A 896 -17.79 1.89 61.01
C PRO A 896 -16.29 1.78 60.81
N ALA A 897 -15.73 0.59 61.02
CA ALA A 897 -14.29 0.40 60.86
C ALA A 897 -13.89 0.47 59.39
N VAL A 898 -14.80 0.08 58.49
CA VAL A 898 -14.48 0.13 57.06
C VAL A 898 -14.33 1.57 56.60
N VAL A 899 -14.91 2.52 57.34
CA VAL A 899 -14.64 3.91 57.06
C VAL A 899 -13.18 4.23 57.31
N ALA A 900 -12.60 3.64 58.35
CA ALA A 900 -11.21 3.91 58.68
C ALA A 900 -10.27 3.39 57.59
N SER A 901 -10.61 2.27 56.97
CA SER A 901 -9.79 1.76 55.88
C SER A 901 -9.79 2.74 54.71
N THR A 902 -10.97 3.14 54.23
CA THR A 902 -11.04 4.14 53.18
C THR A 902 -10.66 5.52 53.71
N SER A 903 -10.67 5.69 55.03
CA SER A 903 -10.02 6.85 55.59
C SER A 903 -8.52 6.73 55.38
N ALA A 904 -7.87 7.86 55.13
CA ALA A 904 -6.43 7.97 54.90
C ALA A 904 -6.03 7.32 53.58
N GLN A 905 -6.96 6.65 52.90
CA GLN A 905 -6.69 6.23 51.54
C GLN A 905 -6.68 7.43 50.60
N LEU A 906 -7.63 8.34 50.79
CA LEU A 906 -7.63 9.57 50.01
C LEU A 906 -6.57 10.53 50.52
N GLN A 907 -6.13 10.34 51.76
CA GLN A 907 -5.07 11.18 52.33
C GLN A 907 -3.68 10.61 52.11
N HIS A 908 -3.55 9.45 51.46
CA HIS A 908 -2.26 8.90 51.09
C HIS A 908 -1.41 8.56 52.30
N LEU A 909 -2.07 8.18 53.41
CA LEU A 909 -1.32 7.77 54.58
C LEU A 909 -0.85 6.32 54.49
N THR A 910 -1.55 5.50 53.71
CA THR A 910 -1.14 4.12 53.55
C THR A 910 0.22 4.05 52.85
N PRO A 911 0.97 2.97 53.04
CA PRO A 911 2.25 2.86 52.35
C PRO A 911 2.13 2.78 50.84
N GLU A 912 1.16 2.04 50.32
CA GLU A 912 1.05 1.86 48.88
C GLU A 912 0.70 3.16 48.18
N ARG A 913 0.29 4.17 48.93
CA ARG A 913 -0.04 5.46 48.33
C ARG A 913 1.12 6.45 48.42
N ALA A 914 2.10 6.14 49.27
CA ALA A 914 3.19 7.07 49.52
C ALA A 914 3.88 7.44 48.21
N ALA A 915 4.39 8.67 48.16
CA ALA A 915 5.08 9.19 46.98
C ALA A 915 6.59 9.03 47.17
N ARG A 916 7.21 8.21 46.33
CA ARG A 916 8.64 7.95 46.48
C ARG A 916 9.46 9.13 45.98
N ASP A 917 9.16 9.59 44.78
CA ASP A 917 9.98 10.60 44.12
C ASP A 917 9.91 11.92 44.87
N ALA A 918 10.81 12.85 44.52
CA ALA A 918 10.69 14.20 45.03
C ALA A 918 9.62 14.97 44.27
N GLU A 919 9.56 14.78 42.96
CA GLU A 919 8.47 15.36 42.18
C GLU A 919 7.14 14.75 42.57
N GLY A 920 7.14 13.48 42.97
CA GLY A 920 5.90 12.85 43.39
C GLY A 920 5.23 13.56 44.55
N VAL A 921 5.97 14.45 45.22
CA VAL A 921 5.35 15.30 46.23
C VAL A 921 4.49 16.36 45.56
N ALA A 922 4.93 16.90 44.42
CA ALA A 922 4.28 18.04 43.83
C ALA A 922 2.82 17.75 43.47
N ASP A 923 2.55 16.60 42.84
CA ASP A 923 1.17 16.27 42.54
C ASP A 923 0.43 15.84 43.80
N LEU A 924 1.15 15.27 44.76
CA LEU A 924 0.57 15.04 46.07
C LEU A 924 0.19 16.35 46.73
N LEU A 925 0.97 17.39 46.52
CA LEU A 925 0.66 18.70 47.09
C LEU A 925 -0.50 19.33 46.35
N ARG A 926 -0.62 19.08 45.05
CA ARG A 926 -1.72 19.63 44.27
C ARG A 926 -3.04 18.94 44.63
N LEU A 927 -3.01 17.63 44.82
CA LEU A 927 -4.24 16.91 45.11
C LEU A 927 -4.70 17.17 46.54
N LEU A 928 -3.87 16.83 47.52
CA LEU A 928 -4.24 17.03 48.92
C LEU A 928 -4.25 18.48 49.34
N GLY A 929 -3.93 19.41 48.46
CA GLY A 929 -3.98 20.81 48.79
C GLY A 929 -2.80 21.23 49.64
N PRO A 930 -2.90 22.41 50.26
CA PRO A 930 -1.77 22.94 51.02
C PRO A 930 -1.51 22.13 52.28
N LEU A 931 -0.26 21.71 52.44
CA LEU A 931 0.12 20.86 53.57
C LEU A 931 1.33 21.45 54.26
N THR A 932 1.43 21.20 55.57
CA THR A 932 2.62 21.55 56.32
C THR A 932 3.63 20.40 56.29
N GLU A 933 4.91 20.75 56.46
CA GLU A 933 5.97 19.78 56.31
C GLU A 933 5.83 18.63 57.30
N ALA A 934 5.51 18.93 58.55
CA ALA A 934 5.36 17.87 59.54
C ALA A 934 4.27 16.88 59.12
N ASP A 935 3.24 17.37 58.43
CA ASP A 935 2.19 16.48 57.95
C ASP A 935 2.64 15.73 56.71
N ILE A 936 3.51 16.34 55.90
CA ILE A 936 3.95 15.69 54.67
C ILE A 936 5.07 14.70 54.98
N ALA A 937 5.50 14.66 56.23
CA ALA A 937 6.53 13.73 56.70
C ALA A 937 6.09 12.31 56.37
N GLN A 938 4.95 11.84 56.86
CA GLN A 938 4.55 10.44 56.64
C GLN A 938 3.69 10.34 55.37
N ARG A 939 4.25 10.88 54.29
CA ARG A 939 3.67 10.75 52.96
C ARG A 939 4.64 10.19 51.94
N CYS A 940 5.91 10.04 52.30
CA CYS A 940 6.93 9.57 51.38
C CYS A 940 7.71 8.44 52.03
N THR A 941 8.20 7.52 51.20
CA THR A 941 8.97 6.40 51.71
C THR A 941 10.27 6.87 52.33
N ALA A 942 10.93 7.83 51.70
CA ALA A 942 12.20 8.31 52.21
C ALA A 942 12.00 9.25 53.39
N ASP A 943 13.10 9.53 54.08
CA ASP A 943 13.07 10.40 55.24
C ASP A 943 13.87 11.67 54.96
N ASN A 944 13.87 12.58 55.93
CA ASN A 944 14.43 13.92 55.77
C ASN A 944 13.96 14.52 54.46
N ILE A 945 12.65 14.73 54.36
CA ILE A 945 12.06 15.25 53.14
C ILE A 945 12.46 16.70 52.92
N GLY A 946 12.95 17.37 53.96
CA GLY A 946 13.23 18.80 53.84
C GLY A 946 14.08 19.14 52.64
N ALA A 947 15.08 18.32 52.34
CA ALA A 947 15.91 18.54 51.17
C ALA A 947 15.07 18.59 49.90
N TRP A 948 14.06 17.75 49.81
CA TRP A 948 13.24 17.71 48.60
C TRP A 948 12.47 19.01 48.42
N LEU A 949 11.82 19.50 49.47
CA LEU A 949 11.08 20.74 49.33
C LEU A 949 12.01 21.91 49.06
N ASP A 950 13.21 21.90 49.65
CA ASP A 950 14.16 22.96 49.36
C ASP A 950 14.58 22.94 47.89
N GLY A 951 14.84 21.75 47.35
CA GLY A 951 15.18 21.65 45.95
C GLY A 951 14.01 22.01 45.05
N LEU A 952 12.79 21.79 45.53
CA LEU A 952 11.61 22.17 44.76
C LEU A 952 11.46 23.68 44.73
N HIS A 953 11.61 24.33 45.88
CA HIS A 953 11.53 25.78 45.95
C HIS A 953 12.64 26.45 45.14
N ALA A 954 13.85 25.91 45.19
CA ALA A 954 14.93 26.45 44.36
C ALA A 954 14.57 26.38 42.88
N ALA A 955 13.77 25.39 42.50
CA ALA A 955 13.24 25.29 41.15
C ALA A 955 12.05 26.20 40.93
N LYS A 956 11.77 27.10 41.88
CA LYS A 956 10.69 28.08 41.78
C LYS A 956 9.34 27.38 41.64
N ARG A 957 9.10 26.40 42.50
CA ARG A 957 7.83 25.68 42.53
C ARG A 957 7.52 25.29 43.97
N ALA A 958 6.23 25.30 44.31
CA ALA A 958 5.74 24.97 45.65
C ALA A 958 6.36 25.90 46.70
N LEU A 959 6.01 27.18 46.62
CA LEU A 959 6.59 28.17 47.48
C LEU A 959 5.96 28.13 48.88
N PRO A 960 6.76 28.28 49.93
CA PRO A 960 6.22 28.22 51.30
C PRO A 960 5.60 29.54 51.74
N VAL A 961 4.28 29.58 51.87
CA VAL A 961 3.57 30.76 52.32
C VAL A 961 2.81 30.43 53.60
N THR A 962 3.05 31.21 54.65
CA THR A 962 2.48 30.95 55.96
C THR A 962 1.46 32.02 56.31
N TYR A 963 0.18 31.69 56.13
CA TYR A 963 -0.90 32.54 56.59
C TYR A 963 -1.24 32.30 58.06
N ALA A 964 -0.73 31.22 58.64
CA ALA A 964 -0.94 30.91 60.05
C ALA A 964 0.41 30.61 60.67
N GLY A 965 0.37 30.12 61.92
CA GLY A 965 1.60 29.80 62.61
C GLY A 965 2.43 28.75 61.91
N GLN A 966 1.75 27.81 61.23
CA GLN A 966 2.45 26.77 60.50
C GLN A 966 3.03 27.33 59.20
N THR A 967 3.80 26.49 58.52
CA THR A 967 4.44 26.94 57.27
C THR A 967 3.45 26.95 56.12
N TRP A 968 2.61 25.93 56.00
CA TRP A 968 1.58 25.84 54.97
C TRP A 968 2.18 25.90 53.56
N TRP A 969 2.96 24.89 53.22
CA TRP A 969 3.39 24.72 51.83
C TRP A 969 2.19 24.45 50.94
N ALA A 970 2.26 24.92 49.70
CA ALA A 970 1.21 24.72 48.72
C ALA A 970 1.79 24.82 47.32
N ALA A 971 1.04 24.34 46.35
CA ALA A 971 1.51 24.30 44.98
C ALA A 971 1.52 25.68 44.35
N VAL A 972 1.99 25.73 43.11
CA VAL A 972 2.08 27.02 42.40
C VAL A 972 0.72 27.40 41.84
N GLU A 973 -0.05 26.42 41.37
CA GLU A 973 -1.39 26.72 40.84
C GLU A 973 -2.30 27.24 41.94
N ASP A 974 -1.92 27.06 43.19
CA ASP A 974 -2.84 27.31 44.29
C ASP A 974 -2.57 28.66 44.96
N ILE A 975 -1.38 29.22 44.78
CA ILE A 975 -1.03 30.46 45.47
C ILE A 975 -1.97 31.59 45.05
N GLY A 976 -2.28 31.67 43.75
CA GLY A 976 -3.16 32.72 43.28
C GLY A 976 -4.56 32.64 43.86
N LEU A 977 -4.97 31.43 44.26
CA LEU A 977 -6.28 31.27 44.89
C LEU A 977 -6.24 31.71 46.34
N LEU A 978 -5.27 31.21 47.11
CA LEU A 978 -5.25 31.48 48.54
C LEU A 978 -4.96 32.94 48.83
N ARG A 979 -4.11 33.59 48.01
CA ARG A 979 -3.66 34.93 48.34
C ARG A 979 -4.82 35.92 48.36
N ASP A 980 -5.81 35.71 47.49
CA ASP A 980 -6.94 36.63 47.40
C ASP A 980 -7.69 36.69 48.73
N GLY A 981 -7.79 35.57 49.43
CA GLY A 981 -8.44 35.59 50.72
C GLY A 981 -7.50 35.97 51.84
N ILE A 982 -6.35 35.29 51.94
CA ILE A 982 -5.47 35.43 53.09
C ILE A 982 -4.04 35.39 52.59
N GLY A 983 -3.13 35.92 53.40
CA GLY A 983 -1.72 35.91 53.05
C GLY A 983 -1.40 36.91 51.96
N VAL A 984 -0.13 36.88 51.55
CA VAL A 984 0.36 37.78 50.51
C VAL A 984 0.85 36.94 49.34
N PRO A 985 0.83 37.50 48.13
CA PRO A 985 1.37 36.78 46.98
C PRO A 985 2.89 36.71 47.02
N VAL A 986 3.43 35.72 46.34
CA VAL A 986 4.87 35.45 46.33
C VAL A 986 5.57 36.46 45.44
N PRO A 987 6.90 36.60 45.55
CA PRO A 987 7.59 37.57 44.68
C PRO A 987 7.51 37.23 43.21
N VAL A 988 7.50 35.94 42.86
CA VAL A 988 7.57 35.58 41.44
C VAL A 988 6.31 36.00 40.71
N GLY A 989 5.14 35.76 41.30
CA GLY A 989 3.93 36.30 40.71
C GLY A 989 3.37 35.39 39.64
N VAL A 990 3.68 35.72 38.38
CA VAL A 990 3.12 35.05 37.22
C VAL A 990 4.21 34.32 36.44
N PRO A 991 4.88 33.30 36.99
CA PRO A 991 5.56 32.35 36.10
C PRO A 991 4.60 31.31 35.58
N ALA A 992 3.60 30.94 36.38
CA ALA A 992 2.50 30.12 35.94
C ALA A 992 1.35 31.00 35.48
N ALA A 993 0.34 30.37 34.86
CA ALA A 993 -0.80 31.09 34.34
C ALA A 993 -1.56 31.80 35.45
N PHE A 994 -1.47 33.12 35.48
CA PHE A 994 -2.31 33.91 36.40
C PHE A 994 -3.55 34.42 35.70
N THR A 995 -4.02 33.69 34.67
CA THR A 995 -5.11 34.05 33.76
C THR A 995 -6.25 34.64 34.58
N GLU A 996 -6.65 34.03 35.69
CA GLU A 996 -7.77 34.50 36.49
C GLU A 996 -7.65 33.97 37.91
N SER A 997 -7.89 34.84 38.88
CA SER A 997 -8.00 34.45 40.28
C SER A 997 -9.32 34.90 40.90
N ALA A 998 -10.17 35.58 40.12
CA ALA A 998 -11.36 36.22 40.64
C ALA A 998 -12.64 35.45 40.36
N SER A 999 -12.57 34.32 39.64
CA SER A 999 -13.78 33.55 39.37
C SER A 999 -14.47 33.14 40.66
N ASP A 1000 -13.70 32.66 41.63
CA ASP A 1000 -14.20 32.44 42.99
C ASP A 1000 -13.08 32.77 43.97
N PRO A 1001 -13.20 33.85 44.74
CA PRO A 1001 -12.16 34.13 45.73
C PRO A 1001 -11.98 33.00 46.73
N LEU A 1002 -13.04 32.60 47.44
CA LEU A 1002 -12.95 31.54 48.42
C LEU A 1002 -14.09 30.56 48.19
N GLY A 1003 -13.89 29.33 48.64
CA GLY A 1003 -14.87 28.29 48.49
C GLY A 1003 -14.36 27.15 47.65
N ASP A 1004 -13.63 27.45 46.58
CA ASP A 1004 -13.05 26.39 45.77
C ASP A 1004 -11.83 25.78 46.46
N LEU A 1005 -11.06 26.63 47.16
CA LEU A 1005 -9.93 26.11 47.93
C LEU A 1005 -10.40 25.14 49.00
N ILE A 1006 -11.35 25.54 49.84
CA ILE A 1006 -11.98 24.59 50.74
C ILE A 1006 -12.71 23.52 49.96
N GLY A 1007 -13.11 23.83 48.73
CA GLY A 1007 -13.83 22.86 47.91
C GLY A 1007 -13.08 21.55 47.77
N ARG A 1008 -11.80 21.61 47.40
CA ARG A 1008 -11.05 20.38 47.17
C ARG A 1008 -10.72 19.69 48.48
N TYR A 1009 -10.58 20.45 49.57
CA TYR A 1009 -10.30 19.82 50.85
C TYR A 1009 -11.46 18.94 51.29
N ALA A 1010 -12.68 19.32 50.93
CA ALA A 1010 -13.83 18.50 51.31
C ALA A 1010 -13.89 17.22 50.51
N ARG A 1011 -13.31 17.22 49.31
CA ARG A 1011 -13.41 16.04 48.46
C ARG A 1011 -12.50 14.92 48.94
N THR A 1012 -11.31 15.26 49.42
CA THR A 1012 -10.37 14.23 49.84
C THR A 1012 -10.71 13.69 51.22
N ARG A 1013 -10.87 14.57 52.20
CA ARG A 1013 -11.09 14.14 53.57
C ARG A 1013 -12.36 13.30 53.68
N GLY A 1014 -12.40 12.43 54.70
CA GLY A 1014 -13.57 11.64 54.96
C GLY A 1014 -14.62 12.43 55.71
N PRO A 1015 -15.66 11.73 56.17
CA PRO A 1015 -16.69 12.40 56.96
C PRO A 1015 -16.11 13.03 58.21
N PHE A 1016 -16.26 14.36 58.31
CA PHE A 1016 -15.67 15.12 59.40
C PHE A 1016 -16.77 15.92 60.08
N THR A 1017 -16.41 16.54 61.20
CA THR A 1017 -17.34 17.42 61.89
C THR A 1017 -17.05 18.89 61.56
N THR A 1018 -17.96 19.76 61.97
CA THR A 1018 -17.81 21.18 61.66
C THR A 1018 -16.58 21.76 62.34
N GLU A 1019 -16.09 22.87 61.79
CA GLU A 1019 -15.01 23.71 62.29
C GLU A 1019 -13.63 23.06 62.12
N GLN A 1020 -13.56 21.78 61.75
CA GLN A 1020 -12.26 21.20 61.44
C GLN A 1020 -11.67 21.83 60.20
N THR A 1021 -12.49 22.05 59.17
CA THR A 1021 -12.03 22.80 58.03
C THR A 1021 -11.82 24.27 58.38
N ALA A 1022 -12.56 24.75 59.39
CA ALA A 1022 -12.30 26.09 59.89
C ALA A 1022 -11.01 26.14 60.68
N ALA A 1023 -10.77 25.13 61.53
CA ALA A 1023 -9.52 25.04 62.26
C ALA A 1023 -8.34 24.89 61.30
N ARG A 1024 -8.58 24.29 60.13
CA ARG A 1024 -7.51 24.10 59.16
C ARG A 1024 -7.01 25.44 58.63
N PHE A 1025 -7.90 26.24 58.05
CA PHE A 1025 -7.50 27.53 57.50
C PHE A 1025 -7.39 28.58 58.59
N GLY A 1026 -7.84 28.25 59.79
CA GLY A 1026 -7.82 29.20 60.89
C GLY A 1026 -8.94 30.21 60.87
N LEU A 1027 -9.85 30.12 59.91
CA LEU A 1027 -10.97 31.05 59.87
C LEU A 1027 -11.96 30.74 60.99
N GLY A 1028 -12.50 31.81 61.57
CA GLY A 1028 -13.37 31.64 62.73
C GLY A 1028 -14.63 30.87 62.39
N VAL A 1029 -15.29 30.38 63.45
CA VAL A 1029 -16.49 29.56 63.26
C VAL A 1029 -17.57 30.34 62.55
N ARG A 1030 -17.80 31.59 62.96
CA ARG A 1030 -18.94 32.35 62.47
C ARG A 1030 -18.80 32.64 60.98
N VAL A 1031 -17.63 33.11 60.55
CA VAL A 1031 -17.42 33.37 59.13
C VAL A 1031 -17.25 32.05 58.38
N ALA A 1032 -17.01 30.96 59.11
CA ALA A 1032 -16.97 29.65 58.47
C ALA A 1032 -18.37 29.09 58.30
N SER A 1033 -19.28 29.45 59.20
CA SER A 1033 -20.60 28.81 59.24
C SER A 1033 -21.29 28.87 57.88
N ASP A 1034 -21.32 30.03 57.24
CA ASP A 1034 -21.96 30.14 55.94
C ASP A 1034 -21.19 29.35 54.88
N VAL A 1035 -19.86 29.43 54.90
CA VAL A 1035 -19.08 28.70 53.91
C VAL A 1035 -18.98 27.24 54.30
N LEU A 1036 -19.15 26.92 55.59
CA LEU A 1036 -19.31 25.52 55.99
C LEU A 1036 -20.41 24.86 55.19
N SER A 1037 -21.51 25.59 54.95
CA SER A 1037 -22.53 25.13 54.02
C SER A 1037 -21.91 24.82 52.67
N ARG A 1038 -21.06 25.71 52.18
CA ARG A 1038 -20.47 25.58 50.84
C ARG A 1038 -21.58 25.29 49.84
N MET A 1039 -22.69 26.00 50.00
CA MET A 1039 -23.93 25.70 49.32
C MET A 1039 -24.28 24.22 49.49
N ALA A 1040 -24.48 23.85 50.75
CA ALA A 1040 -24.81 22.46 51.09
C ALA A 1040 -26.06 21.99 50.35
N VAL A 1041 -26.87 22.93 49.86
CA VAL A 1041 -27.96 22.58 48.97
C VAL A 1041 -27.40 22.55 47.55
N ASP A 1042 -26.79 21.42 47.22
CA ASP A 1042 -26.14 21.20 45.92
C ASP A 1042 -25.71 19.74 45.85
N GLY A 1043 -25.75 19.20 44.64
CA GLY A 1043 -25.24 17.86 44.44
C GLY A 1043 -23.74 17.79 44.63
N ARG A 1044 -23.06 18.94 44.54
CA ARG A 1044 -21.61 18.96 44.68
C ARG A 1044 -21.19 18.63 46.12
N LEU A 1045 -21.90 19.17 47.10
CA LEU A 1045 -21.55 18.94 48.49
C LEU A 1045 -22.81 18.72 49.31
N ILE A 1046 -22.84 17.63 50.06
CA ILE A 1046 -23.96 17.33 50.96
C ILE A 1046 -23.63 17.77 52.37
N LEU A 1054 -21.39 16.96 61.07
CA LEU A 1054 -22.63 17.30 61.77
C LEU A 1054 -23.79 17.51 60.80
N SER A 1055 -23.47 17.75 59.53
CA SER A 1055 -24.53 17.84 58.52
C SER A 1055 -25.08 16.46 58.23
N GLY A 1056 -26.32 16.22 58.66
CA GLY A 1056 -26.81 14.86 58.60
C GLY A 1056 -26.08 13.98 59.59
N GLU A 1057 -25.51 12.89 59.10
CA GLU A 1057 -24.69 12.05 59.95
C GLU A 1057 -23.41 12.77 60.37
N GLN A 1058 -22.56 13.11 59.40
CA GLN A 1058 -21.38 13.93 59.63
C GLN A 1058 -21.10 14.72 58.36
N TRP A 1059 -20.40 15.84 58.51
CA TRP A 1059 -20.04 16.67 57.35
C TRP A 1059 -19.15 15.88 56.40
N CYS A 1060 -19.64 15.59 55.19
CA CYS A 1060 -18.86 14.93 54.17
C CYS A 1060 -19.39 15.32 52.80
N ASP A 1061 -18.61 15.01 51.77
CA ASP A 1061 -19.08 15.23 50.41
C ASP A 1061 -20.01 14.09 50.00
N ALA A 1062 -20.87 14.36 49.02
CA ALA A 1062 -21.74 13.31 48.50
C ALA A 1062 -20.95 12.33 47.62
N GLN A 1063 -19.99 12.84 46.86
CA GLN A 1063 -19.18 11.97 46.01
C GLN A 1063 -18.49 10.90 46.83
N VAL A 1064 -17.73 11.30 47.85
CA VAL A 1064 -17.11 10.32 48.73
C VAL A 1064 -18.17 9.49 49.44
N LEU A 1065 -19.35 10.05 49.66
CA LEU A 1065 -20.40 9.29 50.32
C LEU A 1065 -20.85 8.12 49.44
N LYS A 1066 -20.77 8.27 48.13
CA LYS A 1066 -21.19 7.20 47.24
C LYS A 1066 -20.28 5.99 47.37
N ILE A 1067 -18.97 6.21 47.25
CA ILE A 1067 -18.02 5.11 47.42
C ILE A 1067 -18.08 4.59 48.85
N LEU A 1068 -18.37 5.47 49.82
CA LEU A 1068 -18.52 5.00 51.18
C LEU A 1068 -19.67 4.03 51.31
N ARG A 1069 -20.82 4.35 50.70
CA ARG A 1069 -21.95 3.43 50.72
C ARG A 1069 -21.60 2.13 50.02
N ARG A 1070 -21.04 2.23 48.81
CA ARG A 1070 -20.75 1.02 48.04
C ARG A 1070 -19.78 0.10 48.77
N ARG A 1071 -18.74 0.68 49.37
CA ARG A 1071 -17.78 -0.14 50.11
C ARG A 1071 -18.41 -0.67 51.40
N SER A 1072 -19.11 0.19 52.13
CA SER A 1072 -19.78 -0.28 53.34
C SER A 1072 -20.87 -1.29 53.00
N LEU A 1073 -21.53 -1.13 51.86
CA LEU A 1073 -22.45 -2.16 51.41
C LEU A 1073 -21.69 -3.43 51.04
N ALA A 1074 -20.49 -3.28 50.47
CA ALA A 1074 -19.65 -4.43 50.22
C ALA A 1074 -19.01 -4.92 51.51
N ALA A 1075 -19.08 -4.12 52.57
CA ALA A 1075 -18.57 -4.56 53.86
C ALA A 1075 -19.49 -5.60 54.49
N LEU A 1076 -20.79 -5.34 54.51
CA LEU A 1076 -21.73 -6.31 55.07
C LEU A 1076 -21.77 -7.57 54.23
N ARG A 1077 -21.61 -7.44 52.91
CA ARG A 1077 -21.44 -8.62 52.08
C ARG A 1077 -20.03 -9.19 52.26
N ALA A 1078 -19.90 -10.49 52.05
CA ALA A 1078 -18.58 -11.11 52.16
C ALA A 1078 -17.69 -10.71 50.99
N GLN A 1079 -18.30 -10.25 49.89
CA GLN A 1079 -17.58 -10.05 48.64
C GLN A 1079 -16.73 -8.79 48.69
N VAL A 1080 -15.84 -8.68 47.71
CA VAL A 1080 -15.09 -7.44 47.51
C VAL A 1080 -16.00 -6.44 46.80
N GLU A 1081 -15.59 -5.17 46.85
CA GLU A 1081 -16.43 -4.10 46.33
C GLU A 1081 -16.69 -4.31 44.84
N PRO A 1082 -17.91 -4.09 44.37
CA PRO A 1082 -18.19 -4.25 42.95
C PRO A 1082 -17.71 -3.05 42.15
N VAL A 1083 -17.66 -3.24 40.84
CA VAL A 1083 -17.16 -2.23 39.93
C VAL A 1083 -18.34 -1.48 39.31
N SER A 1084 -18.19 -0.17 39.20
CA SER A 1084 -19.28 0.67 38.69
C SER A 1084 -19.71 0.22 37.30
N THR A 1085 -20.98 0.51 36.99
CA THR A 1085 -21.54 0.06 35.72
C THR A 1085 -20.75 0.56 34.53
N ASP A 1086 -20.64 1.87 34.38
CA ASP A 1086 -19.95 2.41 33.21
C ASP A 1086 -18.53 1.88 33.11
N ALA A 1087 -17.93 1.52 34.24
CA ALA A 1087 -16.61 0.91 34.19
C ALA A 1087 -16.67 -0.45 33.49
N TYR A 1088 -17.70 -1.25 33.79
CA TYR A 1088 -17.84 -2.48 33.04
C TYR A 1088 -18.14 -2.23 31.58
N ALA A 1089 -18.91 -1.19 31.28
CA ALA A 1089 -19.18 -0.87 29.88
C ALA A 1089 -17.92 -0.37 29.18
N ARG A 1090 -16.91 0.02 29.96
CA ARG A 1090 -15.59 0.30 29.41
C ARG A 1090 -14.76 -0.96 29.29
N PHE A 1091 -15.04 -1.95 30.14
CA PHE A 1091 -14.33 -3.22 30.08
C PHE A 1091 -14.76 -4.05 28.89
N LEU A 1092 -16.02 -4.00 28.53
CA LEU A 1092 -16.52 -4.95 27.53
C LEU A 1092 -15.96 -4.71 26.15
N PRO A 1093 -15.85 -3.49 25.63
CA PRO A 1093 -15.21 -3.33 24.33
C PRO A 1093 -13.82 -3.91 24.28
N SER A 1094 -12.96 -3.59 25.24
CA SER A 1094 -11.56 -4.02 25.15
C SER A 1094 -11.42 -5.50 25.43
N TRP A 1095 -12.45 -6.12 26.01
CA TRP A 1095 -12.41 -7.56 26.22
C TRP A 1095 -12.74 -8.29 24.94
N GLN A 1096 -13.15 -7.57 23.91
CA GLN A 1096 -13.33 -8.13 22.58
C GLN A 1096 -12.39 -7.54 21.56
N HIS A 1097 -11.25 -7.00 22.01
CA HIS A 1097 -10.16 -6.57 21.16
C HIS A 1097 -10.53 -5.33 20.35
N VAL A 1098 -11.54 -4.60 20.79
CA VAL A 1098 -12.12 -3.56 19.94
C VAL A 1098 -11.13 -2.43 19.75
N GLY A 1099 -10.15 -2.30 20.62
CA GLY A 1099 -9.19 -1.24 20.44
C GLY A 1099 -7.80 -1.81 20.24
N SER A 1100 -7.69 -3.13 20.23
CA SER A 1100 -6.40 -3.77 20.37
C SER A 1100 -5.56 -3.57 19.11
N THR A 1101 -4.25 -3.72 19.29
CA THR A 1101 -3.29 -3.72 18.21
C THR A 1101 -2.38 -4.93 18.24
N ASN A 1102 -2.63 -5.86 19.16
CA ASN A 1102 -1.96 -7.16 19.10
C ASN A 1102 -2.59 -8.04 18.03
N THR A 1103 -3.86 -7.83 17.74
CA THR A 1103 -4.61 -8.66 16.82
C THR A 1103 -4.37 -8.16 15.40
N THR A 1104 -3.78 -9.00 14.55
CA THR A 1104 -3.55 -8.67 13.16
C THR A 1104 -3.67 -9.94 12.32
N GLY A 1105 -3.61 -9.75 11.00
CA GLY A 1105 -3.50 -10.86 10.07
C GLY A 1105 -4.70 -11.79 10.10
N VAL A 1106 -4.58 -12.86 9.30
CA VAL A 1106 -5.63 -13.88 9.26
C VAL A 1106 -5.80 -14.53 10.62
N ASP A 1107 -4.70 -14.79 11.33
CA ASP A 1107 -4.81 -15.41 12.65
C ASP A 1107 -5.62 -14.53 13.58
N GLY A 1108 -5.43 -13.21 13.51
CA GLY A 1108 -6.24 -12.32 14.32
C GLY A 1108 -7.72 -12.47 14.02
N LEU A 1109 -8.06 -12.58 12.74
CA LEU A 1109 -9.46 -12.71 12.36
C LEU A 1109 -10.03 -14.03 12.85
N ALA A 1110 -9.30 -15.12 12.69
CA ALA A 1110 -9.80 -16.40 13.15
C ALA A 1110 -9.88 -16.43 14.67
N THR A 1111 -9.14 -15.54 15.34
CA THR A 1111 -9.32 -15.37 16.77
C THR A 1111 -10.63 -14.66 17.08
N VAL A 1112 -10.87 -13.55 16.39
CA VAL A 1112 -12.07 -12.75 16.64
C VAL A 1112 -13.32 -13.58 16.38
N ILE A 1113 -13.48 -14.07 15.15
CA ILE A 1113 -14.70 -14.78 14.77
C ILE A 1113 -15.04 -15.87 15.78
N GLU A 1114 -14.03 -16.56 16.28
CA GLU A 1114 -14.28 -17.64 17.23
C GLU A 1114 -14.93 -17.11 18.50
N GLN A 1115 -14.65 -15.85 18.84
CA GLN A 1115 -15.31 -15.25 19.99
C GLN A 1115 -16.74 -14.88 19.67
N LEU A 1116 -16.97 -14.24 18.52
CA LEU A 1116 -18.29 -13.81 18.09
C LEU A 1116 -19.07 -14.89 17.38
N ALA A 1117 -18.75 -16.16 17.57
CA ALA A 1117 -19.43 -17.21 16.84
C ALA A 1117 -20.89 -17.27 17.25
N GLY A 1118 -21.77 -17.16 16.26
CA GLY A 1118 -23.17 -17.40 16.47
C GLY A 1118 -24.02 -16.18 16.76
N VAL A 1119 -23.46 -14.99 16.68
CA VAL A 1119 -24.22 -13.79 17.00
C VAL A 1119 -24.68 -13.16 15.68
N PRO A 1120 -25.97 -12.89 15.51
CA PRO A 1120 -26.42 -12.26 14.27
C PRO A 1120 -26.14 -10.77 14.26
N ILE A 1121 -25.49 -10.32 13.20
CA ILE A 1121 -25.12 -8.91 13.03
C ILE A 1121 -25.30 -8.51 11.57
N PRO A 1122 -25.72 -7.28 11.34
CA PRO A 1122 -26.16 -6.90 9.99
C PRO A 1122 -25.03 -6.98 8.98
N ALA A 1123 -25.36 -7.45 7.79
CA ALA A 1123 -24.34 -7.59 6.75
C ALA A 1123 -23.75 -6.25 6.35
N SER A 1124 -24.38 -5.16 6.76
CA SER A 1124 -23.85 -3.85 6.44
C SER A 1124 -22.72 -3.47 7.39
N ALA A 1125 -22.85 -3.84 8.68
CA ALA A 1125 -21.85 -3.46 9.66
C ALA A 1125 -20.63 -4.36 9.59
N VAL A 1126 -20.82 -5.64 9.27
CA VAL A 1126 -19.71 -6.56 9.10
C VAL A 1126 -18.70 -5.97 8.12
N GLU A 1127 -17.42 -6.21 8.38
CA GLU A 1127 -16.33 -5.86 7.49
C GLU A 1127 -16.24 -4.37 7.23
N SER A 1128 -17.08 -3.58 7.90
CA SER A 1128 -16.98 -2.13 7.73
C SER A 1128 -16.84 -1.45 9.08
N LEU A 1129 -17.48 -1.98 10.11
CA LEU A 1129 -17.48 -1.31 11.40
C LEU A 1129 -17.13 -2.26 12.55
N VAL A 1130 -17.41 -3.55 12.40
CA VAL A 1130 -17.23 -4.47 13.51
C VAL A 1130 -15.95 -5.30 13.34
N PHE A 1131 -15.66 -5.76 12.13
CA PHE A 1131 -14.37 -6.43 11.93
C PHE A 1131 -13.22 -5.45 11.88
N PRO A 1132 -13.18 -4.47 10.98
CA PRO A 1132 -11.96 -3.67 10.84
C PRO A 1132 -11.68 -2.78 12.02
N GLN A 1133 -12.56 -2.77 13.03
CA GLN A 1133 -12.30 -1.96 14.20
C GLN A 1133 -11.46 -2.73 15.22
N ARG A 1134 -11.52 -4.05 15.19
CA ARG A 1134 -10.76 -4.84 16.13
C ARG A 1134 -9.52 -5.45 15.48
N VAL A 1135 -9.65 -5.94 14.26
CA VAL A 1135 -8.51 -6.56 13.59
C VAL A 1135 -7.43 -5.51 13.31
N ARG A 1136 -7.81 -4.26 13.09
CA ARG A 1136 -6.94 -3.11 12.92
C ARG A 1136 -6.20 -3.16 11.59
N ASP A 1137 -6.26 -4.26 10.87
CA ASP A 1137 -5.64 -4.40 9.58
C ASP A 1137 -6.49 -5.36 8.76
N TYR A 1138 -7.45 -4.81 8.02
CA TYR A 1138 -8.45 -5.63 7.38
C TYR A 1138 -8.53 -5.31 5.90
N GLN A 1139 -8.32 -6.35 5.09
CA GLN A 1139 -8.61 -6.32 3.67
C GLN A 1139 -9.70 -7.33 3.38
N PRO A 1140 -10.75 -6.95 2.68
CA PRO A 1140 -11.83 -7.91 2.39
C PRO A 1140 -11.35 -9.19 1.76
N ALA A 1141 -10.13 -9.18 1.20
CA ALA A 1141 -9.55 -10.41 0.69
C ALA A 1141 -9.01 -11.27 1.82
N MET A 1142 -9.08 -10.78 3.05
CA MET A 1142 -8.65 -11.58 4.20
C MET A 1142 -9.78 -12.47 4.69
N LEU A 1143 -11.02 -12.04 4.47
CA LEU A 1143 -12.14 -12.84 4.90
C LEU A 1143 -12.42 -13.95 3.89
N ASP A 1144 -12.41 -13.63 2.60
CA ASP A 1144 -12.65 -14.65 1.60
C ASP A 1144 -11.64 -15.79 1.74
N GLU A 1145 -10.42 -15.47 2.13
CA GLU A 1145 -9.40 -16.50 2.32
C GLU A 1145 -9.80 -17.44 3.45
N LEU A 1146 -10.16 -16.88 4.59
CA LEU A 1146 -10.59 -17.71 5.70
C LEU A 1146 -11.85 -18.48 5.34
N LEU A 1147 -12.80 -17.82 4.68
CA LEU A 1147 -14.03 -18.49 4.28
C LEU A 1147 -13.74 -19.69 3.38
N ALA A 1148 -12.97 -19.49 2.32
CA ALA A 1148 -12.84 -20.53 1.31
C ALA A 1148 -12.05 -21.73 1.81
N SER A 1149 -11.24 -21.54 2.85
CA SER A 1149 -10.46 -22.66 3.36
C SER A 1149 -11.37 -23.71 3.99
N GLY A 1150 -12.52 -23.30 4.48
CA GLY A 1150 -13.34 -24.17 5.27
C GLY A 1150 -13.20 -23.99 6.76
N GLU A 1151 -12.67 -22.86 7.21
CA GLU A 1151 -12.59 -22.60 8.64
C GLU A 1151 -13.93 -22.15 9.19
N VAL A 1152 -14.57 -21.19 8.54
CA VAL A 1152 -15.82 -20.65 9.05
C VAL A 1152 -16.93 -20.97 8.08
N MET A 1153 -18.16 -20.72 8.51
CA MET A 1153 -19.33 -20.89 7.67
C MET A 1153 -20.08 -19.57 7.59
N TRP A 1154 -20.71 -19.35 6.45
CA TRP A 1154 -21.41 -18.10 6.23
C TRP A 1154 -22.73 -18.05 6.99
N SER A 1155 -23.66 -18.94 6.65
CA SER A 1155 -24.87 -19.19 7.44
C SER A 1155 -25.69 -17.94 7.73
N GLY A 1156 -26.23 -17.32 6.69
CA GLY A 1156 -27.11 -16.19 6.92
C GLY A 1156 -28.35 -16.57 7.69
N ALA A 1157 -28.96 -15.62 8.39
CA ALA A 1157 -30.21 -15.86 9.11
C ALA A 1157 -30.83 -14.53 9.50
N GLY A 1158 -32.09 -14.34 9.13
CA GLY A 1158 -32.74 -13.06 9.25
C GLY A 1158 -32.76 -12.31 7.94
N GLN A 1159 -33.40 -11.14 7.94
CA GLN A 1159 -33.43 -10.28 6.75
C GLN A 1159 -33.80 -8.87 7.17
N ILE A 1160 -33.07 -7.88 6.64
CA ILE A 1160 -33.47 -6.50 6.85
C ILE A 1160 -34.54 -6.10 5.84
N GLY A 1161 -34.36 -6.49 4.59
CA GLY A 1161 -35.25 -6.06 3.52
C GLY A 1161 -34.54 -5.13 2.56
N ASN A 1162 -34.67 -5.41 1.26
CA ASN A 1162 -33.86 -4.76 0.23
C ASN A 1162 -32.39 -5.10 0.41
N GLY A 1163 -32.11 -6.35 0.76
CA GLY A 1163 -30.71 -6.75 0.98
C GLY A 1163 -30.27 -6.43 2.41
N ASP A 1164 -28.95 -6.46 2.67
CA ASP A 1164 -28.27 -6.23 3.99
C ASP A 1164 -28.47 -7.44 4.93
N GLY A 1165 -29.73 -7.76 5.28
CA GLY A 1165 -30.09 -8.95 6.08
C GLY A 1165 -29.46 -9.01 7.45
N TRP A 1166 -28.86 -10.17 7.74
CA TRP A 1166 -28.33 -10.52 9.05
C TRP A 1166 -27.48 -11.78 8.90
N VAL A 1167 -26.17 -11.60 8.87
CA VAL A 1167 -25.24 -12.71 8.72
C VAL A 1167 -24.67 -13.02 10.09
N ALA A 1168 -24.47 -14.30 10.37
CA ALA A 1168 -23.95 -14.74 11.65
C ALA A 1168 -22.88 -15.78 11.40
N PHE A 1169 -21.64 -15.43 11.66
CA PHE A 1169 -20.56 -16.34 11.33
C PHE A 1169 -20.57 -17.55 12.23
N HIS A 1170 -19.68 -18.48 11.96
CA HIS A 1170 -19.58 -19.71 12.73
C HIS A 1170 -18.15 -20.18 12.74
N LEU A 1171 -17.97 -21.44 13.10
CA LEU A 1171 -16.68 -22.08 13.01
C LEU A 1171 -16.93 -23.50 12.54
N ALA A 1172 -15.99 -24.07 11.79
CA ALA A 1172 -16.31 -25.31 11.08
C ALA A 1172 -16.41 -26.50 12.02
N ASP A 1173 -15.53 -26.55 13.02
CA ASP A 1173 -15.52 -27.70 13.92
C ASP A 1173 -16.83 -27.85 14.66
N THR A 1174 -17.36 -26.74 15.16
CA THR A 1174 -18.53 -26.75 16.03
C THR A 1174 -19.75 -26.14 15.35
N ALA A 1175 -19.83 -26.23 14.04
CA ALA A 1175 -20.98 -25.66 13.34
C ALA A 1175 -22.31 -26.22 13.80
N PRO A 1176 -22.52 -27.54 13.88
CA PRO A 1176 -23.86 -28.01 14.26
C PRO A 1176 -24.25 -27.62 15.67
N LEU A 1177 -23.30 -27.14 16.47
CA LEU A 1177 -23.64 -26.71 17.83
C LEU A 1177 -24.15 -25.28 17.84
N THR A 1178 -23.38 -24.34 17.30
CA THR A 1178 -23.73 -22.93 17.33
C THR A 1178 -24.58 -22.50 16.16
N LEU A 1179 -25.32 -23.42 15.55
CA LEU A 1179 -26.25 -23.05 14.47
C LEU A 1179 -27.67 -23.03 14.99
N THR A 1180 -28.57 -22.56 14.13
CA THR A 1180 -30.00 -22.50 14.44
C THR A 1180 -30.72 -23.59 13.68
N HIS A 1181 -32.03 -23.73 13.93
CA HIS A 1181 -32.78 -24.83 13.34
C HIS A 1181 -33.13 -24.56 11.89
N GLY A 1182 -33.93 -23.54 11.64
CA GLY A 1182 -34.37 -23.24 10.29
C GLY A 1182 -35.13 -21.94 10.27
N ALA A 1183 -36.01 -21.80 9.28
CA ALA A 1183 -36.87 -20.63 9.19
C ALA A 1183 -38.31 -20.96 8.85
N GLU A 1184 -38.61 -22.17 8.41
CA GLU A 1184 -39.95 -22.57 7.99
C GLU A 1184 -40.47 -21.66 6.87
N ILE A 1185 -39.77 -21.70 5.74
CA ILE A 1185 -40.14 -20.91 4.57
C ILE A 1185 -41.29 -21.62 3.86
N GLU A 1186 -41.91 -20.94 2.89
CA GLU A 1186 -43.08 -21.47 2.21
C GLU A 1186 -42.77 -22.76 1.46
N PHE A 1187 -41.52 -22.94 1.01
CA PHE A 1187 -41.10 -24.13 0.28
C PHE A 1187 -41.92 -24.32 -0.98
N THR A 1188 -41.82 -23.35 -1.89
CA THR A 1188 -42.45 -23.49 -3.18
C THR A 1188 -41.67 -24.47 -4.05
N ASP A 1189 -42.19 -24.72 -5.25
CA ASP A 1189 -41.62 -25.74 -6.11
C ASP A 1189 -40.24 -25.35 -6.63
N THR A 1190 -40.05 -24.08 -6.96
CA THR A 1190 -38.74 -23.63 -7.39
C THR A 1190 -37.75 -23.63 -6.23
N HIS A 1191 -38.25 -23.51 -5.00
CA HIS A 1191 -37.41 -23.81 -3.84
C HIS A 1191 -37.19 -25.31 -3.72
N ARG A 1192 -38.20 -26.10 -4.09
CA ARG A 1192 -38.12 -27.54 -3.86
C ARG A 1192 -37.10 -28.18 -4.80
N VAL A 1193 -36.90 -27.61 -5.98
CA VAL A 1193 -35.95 -28.20 -6.92
C VAL A 1193 -34.52 -27.98 -6.44
N ILE A 1194 -34.24 -26.83 -5.84
CA ILE A 1194 -32.88 -26.54 -5.39
C ILE A 1194 -32.48 -27.50 -4.28
N LEU A 1195 -33.29 -27.58 -3.23
CA LEU A 1195 -32.90 -28.38 -2.08
C LEU A 1195 -32.77 -29.86 -2.42
N GLU A 1196 -33.37 -30.29 -3.54
CA GLU A 1196 -33.15 -31.66 -3.97
C GLU A 1196 -31.72 -31.87 -4.45
N THR A 1197 -31.22 -30.95 -5.28
CA THR A 1197 -29.86 -31.10 -5.80
C THR A 1197 -28.84 -30.90 -4.69
N LEU A 1198 -28.91 -29.78 -3.98
CA LEU A 1198 -27.92 -29.49 -2.95
C LEU A 1198 -28.03 -30.48 -1.80
N GLY A 1199 -29.14 -31.21 -1.73
CA GLY A 1199 -29.35 -32.10 -0.60
C GLY A 1199 -28.37 -33.26 -0.56
N HIS A 1200 -28.17 -33.92 -1.70
CA HIS A 1200 -27.39 -35.15 -1.69
C HIS A 1200 -25.91 -34.87 -1.55
N GLY A 1201 -25.43 -33.79 -2.15
CA GLY A 1201 -24.00 -33.60 -2.24
C GLY A 1201 -23.48 -32.30 -1.69
N GLY A 1202 -22.26 -31.94 -2.09
CA GLY A 1202 -21.63 -30.72 -1.64
C GLY A 1202 -21.98 -29.54 -2.51
N ALA A 1203 -21.04 -28.61 -2.60
CA ALA A 1203 -21.31 -27.32 -3.19
C ALA A 1203 -21.52 -27.41 -4.69
N TYR A 1204 -22.47 -26.63 -5.20
CA TYR A 1204 -22.75 -26.52 -6.62
C TYR A 1204 -22.70 -25.07 -7.03
N PHE A 1205 -22.49 -24.83 -8.32
CA PHE A 1205 -22.50 -23.48 -8.82
C PHE A 1205 -23.93 -23.03 -9.08
N PHE A 1206 -24.08 -21.78 -9.52
CA PHE A 1206 -25.41 -21.33 -9.91
C PHE A 1206 -25.87 -22.01 -11.18
N ARG A 1207 -25.02 -21.98 -12.22
CA ARG A 1207 -25.45 -22.42 -13.55
C ARG A 1207 -25.84 -23.89 -13.57
N GLN A 1208 -25.41 -24.66 -12.58
CA GLN A 1208 -25.79 -26.06 -12.52
C GLN A 1208 -26.74 -26.37 -11.38
N LEU A 1209 -27.32 -25.36 -10.74
CA LEU A 1209 -28.26 -25.63 -9.65
C LEU A 1209 -29.45 -26.44 -10.14
N THR A 1210 -29.94 -26.13 -11.33
CA THR A 1210 -31.02 -26.89 -11.94
C THR A 1210 -30.79 -26.97 -13.45
N ASP A 1211 -31.72 -27.66 -14.12
CA ASP A 1211 -31.57 -27.85 -15.56
C ASP A 1211 -32.16 -26.69 -16.34
N GLY A 1212 -33.15 -26.01 -15.77
CA GLY A 1212 -33.73 -24.86 -16.44
C GLY A 1212 -32.66 -23.80 -16.69
N THR A 1213 -32.67 -23.27 -17.91
CA THR A 1213 -31.61 -22.35 -18.31
C THR A 1213 -31.64 -21.07 -17.49
N VAL A 1214 -30.46 -20.61 -17.09
CA VAL A 1214 -30.35 -19.36 -16.35
C VAL A 1214 -30.65 -18.18 -17.28
N GLU A 1215 -30.56 -18.40 -18.59
CA GLU A 1215 -31.00 -17.41 -19.55
C GLU A 1215 -32.50 -17.20 -19.44
N GLY A 1216 -32.91 -15.94 -19.44
CA GLY A 1216 -34.32 -15.60 -19.43
C GLY A 1216 -34.87 -15.36 -18.04
N THR A 1217 -36.16 -15.01 -18.01
CA THR A 1217 -36.81 -14.71 -16.74
C THR A 1217 -36.88 -15.94 -15.84
N ALA A 1218 -37.10 -17.12 -16.42
CA ALA A 1218 -37.13 -18.34 -15.61
C ALA A 1218 -35.79 -18.54 -14.90
N GLY A 1219 -34.69 -18.09 -15.52
CA GLY A 1219 -33.41 -18.11 -14.84
C GLY A 1219 -33.28 -17.00 -13.83
N GLN A 1220 -33.77 -15.81 -14.17
CA GLN A 1220 -33.63 -14.68 -13.26
C GLN A 1220 -34.55 -14.82 -12.06
N GLU A 1221 -35.69 -15.48 -12.24
CA GLU A 1221 -36.58 -15.68 -11.11
C GLU A 1221 -35.95 -16.58 -10.07
N LEU A 1222 -35.03 -17.47 -10.50
CA LEU A 1222 -34.40 -18.38 -9.57
C LEU A 1222 -33.64 -17.64 -8.49
N LYS A 1223 -32.84 -16.64 -8.87
CA LYS A 1223 -31.99 -15.96 -7.90
C LYS A 1223 -32.81 -15.34 -6.78
N GLN A 1224 -34.03 -14.90 -7.09
CA GLN A 1224 -34.91 -14.42 -6.04
C GLN A 1224 -35.39 -15.56 -5.17
N ALA A 1225 -35.69 -16.70 -5.79
CA ALA A 1225 -36.10 -17.87 -5.03
C ALA A 1225 -34.94 -18.39 -4.18
N LEU A 1226 -33.72 -18.17 -4.63
CA LEU A 1226 -32.56 -18.65 -3.86
C LEU A 1226 -32.26 -17.71 -2.70
N TRP A 1227 -32.09 -16.42 -2.98
CA TRP A 1227 -31.78 -15.48 -1.91
C TRP A 1227 -32.88 -15.43 -0.87
N GLU A 1228 -34.07 -15.91 -1.21
CA GLU A 1228 -35.09 -16.12 -0.18
C GLU A 1228 -34.77 -17.34 0.65
N LEU A 1229 -34.10 -18.32 0.05
CA LEU A 1229 -33.70 -19.48 0.82
C LEU A 1229 -32.47 -19.19 1.67
N ILE A 1230 -31.64 -18.23 1.23
CA ILE A 1230 -30.43 -17.89 1.97
C ILE A 1230 -30.79 -17.26 3.30
N TRP A 1231 -31.46 -16.11 3.26
CA TRP A 1231 -31.81 -15.41 4.49
C TRP A 1231 -32.65 -16.30 5.41
N ALA A 1232 -33.30 -17.31 4.86
CA ALA A 1232 -33.96 -18.30 5.70
C ALA A 1232 -32.93 -19.10 6.49
N GLY A 1233 -31.78 -19.34 5.90
CA GLY A 1233 -30.73 -20.07 6.58
C GLY A 1233 -30.59 -21.51 6.21
N TRP A 1234 -30.93 -21.90 4.97
CA TRP A 1234 -30.83 -23.30 4.58
C TRP A 1234 -29.62 -23.56 3.70
N VAL A 1235 -29.25 -22.62 2.85
CA VAL A 1235 -28.09 -22.77 1.98
C VAL A 1235 -27.17 -21.58 2.18
N THR A 1236 -25.87 -21.81 1.99
CA THR A 1236 -24.86 -20.79 2.23
C THR A 1236 -23.81 -20.83 1.14
N GLY A 1237 -23.31 -19.66 0.79
CA GLY A 1237 -22.20 -19.55 -0.14
C GLY A 1237 -20.91 -19.34 0.59
N ASP A 1238 -19.83 -19.98 0.15
CA ASP A 1238 -18.64 -20.04 0.97
C ASP A 1238 -17.63 -18.97 0.59
N THR A 1239 -17.98 -18.04 -0.29
CA THR A 1239 -16.97 -17.10 -0.75
C THR A 1239 -17.15 -15.71 -0.16
N PHE A 1240 -18.34 -15.38 0.33
CA PHE A 1240 -18.69 -14.05 0.83
C PHE A 1240 -18.49 -12.97 -0.22
N ALA A 1241 -18.50 -13.31 -1.49
CA ALA A 1241 -18.62 -12.32 -2.55
C ALA A 1241 -20.08 -11.91 -2.76
N PRO A 1242 -21.03 -12.85 -2.77
CA PRO A 1242 -22.43 -12.45 -2.96
C PRO A 1242 -22.88 -11.33 -2.04
N VAL A 1243 -22.77 -11.53 -0.73
CA VAL A 1243 -23.36 -10.55 0.18
C VAL A 1243 -22.56 -9.26 0.17
N ARG A 1244 -21.51 -9.20 -0.63
CA ARG A 1244 -20.90 -7.91 -0.95
C ARG A 1244 -21.59 -7.27 -2.14
N ALA A 1245 -22.22 -8.10 -2.99
CA ALA A 1245 -22.94 -7.54 -4.13
C ALA A 1245 -24.25 -6.91 -3.71
N VAL A 1246 -25.05 -7.64 -2.93
CA VAL A 1246 -26.36 -7.12 -2.54
C VAL A 1246 -26.21 -5.85 -1.72
N LEU A 1247 -25.03 -5.60 -1.17
CA LEU A 1247 -24.81 -4.36 -0.43
C LEU A 1247 -24.53 -3.21 -1.37
N SER A 1248 -23.96 -3.49 -2.54
CA SER A 1248 -23.64 -2.42 -3.47
C SER A 1248 -24.89 -1.75 -3.98
N GLY A 1249 -25.91 -2.52 -4.31
CA GLY A 1249 -27.17 -1.96 -4.74
C GLY A 1249 -28.01 -2.90 -5.57
N PRO A 1250 -29.22 -2.46 -5.93
CA PRO A 1250 -30.07 -3.32 -6.78
C PRO A 1250 -29.62 -3.33 -8.23
N ARG A 1251 -28.87 -2.32 -8.65
CA ARG A 1251 -28.39 -2.23 -10.02
C ARG A 1251 -27.47 -3.40 -10.35
N ARG A 1278 -23.33 -14.08 -20.42
CA ARG A 1278 -22.58 -15.25 -20.00
C ARG A 1278 -22.49 -15.35 -18.48
N GLY A 1279 -23.56 -14.94 -17.80
CA GLY A 1279 -23.56 -14.95 -16.34
C GLY A 1279 -22.68 -13.87 -15.75
N THR A 1280 -22.88 -12.62 -16.17
CA THR A 1280 -22.04 -11.53 -15.68
C THR A 1280 -22.37 -11.17 -14.25
N ASP A 1281 -23.60 -11.43 -13.81
CA ASP A 1281 -24.07 -10.93 -12.53
C ASP A 1281 -23.25 -11.54 -11.39
N PRO A 1282 -22.90 -10.76 -10.37
CA PRO A 1282 -22.20 -11.31 -9.21
C PRO A 1282 -23.09 -11.80 -8.09
N THR A 1283 -24.35 -11.37 -8.05
CA THR A 1283 -25.19 -11.63 -6.88
C THR A 1283 -25.36 -13.12 -6.63
N VAL A 1284 -25.15 -13.95 -7.64
CA VAL A 1284 -24.99 -15.38 -7.40
C VAL A 1284 -23.76 -15.87 -8.14
N SER A 1285 -22.59 -15.83 -7.50
CA SER A 1285 -21.38 -16.23 -8.18
C SER A 1285 -20.71 -17.45 -7.55
N GLY A 1286 -20.34 -17.36 -6.28
CA GLY A 1286 -19.65 -18.47 -5.64
C GLY A 1286 -20.51 -19.72 -5.60
N ARG A 1287 -19.87 -20.84 -5.30
CA ARG A 1287 -20.62 -22.09 -5.27
C ARG A 1287 -21.43 -22.21 -3.99
N TRP A 1288 -22.71 -22.52 -4.14
CA TRP A 1288 -23.66 -22.59 -3.04
C TRP A 1288 -23.79 -24.02 -2.56
N SER A 1289 -24.02 -24.20 -1.27
CA SER A 1289 -24.01 -25.53 -0.67
C SER A 1289 -25.03 -25.62 0.45
N ALA A 1290 -25.53 -26.84 0.66
CA ALA A 1290 -26.42 -27.08 1.78
C ALA A 1290 -25.69 -26.86 3.08
N LEU A 1291 -26.45 -26.64 4.15
CA LEU A 1291 -25.87 -26.30 5.43
C LEU A 1291 -26.06 -27.47 6.40
N PRO A 1292 -25.06 -27.77 7.22
CA PRO A 1292 -25.12 -28.99 8.03
C PRO A 1292 -26.26 -28.96 9.02
N ALA A 1293 -26.91 -30.10 9.18
CA ALA A 1293 -28.10 -30.18 10.03
C ALA A 1293 -27.74 -29.85 11.46
N ALA A 1294 -28.22 -28.69 11.94
CA ALA A 1294 -27.90 -28.26 13.29
C ALA A 1294 -28.33 -29.30 14.30
N GLU A 1295 -27.41 -29.63 15.21
CA GLU A 1295 -27.69 -30.66 16.19
C GLU A 1295 -28.87 -30.24 17.07
N PRO A 1296 -29.82 -31.14 17.33
CA PRO A 1296 -30.94 -30.78 18.20
C PRO A 1296 -30.46 -30.48 19.60
N ASP A 1297 -31.20 -29.62 20.28
CA ASP A 1297 -30.87 -29.25 21.66
C ASP A 1297 -30.74 -30.51 22.50
N SER A 1298 -29.66 -30.57 23.27
CA SER A 1298 -29.42 -31.70 24.14
C SER A 1298 -28.57 -31.21 25.30
N THR A 1299 -28.02 -32.16 26.07
CA THR A 1299 -27.20 -31.78 27.20
C THR A 1299 -25.91 -31.12 26.75
N VAL A 1300 -25.43 -31.45 25.56
CA VAL A 1300 -24.13 -30.95 25.13
C VAL A 1300 -24.26 -29.56 24.52
N ARG A 1301 -25.38 -29.31 23.83
CA ARG A 1301 -25.56 -27.98 23.25
C ARG A 1301 -25.71 -26.93 24.34
N ALA A 1302 -26.39 -27.27 25.43
CA ALA A 1302 -26.50 -26.34 26.54
C ALA A 1302 -25.13 -26.02 27.13
N HIS A 1303 -24.34 -27.05 27.40
CA HIS A 1303 -23.01 -26.84 27.96
C HIS A 1303 -22.16 -25.97 27.04
N PHE A 1304 -22.16 -26.27 25.75
CA PHE A 1304 -21.31 -25.50 24.84
C PHE A 1304 -21.79 -24.07 24.73
N GLN A 1305 -23.11 -23.85 24.67
CA GLN A 1305 -23.60 -22.48 24.58
C GLN A 1305 -23.25 -21.71 25.83
N ALA A 1306 -23.32 -22.35 27.00
CA ALA A 1306 -22.94 -21.67 28.22
C ALA A 1306 -21.48 -21.26 28.19
N GLU A 1307 -20.59 -22.17 27.80
CA GLU A 1307 -19.17 -21.82 27.70
C GLU A 1307 -18.97 -20.69 26.72
N LEU A 1308 -19.65 -20.75 25.58
CA LEU A 1308 -19.48 -19.72 24.57
C LEU A 1308 -19.91 -18.37 25.08
N LEU A 1309 -21.04 -18.30 25.76
CA LEU A 1309 -21.50 -17.03 26.32
C LEU A 1309 -20.52 -16.51 27.36
N LEU A 1310 -20.06 -17.38 28.26
CA LEU A 1310 -19.10 -16.95 29.27
C LEU A 1310 -17.83 -16.44 28.62
N GLY A 1311 -17.53 -16.89 27.41
CA GLY A 1311 -16.36 -16.40 26.71
C GLY A 1311 -16.62 -15.09 25.99
N ARG A 1312 -17.83 -14.91 25.45
CA ARG A 1312 -18.11 -13.70 24.68
C ARG A 1312 -18.29 -12.50 25.59
N HIS A 1313 -19.19 -12.58 26.55
CA HIS A 1313 -19.36 -11.55 27.57
C HIS A 1313 -18.32 -11.81 28.64
N GLY A 1314 -17.87 -10.75 29.30
CA GLY A 1314 -17.03 -10.96 30.47
C GLY A 1314 -17.78 -11.67 31.57
N VAL A 1315 -18.94 -11.15 31.94
CA VAL A 1315 -19.81 -11.76 32.93
C VAL A 1315 -21.18 -11.99 32.29
N LEU A 1316 -21.88 -13.00 32.78
CA LEU A 1316 -23.14 -13.40 32.21
C LEU A 1316 -24.26 -13.07 33.18
N THR A 1317 -25.16 -12.19 32.77
CA THR A 1317 -26.21 -11.69 33.65
C THR A 1317 -27.57 -12.08 33.08
N LYS A 1318 -28.63 -11.68 33.80
CA LYS A 1318 -29.97 -11.91 33.29
C LYS A 1318 -30.25 -11.05 32.08
N GLY A 1319 -29.53 -9.94 31.94
CA GLY A 1319 -29.80 -9.03 30.84
C GLY A 1319 -29.27 -9.54 29.51
N ALA A 1320 -27.98 -9.85 29.45
CA ALA A 1320 -27.36 -10.24 28.18
C ALA A 1320 -27.96 -11.52 27.66
N VAL A 1321 -28.34 -12.44 28.54
CA VAL A 1321 -29.05 -13.64 28.11
C VAL A 1321 -30.37 -13.25 27.46
N GLY A 1322 -30.98 -12.15 27.91
CA GLY A 1322 -32.20 -11.69 27.28
C GLY A 1322 -31.99 -11.23 25.85
N ALA A 1323 -30.89 -10.53 25.59
CA ALA A 1323 -30.61 -10.08 24.23
C ALA A 1323 -30.19 -11.23 23.34
N GLU A 1324 -29.34 -12.12 23.86
CA GLU A 1324 -28.84 -13.23 23.05
C GLU A 1324 -29.97 -14.16 22.63
N GLY A 1325 -31.06 -14.18 23.39
CA GLY A 1325 -32.21 -14.99 23.01
C GLY A 1325 -31.93 -16.47 22.99
N VAL A 1326 -31.40 -17.01 24.10
CA VAL A 1326 -31.22 -18.45 24.16
C VAL A 1326 -32.57 -19.12 24.36
N PRO A 1327 -32.82 -20.30 23.80
CA PRO A 1327 -34.10 -20.96 24.03
C PRO A 1327 -34.19 -21.47 25.46
N GLY A 1328 -35.29 -21.10 26.14
CA GLY A 1328 -35.51 -21.48 27.51
C GLY A 1328 -35.25 -20.39 28.52
N GLY A 1329 -34.81 -19.21 28.08
CA GLY A 1329 -34.60 -18.11 28.99
C GLY A 1329 -33.50 -18.36 30.00
N PHE A 1330 -33.23 -17.32 30.80
CA PHE A 1330 -32.23 -17.43 31.85
C PHE A 1330 -32.58 -18.51 32.85
N ALA A 1331 -33.87 -18.81 33.01
CA ALA A 1331 -34.29 -19.82 33.97
C ALA A 1331 -33.64 -21.16 33.69
N THR A 1332 -33.57 -21.55 32.41
CA THR A 1332 -32.96 -22.84 32.08
C THR A 1332 -31.45 -22.76 32.08
N LEU A 1333 -30.90 -21.64 31.60
CA LEU A 1333 -29.45 -21.52 31.53
C LEU A 1333 -28.83 -21.43 32.91
N TYR A 1334 -29.52 -20.77 33.85
CA TYR A 1334 -29.00 -20.66 35.20
C TYR A 1334 -28.79 -22.03 35.82
N LYS A 1335 -29.60 -23.01 35.41
CA LYS A 1335 -29.48 -24.36 35.95
C LYS A 1335 -28.11 -24.93 35.66
N VAL A 1336 -27.64 -24.77 34.42
CA VAL A 1336 -26.34 -25.33 34.05
C VAL A 1336 -25.22 -24.42 34.52
N LEU A 1337 -25.48 -23.12 34.60
CA LEU A 1337 -24.47 -22.22 35.13
C LEU A 1337 -24.12 -22.59 36.56
N SER A 1338 -25.14 -22.71 37.42
CA SER A 1338 -24.86 -23.12 38.80
C SER A 1338 -24.24 -24.51 38.84
N ALA A 1339 -24.64 -25.40 37.94
CA ALA A 1339 -23.99 -26.70 37.87
C ALA A 1339 -22.50 -26.55 37.63
N PHE A 1340 -22.11 -25.62 36.74
CA PHE A 1340 -20.71 -25.33 36.57
C PHE A 1340 -20.07 -24.93 37.89
N GLU A 1341 -20.48 -23.78 38.44
CA GLU A 1341 -19.83 -23.23 39.63
C GLU A 1341 -19.74 -24.27 40.73
N ASP A 1342 -20.76 -25.11 40.88
CA ASP A 1342 -20.66 -26.22 41.82
C ASP A 1342 -19.53 -27.15 41.43
N ALA A 1343 -19.42 -27.48 40.14
CA ALA A 1343 -18.34 -28.36 39.71
C ALA A 1343 -17.02 -27.62 39.62
N GLY A 1344 -17.06 -26.30 39.70
CA GLY A 1344 -15.90 -25.47 39.44
C GLY A 1344 -16.05 -24.74 38.13
N ARG A 1345 -14.91 -24.48 37.49
CA ARG A 1345 -14.87 -23.98 36.12
C ARG A 1345 -15.48 -22.59 35.97
N CYS A 1346 -16.03 -22.03 37.06
CA CYS A 1346 -16.70 -20.75 37.05
C CYS A 1346 -17.05 -20.36 38.47
N GLN A 1347 -17.09 -19.05 38.74
CA GLN A 1347 -17.44 -18.58 40.07
C GLN A 1347 -18.50 -17.51 39.94
N ARG A 1348 -19.43 -17.47 40.90
CA ARG A 1348 -20.59 -16.60 40.83
C ARG A 1348 -20.51 -15.56 41.94
N GLY A 1349 -20.43 -14.29 41.55
CA GLY A 1349 -20.24 -13.23 42.51
C GLY A 1349 -21.04 -12.00 42.14
N TYR A 1350 -20.96 -11.00 43.02
CA TYR A 1350 -21.68 -9.74 42.87
C TYR A 1350 -20.75 -8.71 42.22
N PHE A 1351 -20.38 -9.01 40.98
CA PHE A 1351 -19.25 -8.32 40.35
C PHE A 1351 -19.59 -6.88 39.98
N VAL A 1352 -20.73 -6.66 39.36
CA VAL A 1352 -21.19 -5.31 39.07
C VAL A 1352 -22.42 -5.05 39.92
N GLU A 1353 -22.49 -3.85 40.51
CA GLU A 1353 -23.42 -3.62 41.63
C GLU A 1353 -24.87 -3.70 41.19
N SER A 1354 -25.18 -3.26 39.98
CA SER A 1354 -26.53 -3.44 39.47
C SER A 1354 -26.69 -4.85 38.93
N LEU A 1355 -27.76 -5.05 38.16
CA LEU A 1355 -27.94 -6.27 37.37
C LEU A 1355 -28.24 -7.48 38.27
N GLY A 1356 -28.69 -7.22 39.49
CA GLY A 1356 -28.98 -8.29 40.41
C GLY A 1356 -27.74 -8.86 41.06
N GLY A 1357 -27.94 -9.93 41.83
CA GLY A 1357 -26.87 -10.55 42.57
C GLY A 1357 -26.41 -11.88 42.06
N ALA A 1358 -26.67 -12.21 40.80
CA ALA A 1358 -26.24 -13.47 40.20
C ALA A 1358 -25.53 -13.16 38.89
N GLN A 1359 -24.24 -12.88 38.97
CA GLN A 1359 -23.39 -12.67 37.81
C GLN A 1359 -22.34 -13.77 37.79
N PHE A 1360 -22.23 -14.47 36.67
CA PHE A 1360 -21.28 -15.57 36.56
C PHE A 1360 -20.10 -15.11 35.74
N ALA A 1361 -18.92 -15.59 36.09
CA ALA A 1361 -17.70 -15.22 35.40
C ALA A 1361 -16.62 -16.23 35.71
N VAL A 1362 -15.81 -16.54 34.71
CA VAL A 1362 -14.67 -17.42 34.94
C VAL A 1362 -13.59 -16.63 35.67
N ALA A 1363 -12.92 -17.30 36.60
CA ALA A 1363 -12.13 -16.60 37.61
C ALA A 1363 -11.00 -15.80 37.01
N SER A 1364 -10.64 -16.07 35.75
CA SER A 1364 -9.58 -15.30 35.11
C SER A 1364 -10.07 -13.92 34.70
N THR A 1365 -11.28 -13.84 34.14
CA THR A 1365 -11.81 -12.56 33.69
C THR A 1365 -11.88 -11.56 34.83
N VAL A 1366 -12.42 -11.99 35.97
CA VAL A 1366 -12.70 -11.06 37.06
C VAL A 1366 -11.43 -10.31 37.46
N ASP A 1367 -10.26 -10.92 37.27
CA ASP A 1367 -9.03 -10.20 37.55
C ASP A 1367 -8.92 -8.95 36.71
N ARG A 1368 -9.04 -9.09 35.39
CA ARG A 1368 -9.06 -7.92 34.53
C ARG A 1368 -10.16 -6.96 34.94
N LEU A 1369 -11.39 -7.44 35.03
CA LEU A 1369 -12.50 -6.59 35.44
C LEU A 1369 -12.23 -5.92 36.77
N ARG A 1370 -11.44 -6.54 37.63
CA ARG A 1370 -11.12 -5.89 38.90
C ARG A 1370 -10.27 -4.66 38.68
N SER A 1371 -9.61 -4.56 37.54
CA SER A 1371 -9.08 -3.28 37.12
C SER A 1371 -10.20 -2.44 36.55
N TYR A 1372 -9.84 -1.33 35.92
CA TYR A 1372 -10.79 -0.42 35.28
C TYR A 1372 -11.70 0.30 36.27
N LEU A 1373 -11.61 0.00 37.57
CA LEU A 1373 -12.45 0.69 38.53
C LEU A 1373 -11.92 2.11 38.75
N ASP A 1374 -12.84 3.06 38.87
CA ASP A 1374 -12.43 4.41 39.22
C ASP A 1374 -11.84 4.41 40.63
N ASN A 1375 -10.57 4.76 40.72
CA ASN A 1375 -9.95 4.81 42.04
C ASN A 1375 -10.56 5.93 42.87
N VAL A 1376 -10.42 5.82 44.19
CA VAL A 1376 -11.10 6.72 45.09
C VAL A 1376 -10.25 7.98 45.24
N ASP A 1377 -10.38 8.89 44.28
CA ASP A 1377 -9.53 10.06 44.19
C ASP A 1377 -10.24 11.09 43.33
N PRO A 1378 -9.93 12.35 43.52
CA PRO A 1378 -10.37 13.36 42.54
C PRO A 1378 -9.37 13.45 41.40
N GLU A 1379 -9.82 13.24 40.17
CA GLU A 1379 -8.93 13.32 39.03
C GLU A 1379 -9.70 13.69 37.78
N ARG A 1380 -9.01 14.34 36.85
CA ARG A 1380 -9.61 14.70 35.59
C ARG A 1380 -9.82 13.45 34.74
N PRO A 1381 -11.04 13.25 34.24
CA PRO A 1381 -11.30 12.05 33.45
C PRO A 1381 -10.45 12.00 32.18
N GLU A 1382 -10.24 10.78 31.70
CA GLU A 1382 -9.39 10.56 30.54
C GLU A 1382 -10.02 11.12 29.27
N TYR A 1383 -11.35 11.03 29.17
CA TYR A 1383 -12.10 11.46 27.98
C TYR A 1383 -11.72 10.61 26.76
N HIS A 1384 -11.80 9.30 26.91
CA HIS A 1384 -11.58 8.40 25.79
C HIS A 1384 -12.87 8.27 24.97
N ALA A 1385 -12.72 7.88 23.71
CA ALA A 1385 -13.85 7.82 22.79
C ALA A 1385 -13.76 6.55 21.96
N VAL A 1386 -14.90 5.88 21.78
CA VAL A 1386 -15.01 4.72 20.93
C VAL A 1386 -16.40 4.68 20.34
N VAL A 1387 -16.50 4.36 19.05
CA VAL A 1387 -17.76 4.37 18.32
C VAL A 1387 -18.08 2.96 17.86
N LEU A 1388 -19.28 2.49 18.18
CA LEU A 1388 -19.69 1.14 17.87
C LEU A 1388 -21.04 1.17 17.16
N ALA A 1389 -21.32 0.12 16.40
CA ALA A 1389 -22.67 -0.09 15.92
C ALA A 1389 -23.56 -0.48 17.09
N ALA A 1390 -24.82 -0.04 17.06
CA ALA A 1390 -25.70 -0.33 18.18
C ALA A 1390 -25.89 -1.83 18.36
N THR A 1391 -25.89 -2.58 17.27
CA THR A 1391 -26.24 -3.99 17.29
C THR A 1391 -24.98 -4.85 17.25
N ASP A 1392 -23.92 -4.30 17.82
CA ASP A 1392 -22.62 -4.95 17.90
C ASP A 1392 -22.52 -5.60 19.27
N PRO A 1393 -22.01 -6.81 19.34
CA PRO A 1393 -21.94 -7.50 20.62
C PRO A 1393 -21.21 -6.71 21.70
N ALA A 1394 -20.23 -5.89 21.28
CA ALA A 1394 -19.43 -5.11 22.21
C ALA A 1394 -20.22 -3.97 22.82
N ASN A 1395 -21.43 -3.73 22.32
CA ASN A 1395 -22.27 -2.67 22.85
C ASN A 1395 -23.06 -3.20 24.04
N PRO A 1396 -22.79 -2.74 25.25
CA PRO A 1396 -23.57 -3.25 26.39
C PRO A 1396 -24.97 -2.69 26.43
N TYR A 1397 -25.13 -1.41 26.14
CA TYR A 1397 -26.43 -0.76 26.27
C TYR A 1397 -27.48 -1.46 25.43
N GLY A 1398 -28.44 -2.07 26.11
CA GLY A 1398 -29.38 -2.97 25.50
C GLY A 1398 -29.22 -4.41 25.92
N ALA A 1399 -28.04 -4.79 26.40
CA ALA A 1399 -27.80 -6.12 26.92
C ALA A 1399 -27.14 -5.97 28.28
N ALA A 1400 -27.85 -6.37 29.32
CA ALA A 1400 -27.38 -6.28 30.70
C ALA A 1400 -27.27 -4.85 31.17
N LEU A 1401 -27.49 -3.88 30.28
CA LEU A 1401 -27.52 -2.47 30.62
C LEU A 1401 -28.61 -1.80 29.81
N GLY A 1402 -29.67 -1.38 30.48
CA GLY A 1402 -30.74 -0.70 29.79
C GLY A 1402 -30.32 0.64 29.27
N TRP A 1403 -31.11 1.16 28.34
CA TRP A 1403 -30.87 2.49 27.84
C TRP A 1403 -31.05 3.50 28.96
N PRO A 1404 -30.39 4.65 28.89
CA PRO A 1404 -30.48 5.61 30.00
C PRO A 1404 -31.90 6.04 30.25
N THR A 1405 -32.26 6.12 31.54
CA THR A 1405 -33.59 6.57 31.92
C THR A 1405 -33.81 8.02 31.50
N ASP A 1406 -32.76 8.83 31.55
CA ASP A 1406 -32.82 10.17 30.97
C ASP A 1406 -33.02 10.06 29.46
N SER A 1407 -33.91 10.91 28.94
CA SER A 1407 -34.22 10.96 27.51
C SER A 1407 -34.68 9.59 27.00
N GLU A 1408 -35.83 9.14 27.51
CA GLU A 1408 -36.37 7.83 27.14
C GLU A 1408 -37.72 7.91 26.42
N ALA A 1409 -38.40 9.05 26.49
CA ALA A 1409 -39.75 9.14 25.90
C ALA A 1409 -39.72 8.82 24.42
N HIS A 1410 -38.57 8.97 23.78
CA HIS A 1410 -38.32 8.51 22.43
C HIS A 1410 -37.30 7.38 22.48
N ARG A 1411 -37.66 6.23 21.91
CA ARG A 1411 -36.86 5.03 22.07
C ARG A 1411 -35.65 5.09 21.14
N PRO A 1412 -34.42 5.06 21.66
CA PRO A 1412 -33.26 4.98 20.77
C PRO A 1412 -33.11 3.62 20.12
N GLY A 1413 -33.37 2.54 20.86
CA GLY A 1413 -33.41 1.22 20.27
C GLY A 1413 -32.05 0.70 19.82
N ARG A 1414 -32.06 -0.58 19.42
CA ARG A 1414 -30.86 -1.33 19.09
C ARG A 1414 -31.08 -2.01 17.74
N LYS A 1415 -30.82 -1.27 16.67
CA LYS A 1415 -31.15 -1.71 15.31
C LYS A 1415 -30.05 -1.29 14.35
N ALA A 1416 -30.22 -1.69 13.09
CA ALA A 1416 -29.17 -1.55 12.10
C ALA A 1416 -28.73 -0.10 11.92
N GLY A 1417 -27.47 0.07 11.58
CA GLY A 1417 -26.95 1.35 11.17
C GLY A 1417 -26.98 2.45 12.21
N ALA A 1418 -27.30 2.14 13.46
CA ALA A 1418 -27.39 3.14 14.51
C ALA A 1418 -26.07 3.20 15.26
N LEU A 1419 -25.29 4.23 15.00
CA LEU A 1419 -24.01 4.37 15.68
C LEU A 1419 -24.25 4.74 17.14
N VAL A 1420 -23.36 4.27 18.01
CA VAL A 1420 -23.43 4.60 19.43
C VAL A 1420 -22.09 5.11 19.88
N ALA A 1421 -21.89 6.42 19.84
CA ALA A 1421 -20.65 6.99 20.32
C ALA A 1421 -20.71 7.11 21.83
N LEU A 1422 -19.77 6.46 22.52
CA LEU A 1422 -19.82 6.45 23.98
C LEU A 1422 -18.42 6.77 24.49
N VAL A 1423 -18.31 7.91 25.19
CA VAL A 1423 -17.11 8.20 25.96
C VAL A 1423 -16.99 7.14 27.04
N ASP A 1424 -15.82 7.07 27.67
CA ASP A 1424 -15.25 5.87 28.29
C ASP A 1424 -16.36 4.97 28.84
N GLY A 1425 -17.27 5.46 29.66
CA GLY A 1425 -18.34 4.63 30.14
C GLY A 1425 -19.73 5.17 29.91
N ARG A 1426 -19.89 6.48 29.77
CA ARG A 1426 -21.20 7.09 29.74
C ARG A 1426 -21.66 7.24 28.29
N LEU A 1427 -22.82 6.68 28.00
CA LEU A 1427 -23.42 6.85 26.69
C LEU A 1427 -23.70 8.32 26.43
N VAL A 1428 -22.99 8.89 25.45
CA VAL A 1428 -23.11 10.31 25.17
C VAL A 1428 -24.01 10.61 23.98
N TRP A 1429 -23.78 10.01 22.81
CA TRP A 1429 -24.57 10.32 21.65
C TRP A 1429 -25.30 9.08 21.16
N PHE A 1430 -25.92 9.22 20.01
CA PHE A 1430 -26.64 8.13 19.37
C PHE A 1430 -26.99 8.62 17.97
N LEU A 1431 -26.90 7.74 16.99
CA LEU A 1431 -27.25 8.06 15.63
C LEU A 1431 -28.33 7.09 15.19
N GLU A 1432 -29.00 7.39 14.08
CA GLU A 1432 -30.07 6.52 13.62
C GLU A 1432 -30.16 6.57 12.10
N ARG A 1433 -30.33 5.39 11.49
CA ARG A 1433 -30.41 5.21 10.05
C ARG A 1433 -29.44 6.11 9.29
N GLY A 1434 -28.20 6.11 9.76
CA GLY A 1434 -27.19 6.99 9.20
C GLY A 1434 -26.99 8.23 10.03
N GLY A 1435 -26.39 9.22 9.39
CA GLY A 1435 -26.07 10.48 10.06
C GLY A 1435 -27.18 11.49 9.99
N ARG A 1436 -28.39 11.09 10.38
CA ARG A 1436 -29.56 11.94 10.26
C ARG A 1436 -30.10 12.41 11.60
N SER A 1437 -30.44 11.48 12.48
CA SER A 1437 -31.08 11.79 13.76
C SER A 1437 -30.12 11.51 14.89
N LEU A 1438 -29.89 12.52 15.74
CA LEU A 1438 -28.97 12.42 16.85
C LEU A 1438 -29.75 12.47 18.15
N LEU A 1439 -29.18 11.91 19.20
CA LEU A 1439 -29.80 11.90 20.53
C LEU A 1439 -28.70 12.21 21.54
N SER A 1440 -28.76 13.36 22.17
CA SER A 1440 -27.79 13.71 23.21
C SER A 1440 -28.39 13.34 24.55
N PHE A 1441 -28.03 12.16 25.07
CA PHE A 1441 -28.61 11.72 26.33
C PHE A 1441 -28.12 12.57 27.49
N GLY A 1442 -26.82 12.65 27.68
CA GLY A 1442 -26.25 13.51 28.70
C GLY A 1442 -25.46 14.63 28.05
N ALA A 1443 -25.12 15.62 28.86
CA ALA A 1443 -24.36 16.77 28.40
C ALA A 1443 -23.11 16.89 29.27
N ASP A 1444 -21.99 17.26 28.64
CA ASP A 1444 -20.79 17.58 29.39
C ASP A 1444 -19.92 18.52 28.59
N ALA A 1445 -18.90 19.04 29.25
CA ALA A 1445 -18.00 20.03 28.67
C ALA A 1445 -16.92 19.32 27.88
N ASP A 1446 -17.05 19.34 26.56
CA ASP A 1446 -16.13 18.76 25.59
C ASP A 1446 -15.95 17.26 25.79
N ALA A 1447 -16.73 16.60 26.64
CA ALA A 1447 -16.90 15.17 26.48
C ALA A 1447 -17.59 14.88 25.16
N GLN A 1448 -18.52 15.75 24.76
CA GLN A 1448 -19.04 15.72 23.40
C GLN A 1448 -17.93 15.90 22.38
N ARG A 1449 -16.86 16.62 22.74
CA ARG A 1449 -15.79 16.87 21.79
C ARG A 1449 -15.07 15.58 21.42
N ALA A 1450 -14.81 14.72 22.40
CA ALA A 1450 -14.15 13.44 22.10
C ALA A 1450 -15.02 12.58 21.20
N ALA A 1451 -16.32 12.53 21.46
CA ALA A 1451 -17.22 11.75 20.62
C ALA A 1451 -17.26 12.31 19.20
N ALA A 1452 -17.28 13.64 19.08
CA ALA A 1452 -17.23 14.26 17.76
C ALA A 1452 -15.94 13.92 17.05
N GLY A 1453 -14.82 13.93 17.77
CA GLY A 1453 -13.56 13.53 17.18
C GLY A 1453 -13.60 12.09 16.69
N ALA A 1454 -14.26 11.22 17.46
CA ALA A 1454 -14.34 9.81 17.06
C ALA A 1454 -15.15 9.66 15.78
N LEU A 1455 -16.33 10.27 15.73
CA LEU A 1455 -17.17 10.18 14.54
C LEU A 1455 -16.46 10.77 13.33
N THR A 1456 -15.78 11.90 13.51
CA THR A 1456 -15.08 12.50 12.40
C THR A 1456 -13.90 11.65 11.94
N ASP A 1457 -13.18 11.04 12.87
CA ASP A 1457 -12.10 10.14 12.50
C ASP A 1457 -12.64 8.97 11.69
N LEU A 1458 -13.79 8.44 12.09
CA LEU A 1458 -14.43 7.40 11.29
C LEU A 1458 -14.70 7.89 9.88
N VAL A 1459 -15.52 8.93 9.73
CA VAL A 1459 -15.95 9.34 8.40
C VAL A 1459 -14.75 9.71 7.54
N SER A 1460 -13.67 10.18 8.17
CA SER A 1460 -12.46 10.47 7.41
C SER A 1460 -11.77 9.19 6.96
N ALA A 1461 -11.76 8.16 7.81
CA ALA A 1461 -11.03 6.94 7.48
C ALA A 1461 -11.74 6.17 6.38
N GLY A 1462 -13.01 6.47 6.14
CA GLY A 1462 -13.78 5.74 5.16
C GLY A 1462 -14.51 4.53 5.70
N ARG A 1463 -14.64 4.41 7.03
CA ARG A 1463 -15.27 3.24 7.60
C ARG A 1463 -16.78 3.29 7.46
N ILE A 1464 -17.40 4.40 7.79
CA ILE A 1464 -18.85 4.55 7.67
C ILE A 1464 -19.12 5.44 6.47
N PRO A 1465 -20.17 5.17 5.69
CA PRO A 1465 -20.28 5.84 4.38
C PRO A 1465 -20.62 7.31 4.47
N SER A 1466 -21.62 7.68 5.26
CA SER A 1466 -22.20 9.00 5.19
C SER A 1466 -21.21 10.07 5.64
N LEU A 1467 -21.56 11.32 5.33
CA LEU A 1467 -20.81 12.48 5.81
C LEU A 1467 -21.50 13.15 6.99
N LEU A 1468 -22.45 12.47 7.62
CA LEU A 1468 -22.99 12.90 8.91
C LEU A 1468 -23.60 14.29 8.85
N VAL A 1469 -24.71 14.42 8.10
CA VAL A 1469 -25.41 15.70 8.08
C VAL A 1469 -25.95 16.04 9.45
N GLU A 1470 -26.54 15.07 10.16
CA GLU A 1470 -27.07 15.28 11.51
C GLU A 1470 -28.09 16.41 11.54
N ARG A 1471 -29.24 16.19 10.91
CA ARG A 1471 -30.17 17.29 10.70
C ARG A 1471 -31.23 17.34 11.80
N ILE A 1472 -31.58 16.21 12.37
CA ILE A 1472 -32.66 16.14 13.36
C ILE A 1472 -32.08 15.77 14.71
N ASN A 1473 -32.50 16.49 15.74
CA ASN A 1473 -32.33 16.04 17.12
C ASN A 1473 -33.66 15.44 17.61
N GLY A 1474 -33.60 14.74 18.74
CA GLY A 1474 -34.78 14.06 19.24
C GLY A 1474 -35.98 14.98 19.39
N VAL A 1475 -35.72 16.26 19.67
CA VAL A 1475 -36.77 17.27 19.66
C VAL A 1475 -36.80 18.05 18.34
N ALA A 1476 -35.86 17.76 17.43
CA ALA A 1476 -35.81 18.39 16.12
C ALA A 1476 -35.65 19.90 16.22
N VAL A 1477 -34.85 20.37 17.16
CA VAL A 1477 -34.62 21.81 17.37
C VAL A 1477 -33.19 22.15 16.95
N LEU A 1478 -33.03 22.51 15.68
CA LEU A 1478 -31.72 22.99 15.22
C LEU A 1478 -31.78 24.44 14.77
N ASP A 1479 -32.62 24.75 13.79
CA ASP A 1479 -32.78 26.10 13.27
C ASP A 1479 -33.79 26.93 14.07
N PRO A 1480 -35.00 26.41 14.38
CA PRO A 1480 -35.94 27.24 15.14
C PRO A 1480 -35.85 27.02 16.64
N ASP A 1481 -35.82 28.11 17.41
CA ASP A 1481 -35.89 28.04 18.87
C ASP A 1481 -34.77 27.15 19.42
N VAL A 1482 -33.53 27.61 19.24
CA VAL A 1482 -32.38 26.83 19.70
C VAL A 1482 -32.42 26.65 21.20
N ASP A 1483 -32.27 25.41 21.65
CA ASP A 1483 -32.20 25.09 23.07
C ASP A 1483 -30.79 25.30 23.60
N ALA A 1484 -30.70 25.82 24.83
CA ALA A 1484 -29.39 26.05 25.44
C ALA A 1484 -28.63 24.76 25.66
N GLU A 1485 -29.33 23.71 26.11
CA GLU A 1485 -28.68 22.41 26.27
C GLU A 1485 -28.36 21.79 24.92
N ARG A 1486 -29.10 22.18 23.89
CA ARG A 1486 -28.84 21.65 22.56
C ARG A 1486 -27.67 22.38 21.91
N ALA A 1487 -27.46 23.65 22.28
CA ALA A 1487 -26.43 24.46 21.63
C ALA A 1487 -25.06 23.82 21.79
N VAL A 1488 -24.79 23.23 22.95
CA VAL A 1488 -23.47 22.64 23.19
C VAL A 1488 -23.21 21.52 22.18
N VAL A 1489 -24.27 20.82 21.76
CA VAL A 1489 -24.11 19.73 20.80
C VAL A 1489 -23.61 20.26 19.46
N GLN A 1490 -24.35 21.16 18.85
CA GLN A 1490 -23.95 21.68 17.55
C GLN A 1490 -22.64 22.45 17.65
N ASP A 1491 -22.36 23.04 18.82
CA ASP A 1491 -21.10 23.76 18.97
C ASP A 1491 -19.92 22.80 19.00
N ALA A 1492 -19.94 21.82 19.90
CA ALA A 1492 -18.88 20.82 19.92
C ALA A 1492 -18.76 20.11 18.58
N LEU A 1493 -19.86 20.06 17.82
CA LEU A 1493 -19.80 19.42 16.51
C LEU A 1493 -19.10 20.31 15.49
N LEU A 1494 -19.44 21.61 15.46
CA LEU A 1494 -18.86 22.51 14.48
C LEU A 1494 -17.35 22.59 14.62
N GLY A 1495 -16.84 22.50 15.85
CA GLY A 1495 -15.41 22.44 16.04
C GLY A 1495 -14.82 21.19 15.42
N ALA A 1496 -15.62 20.15 15.26
CA ALA A 1496 -15.14 18.92 14.64
C ALA A 1496 -15.47 18.88 13.16
N GLY A 1497 -16.75 18.95 12.81
CA GLY A 1497 -17.16 18.77 11.43
C GLY A 1497 -18.30 19.69 11.07
N LEU A 1498 -18.34 20.03 9.78
CA LEU A 1498 -19.29 21.02 9.29
C LEU A 1498 -20.73 20.56 9.43
N SER A 1499 -20.94 19.25 9.56
CA SER A 1499 -22.28 18.65 9.67
C SER A 1499 -23.10 18.88 8.41
N ARG A 1500 -22.42 19.01 7.27
CA ARG A 1500 -23.11 19.29 6.03
C ARG A 1500 -22.76 18.25 4.98
N ASP B 895 20.65 -17.30 58.04
CA ASP B 895 19.63 -16.90 57.08
C ASP B 895 18.38 -17.81 57.09
N PRO B 896 17.84 -18.12 58.28
CA PRO B 896 16.76 -19.11 58.33
C PRO B 896 15.38 -18.53 58.04
N ALA B 897 15.17 -17.26 58.33
CA ALA B 897 13.82 -16.70 58.27
C ALA B 897 13.29 -16.68 56.84
N VAL B 898 14.10 -16.20 55.90
CA VAL B 898 13.62 -16.02 54.53
C VAL B 898 13.41 -17.36 53.86
N VAL B 899 13.92 -18.44 54.45
CA VAL B 899 13.71 -19.76 53.87
C VAL B 899 12.24 -20.16 53.98
N ALA B 900 11.64 -19.94 55.15
CA ALA B 900 10.23 -20.24 55.32
C ALA B 900 9.38 -19.51 54.31
N SER B 901 9.61 -18.20 54.16
CA SER B 901 8.80 -17.41 53.24
C SER B 901 8.91 -17.92 51.82
N THR B 902 10.14 -18.11 51.33
CA THR B 902 10.30 -18.59 49.96
C THR B 902 9.72 -19.98 49.79
N SER B 903 10.00 -20.88 50.73
CA SER B 903 9.41 -22.21 50.65
C SER B 903 7.89 -22.12 50.59
N ALA B 904 7.31 -21.18 51.35
CA ALA B 904 5.87 -20.97 51.27
C ALA B 904 5.46 -20.53 49.88
N GLN B 905 6.20 -19.61 49.28
CA GLN B 905 5.87 -19.14 47.93
C GLN B 905 6.12 -20.23 46.91
N LEU B 906 7.23 -20.97 47.05
CA LEU B 906 7.51 -22.08 46.15
C LEU B 906 6.36 -23.09 46.16
N GLN B 907 5.87 -23.41 47.35
CA GLN B 907 4.85 -24.42 47.55
C GLN B 907 3.46 -23.94 47.19
N HIS B 908 3.32 -22.75 46.62
CA HIS B 908 2.01 -22.17 46.31
C HIS B 908 1.12 -22.14 47.54
N LEU B 909 1.68 -21.71 48.67
CA LEU B 909 1.05 -21.88 49.97
C LEU B 909 1.01 -20.54 50.69
N THR B 910 0.56 -19.51 49.99
CA THR B 910 0.41 -18.19 50.59
C THR B 910 -1.01 -17.73 50.34
N PRO B 911 -1.43 -16.60 50.93
CA PRO B 911 -2.68 -15.99 50.47
C PRO B 911 -2.70 -15.75 48.98
N GLU B 912 -1.71 -15.02 48.47
CA GLU B 912 -1.49 -14.97 47.04
C GLU B 912 -1.02 -16.32 46.55
N ARG B 913 -0.99 -16.49 45.22
CA ARG B 913 -0.50 -17.71 44.60
C ARG B 913 -1.28 -18.92 45.10
N ALA B 914 -2.59 -18.77 45.20
CA ALA B 914 -3.46 -19.83 45.65
C ALA B 914 -4.46 -20.15 44.55
N ALA B 915 -4.55 -21.42 44.19
CA ALA B 915 -5.46 -21.83 43.14
C ALA B 915 -6.88 -21.41 43.48
N ARG B 916 -7.52 -20.70 42.55
CA ARG B 916 -8.84 -20.13 42.80
C ARG B 916 -9.89 -20.66 41.84
N ASP B 917 -9.58 -21.68 41.05
CA ASP B 917 -10.53 -22.21 40.09
C ASP B 917 -10.36 -23.72 40.00
N ALA B 918 -11.30 -24.36 39.31
CA ALA B 918 -11.23 -25.80 39.16
C ALA B 918 -10.04 -26.20 38.30
N GLU B 919 -9.92 -25.60 37.12
CA GLU B 919 -8.79 -25.92 36.26
C GLU B 919 -7.49 -25.41 36.86
N GLY B 920 -7.57 -24.36 37.69
CA GLY B 920 -6.36 -23.78 38.23
C GLY B 920 -5.57 -24.75 39.09
N VAL B 921 -6.25 -25.72 39.69
CA VAL B 921 -5.55 -26.66 40.56
C VAL B 921 -4.76 -27.66 39.73
N ALA B 922 -5.31 -28.06 38.58
CA ALA B 922 -4.63 -29.05 37.73
C ALA B 922 -3.23 -28.59 37.37
N ASP B 923 -3.08 -27.31 37.05
CA ASP B 923 -1.76 -26.75 36.83
C ASP B 923 -0.92 -26.90 38.09
N LEU B 924 -1.45 -26.47 39.23
CA LEU B 924 -0.75 -26.62 40.50
C LEU B 924 -0.41 -28.07 40.77
N LEU B 925 -1.23 -28.99 40.29
CA LEU B 925 -1.00 -30.40 40.57
C LEU B 925 0.10 -30.96 39.70
N ARG B 926 0.14 -30.56 38.42
CA ARG B 926 1.19 -31.06 37.55
C ARG B 926 2.51 -30.35 37.82
N LEU B 927 2.46 -29.22 38.51
CA LEU B 927 3.71 -28.52 38.82
C LEU B 927 4.32 -29.02 40.11
N LEU B 928 3.51 -29.22 41.14
CA LEU B 928 4.01 -29.68 42.42
C LEU B 928 4.10 -31.20 42.53
N GLY B 929 3.66 -31.92 41.51
CA GLY B 929 3.60 -33.35 41.60
C GLY B 929 2.39 -33.80 42.38
N PRO B 930 2.24 -35.11 42.58
CA PRO B 930 1.05 -35.62 43.27
C PRO B 930 0.95 -35.08 44.68
N LEU B 931 -0.29 -34.88 45.13
CA LEU B 931 -0.57 -34.36 46.45
C LEU B 931 -1.81 -35.05 47.00
N THR B 932 -1.86 -35.16 48.32
CA THR B 932 -3.07 -35.67 48.96
C THR B 932 -4.14 -34.59 48.98
N GLU B 933 -5.39 -35.03 48.80
CA GLU B 933 -6.52 -34.10 48.68
C GLU B 933 -6.56 -33.12 49.85
N ALA B 934 -6.37 -33.62 51.07
CA ALA B 934 -6.37 -32.74 52.23
C ALA B 934 -5.28 -31.68 52.12
N ASP B 935 -4.19 -31.98 51.39
CA ASP B 935 -3.16 -30.98 51.20
C ASP B 935 -3.55 -30.00 50.09
N ILE B 936 -4.29 -30.47 49.10
CA ILE B 936 -4.80 -29.56 48.08
C ILE B 936 -5.75 -28.55 48.71
N ALA B 937 -6.52 -28.98 49.71
CA ALA B 937 -7.53 -28.11 50.30
C ALA B 937 -6.93 -26.81 50.82
N GLN B 938 -5.75 -26.88 51.45
CA GLN B 938 -5.19 -25.68 52.05
C GLN B 938 -4.54 -24.79 50.99
N ARG B 939 -4.31 -25.32 49.79
CA ARG B 939 -3.76 -24.48 48.73
C ARG B 939 -4.87 -23.74 47.99
N CYS B 940 -6.02 -24.37 47.81
CA CYS B 940 -7.14 -23.73 47.11
C CYS B 940 -7.80 -22.68 48.00
N THR B 941 -8.48 -21.74 47.36
CA THR B 941 -9.16 -20.70 48.12
C THR B 941 -10.58 -21.11 48.47
N ALA B 942 -11.08 -22.17 47.85
CA ALA B 942 -12.44 -22.61 48.12
C ALA B 942 -12.51 -23.36 49.44
N ASP B 943 -13.73 -23.54 49.95
CA ASP B 943 -13.89 -24.33 51.16
C ASP B 943 -14.12 -25.80 50.83
N ASN B 944 -14.90 -26.08 49.80
CA ASN B 944 -15.21 -27.44 49.39
C ASN B 944 -14.42 -27.72 48.12
N ILE B 945 -13.44 -28.62 48.22
CA ILE B 945 -12.59 -28.93 47.08
C ILE B 945 -12.90 -30.28 46.47
N GLY B 946 -13.67 -31.13 47.16
CA GLY B 946 -13.98 -32.44 46.61
C GLY B 946 -14.61 -32.38 45.25
N ALA B 947 -15.54 -31.43 45.07
CA ALA B 947 -16.27 -31.34 43.80
C ALA B 947 -15.33 -31.05 42.64
N TRP B 948 -14.41 -30.12 42.83
CA TRP B 948 -13.47 -29.79 41.76
C TRP B 948 -12.66 -31.02 41.37
N LEU B 949 -12.15 -31.76 42.35
CA LEU B 949 -11.33 -32.93 42.07
C LEU B 949 -12.12 -34.01 41.36
N ASP B 950 -13.33 -34.31 41.85
CA ASP B 950 -14.07 -35.40 41.23
C ASP B 950 -14.55 -35.03 39.83
N GLY B 951 -14.88 -33.75 39.61
CA GLY B 951 -15.20 -33.32 38.27
C GLY B 951 -14.00 -33.42 37.35
N LEU B 952 -12.82 -33.01 37.83
CA LEU B 952 -11.61 -33.16 37.02
C LEU B 952 -11.37 -34.63 36.69
N HIS B 953 -11.58 -35.52 37.65
CA HIS B 953 -11.37 -36.95 37.39
C HIS B 953 -12.36 -37.46 36.35
N ALA B 954 -13.63 -37.13 36.51
CA ALA B 954 -14.62 -37.52 35.50
C ALA B 954 -14.22 -36.99 34.12
N ALA B 955 -13.68 -35.77 34.07
CA ALA B 955 -13.14 -35.21 32.84
C ALA B 955 -11.80 -35.81 32.47
N LYS B 956 -11.27 -36.74 33.28
CA LYS B 956 -10.03 -37.45 33.00
C LYS B 956 -8.86 -36.50 32.85
N ARG B 957 -8.92 -35.36 33.54
CA ARG B 957 -7.79 -34.44 33.57
C ARG B 957 -6.78 -34.85 34.63
N ALA B 958 -7.26 -35.29 35.79
CA ALA B 958 -6.42 -35.83 36.83
C ALA B 958 -7.03 -37.14 37.30
N LEU B 959 -6.17 -38.06 37.73
CA LEU B 959 -6.61 -39.40 38.06
C LEU B 959 -6.39 -39.68 39.54
N PRO B 960 -7.20 -40.50 40.17
CA PRO B 960 -6.91 -40.91 41.54
C PRO B 960 -5.70 -41.82 41.57
N VAL B 961 -5.00 -41.82 42.68
CA VAL B 961 -3.88 -42.74 42.89
C VAL B 961 -3.90 -43.21 44.33
N THR B 962 -3.44 -44.43 44.55
CA THR B 962 -3.42 -45.06 45.87
C THR B 962 -2.12 -45.82 46.11
N TYR B 963 -0.98 -45.26 45.70
CA TYR B 963 0.28 -46.00 45.72
C TYR B 963 0.74 -46.25 47.16
N ALA B 964 0.68 -45.24 48.01
CA ALA B 964 1.05 -45.38 49.41
C ALA B 964 -0.22 -45.43 50.24
N GLY B 965 -0.04 -45.54 51.56
CA GLY B 965 -1.18 -45.60 52.46
C GLY B 965 -2.16 -44.45 52.24
N GLN B 966 -1.67 -43.22 52.27
CA GLN B 966 -2.49 -42.09 51.89
C GLN B 966 -2.75 -42.11 50.39
N THR B 967 -3.93 -41.66 50.00
CA THR B 967 -4.21 -41.50 48.59
C THR B 967 -3.85 -40.09 48.14
N TRP B 968 -3.50 -39.96 46.87
CA TRP B 968 -3.03 -38.70 46.32
C TRP B 968 -3.73 -38.49 44.98
N TRP B 969 -3.38 -37.40 44.32
CA TRP B 969 -3.95 -37.07 43.02
C TRP B 969 -2.83 -36.63 42.09
N ALA B 970 -2.49 -37.50 41.14
CA ALA B 970 -1.53 -37.12 40.13
C ALA B 970 -2.25 -36.73 38.85
N ALA B 971 -1.64 -35.82 38.09
CA ALA B 971 -2.14 -35.52 36.77
C ALA B 971 -1.90 -36.71 35.84
N VAL B 972 -2.80 -36.89 34.89
CA VAL B 972 -2.75 -38.08 34.04
C VAL B 972 -1.45 -38.11 33.25
N GLU B 973 -0.77 -36.97 33.14
CA GLU B 973 0.50 -36.94 32.44
C GLU B 973 1.59 -37.65 33.24
N ASP B 974 1.46 -37.65 34.56
CA ASP B 974 2.47 -38.29 35.39
C ASP B 974 2.11 -39.74 35.70
N ILE B 975 0.82 -40.08 35.61
CA ILE B 975 0.39 -41.42 36.01
C ILE B 975 0.96 -42.46 35.07
N GLY B 976 1.06 -42.14 33.77
CA GLY B 976 1.71 -43.06 32.85
C GLY B 976 3.17 -43.30 33.23
N LEU B 977 3.82 -42.27 33.77
CA LEU B 977 5.19 -42.37 34.24
C LEU B 977 5.24 -42.95 35.65
N LEU B 978 4.31 -42.54 36.51
CA LEU B 978 4.26 -43.08 37.86
C LEU B 978 4.02 -44.58 37.85
N ARG B 979 3.43 -45.08 36.76
CA ARG B 979 3.18 -46.51 36.63
C ARG B 979 4.46 -47.32 36.78
N ASP B 980 5.59 -46.77 36.33
CA ASP B 980 6.86 -47.46 36.53
C ASP B 980 7.15 -47.64 38.01
N GLY B 981 6.59 -46.76 38.84
CA GLY B 981 6.69 -46.93 40.29
C GLY B 981 5.78 -48.02 40.80
N ILE B 982 5.45 -47.95 42.08
CA ILE B 982 4.55 -48.92 42.70
C ILE B 982 3.15 -48.73 42.14
N GLY B 983 2.87 -47.54 41.64
CA GLY B 983 1.52 -47.18 41.22
C GLY B 983 1.06 -48.01 40.05
N VAL B 984 -0.27 -48.09 39.91
CA VAL B 984 -0.92 -48.89 38.89
C VAL B 984 -1.63 -47.94 37.94
N PRO B 985 -1.49 -48.08 36.63
CA PRO B 985 -2.16 -47.15 35.71
C PRO B 985 -3.65 -47.44 35.63
N VAL B 986 -4.35 -46.59 34.89
CA VAL B 986 -5.79 -46.79 34.75
C VAL B 986 -6.06 -47.82 33.67
N PRO B 987 -7.07 -48.69 33.80
CA PRO B 987 -7.34 -49.64 32.71
C PRO B 987 -7.86 -48.99 31.44
N VAL B 988 -8.69 -47.96 31.54
CA VAL B 988 -9.33 -47.39 30.36
C VAL B 988 -8.29 -46.74 29.47
N GLY B 989 -8.46 -46.89 28.17
CA GLY B 989 -7.48 -46.39 27.22
C GLY B 989 -7.31 -44.88 27.32
N VAL B 990 -6.07 -44.47 27.58
CA VAL B 990 -5.68 -43.07 27.66
C VAL B 990 -4.50 -42.83 26.73
N PRO B 991 -4.70 -42.17 25.58
CA PRO B 991 -3.57 -41.95 24.67
C PRO B 991 -2.46 -41.13 25.29
N ALA B 992 -2.72 -40.45 26.41
CA ALA B 992 -1.67 -39.73 27.11
C ALA B 992 -0.58 -40.68 27.58
N ALA B 993 -0.93 -41.94 27.82
CA ALA B 993 0.04 -42.96 28.21
C ALA B 993 0.52 -43.71 26.97
N PHE B 994 1.12 -42.95 26.04
CA PHE B 994 1.71 -43.58 24.87
C PHE B 994 3.09 -44.14 25.20
N THR B 995 3.84 -43.46 26.07
CA THR B 995 5.12 -43.94 26.55
C THR B 995 4.98 -44.35 28.01
N GLU B 996 5.66 -45.43 28.39
CA GLU B 996 5.56 -45.96 29.74
C GLU B 996 6.79 -45.69 30.57
N SER B 997 7.97 -45.70 29.94
CA SER B 997 9.23 -45.52 30.65
C SER B 997 9.99 -44.33 30.06
N ALA B 998 10.46 -43.45 30.93
CA ALA B 998 11.32 -42.34 30.54
C ALA B 998 12.78 -42.78 30.66
N SER B 999 13.69 -41.82 30.64
CA SER B 999 15.12 -42.06 30.89
C SER B 999 15.23 -42.80 32.22
N ASP B 1000 14.80 -42.21 33.33
CA ASP B 1000 14.63 -42.93 34.58
C ASP B 1000 13.43 -42.37 35.32
N PRO B 1001 12.29 -43.07 35.33
CA PRO B 1001 11.09 -42.46 35.92
C PRO B 1001 11.13 -42.33 37.43
N LEU B 1002 11.63 -43.35 38.14
CA LEU B 1002 11.56 -43.34 39.59
C LEU B 1002 12.52 -42.31 40.19
N GLY B 1003 13.49 -41.85 39.40
CA GLY B 1003 14.40 -40.84 39.90
C GLY B 1003 13.93 -39.43 39.61
N ASP B 1004 13.33 -39.22 38.43
CA ASP B 1004 13.00 -37.87 37.99
C ASP B 1004 11.96 -37.22 38.89
N LEU B 1005 10.99 -37.99 39.36
CA LEU B 1005 9.96 -37.44 40.24
C LEU B 1005 10.56 -36.89 41.52
N ILE B 1006 11.67 -37.48 41.97
CA ILE B 1006 12.36 -36.94 43.14
C ILE B 1006 12.96 -35.58 42.81
N GLY B 1007 13.50 -35.43 41.61
CA GLY B 1007 14.10 -34.15 41.24
C GLY B 1007 13.09 -33.03 41.21
N ARG B 1008 11.94 -33.25 40.57
CA ARG B 1008 10.89 -32.24 40.59
C ARG B 1008 10.43 -31.97 42.02
N TYR B 1009 10.42 -33.00 42.86
CA TYR B 1009 10.05 -32.81 44.25
C TYR B 1009 10.96 -31.81 44.95
N ALA B 1010 12.27 -31.89 44.69
CA ALA B 1010 13.21 -31.01 45.39
C ALA B 1010 13.22 -29.62 44.77
N ARG B 1011 12.85 -29.52 43.50
CA ARG B 1011 12.85 -28.22 42.83
C ARG B 1011 11.94 -27.22 43.54
N THR B 1012 10.91 -27.72 44.23
CA THR B 1012 9.96 -26.83 44.87
C THR B 1012 10.30 -26.61 46.35
N ARG B 1013 10.80 -27.63 47.02
CA ARG B 1013 11.13 -27.48 48.43
C ARG B 1013 12.51 -26.86 48.60
N GLY B 1014 12.79 -26.41 49.81
CA GLY B 1014 14.06 -25.82 50.14
C GLY B 1014 15.01 -26.81 50.80
N PRO B 1015 15.27 -26.62 52.09
CA PRO B 1015 16.04 -27.63 52.82
C PRO B 1015 15.15 -28.78 53.21
N PHE B 1016 15.68 -29.99 53.08
CA PHE B 1016 14.90 -31.19 53.38
C PHE B 1016 15.86 -32.30 53.76
N THR B 1017 15.33 -33.38 54.31
CA THR B 1017 16.11 -34.52 54.76
C THR B 1017 15.87 -35.70 53.83
N THR B 1018 16.86 -36.58 53.72
CA THR B 1018 16.78 -37.68 52.76
C THR B 1018 15.64 -38.62 53.09
N GLU B 1019 15.51 -39.04 54.35
CA GLU B 1019 14.48 -39.99 54.72
C GLU B 1019 13.08 -39.41 54.51
N GLN B 1020 12.96 -38.08 54.60
CA GLN B 1020 11.65 -37.45 54.42
C GLN B 1020 11.15 -37.60 52.99
N THR B 1021 12.06 -37.57 52.02
CA THR B 1021 11.66 -37.72 50.63
C THR B 1021 10.99 -39.07 50.40
N ALA B 1022 11.66 -40.15 50.83
CA ALA B 1022 11.08 -41.47 50.64
C ALA B 1022 9.83 -41.66 51.50
N ALA B 1023 9.81 -41.05 52.68
CA ALA B 1023 8.67 -41.20 53.58
C ALA B 1023 7.38 -40.72 52.92
N ARG B 1024 7.40 -39.51 52.35
CA ARG B 1024 6.21 -38.99 51.69
C ARG B 1024 5.85 -39.82 50.48
N PHE B 1025 6.83 -40.08 49.61
CA PHE B 1025 6.64 -41.03 48.52
C PHE B 1025 7.98 -41.59 48.08
N GLY B 1026 8.27 -42.82 48.51
CA GLY B 1026 9.51 -43.46 48.17
C GLY B 1026 9.49 -44.95 48.42
N LEU B 1027 10.27 -45.69 47.64
CA LEU B 1027 10.26 -47.15 47.76
C LEU B 1027 11.17 -47.63 48.87
N GLY B 1028 12.46 -47.33 48.78
CA GLY B 1028 13.41 -47.78 49.78
C GLY B 1028 14.40 -46.69 50.12
N VAL B 1029 14.91 -46.75 51.36
CA VAL B 1029 15.83 -45.72 51.84
C VAL B 1029 17.13 -45.73 51.04
N ARG B 1030 17.60 -46.91 50.68
CA ARG B 1030 18.82 -46.99 49.86
C ARG B 1030 18.64 -46.26 48.54
N VAL B 1031 17.46 -46.36 47.96
CA VAL B 1031 17.18 -45.64 46.71
C VAL B 1031 17.32 -44.15 46.92
N ALA B 1032 17.01 -43.67 48.13
CA ALA B 1032 17.04 -42.24 48.40
C ALA B 1032 18.46 -41.69 48.37
N SER B 1033 19.40 -42.40 49.01
CA SER B 1033 20.77 -41.90 49.05
C SER B 1033 21.47 -42.11 47.71
N ASP B 1034 21.02 -43.10 46.94
CA ASP B 1034 21.53 -43.26 45.58
C ASP B 1034 21.32 -42.01 44.76
N VAL B 1035 20.06 -41.62 44.56
CA VAL B 1035 19.75 -40.52 43.65
C VAL B 1035 20.42 -39.24 44.12
N LEU B 1036 20.65 -39.10 45.42
CA LEU B 1036 21.28 -37.89 45.92
C LEU B 1036 22.72 -37.79 45.43
N SER B 1037 23.50 -38.86 45.61
CA SER B 1037 24.85 -38.87 45.04
C SER B 1037 24.80 -38.95 43.53
N ARG B 1038 23.73 -39.50 42.97
CA ARG B 1038 23.50 -39.41 41.54
C ARG B 1038 23.21 -37.97 41.14
N MET B 1039 23.32 -37.72 39.83
CA MET B 1039 23.05 -36.41 39.21
C MET B 1039 23.78 -35.28 39.94
N ALA B 1040 24.79 -35.63 40.73
CA ALA B 1040 25.62 -34.62 41.34
C ALA B 1040 26.45 -33.89 40.29
N VAL B 1041 26.83 -34.60 39.23
CA VAL B 1041 27.56 -33.97 38.13
C VAL B 1041 26.66 -33.05 37.34
N ASP B 1042 25.36 -33.35 37.30
CA ASP B 1042 24.41 -32.49 36.60
C ASP B 1042 24.08 -31.26 37.42
N GLY B 1043 24.60 -31.17 38.64
CA GLY B 1043 24.32 -30.07 39.53
C GLY B 1043 22.96 -30.14 40.20
N ARG B 1044 22.11 -31.07 39.80
CA ARG B 1044 20.83 -31.23 40.48
C ARG B 1044 21.05 -31.72 41.90
N LEU B 1045 20.29 -31.13 42.83
CA LEU B 1045 20.34 -31.52 44.24
C LEU B 1045 21.73 -31.32 44.83
N ILE B 1046 22.19 -30.06 44.86
CA ILE B 1046 23.45 -29.76 45.52
C ILE B 1046 23.23 -29.71 47.02
N ARG B 1047 24.25 -30.12 47.78
CA ARG B 1047 24.18 -30.12 49.25
C ARG B 1047 24.23 -28.67 49.73
N GLY B 1048 23.10 -27.99 49.57
CA GLY B 1048 23.01 -26.60 49.98
C GLY B 1048 23.08 -26.43 51.49
N GLU B 1049 22.15 -27.03 52.20
CA GLU B 1049 22.23 -27.12 53.66
C GLU B 1049 22.07 -28.53 54.18
N PHE B 1050 21.22 -29.35 53.55
CA PHE B 1050 21.07 -30.75 53.92
C PHE B 1050 20.79 -31.60 52.69
N ASP B 1061 18.43 -29.23 45.54
CA ASP B 1061 17.87 -27.89 45.53
C ASP B 1061 18.90 -26.87 45.11
N ALA B 1062 19.51 -27.09 43.94
CA ALA B 1062 20.54 -26.18 43.46
C ALA B 1062 19.94 -24.88 42.95
N GLN B 1063 18.89 -24.97 42.14
CA GLN B 1063 18.27 -23.76 41.61
C GLN B 1063 17.64 -22.95 42.74
N VAL B 1064 17.00 -23.62 43.69
CA VAL B 1064 16.48 -22.94 44.87
C VAL B 1064 17.62 -22.37 45.69
N LEU B 1065 18.75 -23.07 45.71
CA LEU B 1065 19.91 -22.56 46.46
C LEU B 1065 20.29 -21.17 46.00
N LYS B 1066 20.35 -20.95 44.69
CA LYS B 1066 20.75 -19.64 44.19
C LYS B 1066 19.71 -18.59 44.56
N ILE B 1067 18.43 -18.92 44.43
CA ILE B 1067 17.38 -17.96 44.76
C ILE B 1067 17.47 -17.56 46.22
N LEU B 1068 17.62 -18.53 47.12
CA LEU B 1068 17.67 -18.20 48.53
C LEU B 1068 18.96 -17.46 48.86
N ARG B 1069 20.06 -17.82 48.21
CA ARG B 1069 21.31 -17.09 48.41
C ARG B 1069 21.13 -15.63 48.06
N ARG B 1070 20.48 -15.35 46.94
CA ARG B 1070 20.22 -13.97 46.58
C ARG B 1070 19.29 -13.30 47.59
N ARG B 1071 18.16 -13.94 47.88
CA ARG B 1071 17.17 -13.33 48.76
C ARG B 1071 17.68 -13.22 50.19
N SER B 1072 18.42 -14.23 50.65
CA SER B 1072 19.04 -14.11 51.96
C SER B 1072 20.05 -12.98 51.98
N LEU B 1073 20.75 -12.78 50.86
CA LEU B 1073 21.54 -11.56 50.72
C LEU B 1073 20.58 -10.38 50.61
N ALA B 1074 21.10 -9.19 50.94
CA ALA B 1074 20.29 -7.98 51.03
C ALA B 1074 19.21 -8.12 52.11
N ALA B 1075 19.45 -9.01 53.07
CA ALA B 1075 18.63 -9.01 54.28
C ALA B 1075 19.26 -8.14 55.36
N LEU B 1076 20.58 -8.27 55.55
CA LEU B 1076 21.26 -7.34 56.45
C LEU B 1076 21.12 -5.91 55.95
N ARG B 1077 21.57 -5.64 54.73
CA ARG B 1077 21.27 -4.34 54.16
C ARG B 1077 19.80 -4.28 53.75
N ALA B 1078 19.14 -3.22 54.17
CA ALA B 1078 17.70 -3.08 53.96
C ALA B 1078 17.39 -2.71 52.52
N GLN B 1079 17.55 -3.70 51.65
CA GLN B 1079 17.30 -3.54 50.22
C GLN B 1079 16.43 -4.67 49.72
N VAL B 1080 15.53 -4.35 48.79
CA VAL B 1080 14.81 -5.41 48.09
C VAL B 1080 15.79 -6.17 47.19
N GLU B 1081 15.38 -7.37 46.77
CA GLU B 1081 16.23 -8.24 46.00
C GLU B 1081 16.61 -7.60 44.67
N PRO B 1082 17.86 -7.68 44.24
CA PRO B 1082 18.23 -7.12 42.94
C PRO B 1082 17.61 -7.90 41.80
N VAL B 1083 17.54 -7.25 40.64
CA VAL B 1083 16.98 -7.91 39.47
C VAL B 1083 18.09 -8.65 38.73
N SER B 1084 17.70 -9.73 38.05
CA SER B 1084 18.67 -10.53 37.33
C SER B 1084 19.24 -9.76 36.15
N THR B 1085 20.50 -10.05 35.82
CA THR B 1085 21.11 -9.46 34.63
C THR B 1085 20.29 -9.76 33.38
N ASP B 1086 19.90 -11.02 33.21
CA ASP B 1086 19.08 -11.38 32.06
C ASP B 1086 17.78 -10.60 32.06
N ALA B 1087 17.21 -10.36 33.23
CA ALA B 1087 16.00 -9.54 33.28
C ALA B 1087 16.27 -8.14 32.80
N TYR B 1088 17.39 -7.55 33.20
CA TYR B 1088 17.69 -6.20 32.75
C TYR B 1088 17.86 -6.16 31.24
N ALA B 1089 18.54 -7.16 30.68
CA ALA B 1089 18.73 -7.19 29.23
C ALA B 1089 17.42 -7.50 28.51
N ARG B 1090 16.44 -8.03 29.24
CA ARG B 1090 15.10 -8.15 28.69
C ARG B 1090 14.34 -6.85 28.82
N PHE B 1091 14.81 -5.98 29.71
CA PHE B 1091 14.09 -4.74 30.01
C PHE B 1091 14.54 -3.61 29.11
N LEU B 1092 15.84 -3.53 28.83
CA LEU B 1092 16.36 -2.36 28.12
C LEU B 1092 15.79 -2.23 26.72
N PRO B 1093 15.68 -3.29 25.92
CA PRO B 1093 15.01 -3.13 24.62
C PRO B 1093 13.64 -2.47 24.71
N SER B 1094 12.71 -3.06 25.47
CA SER B 1094 11.35 -2.54 25.47
C SER B 1094 11.27 -1.19 26.15
N TRP B 1095 12.29 -0.83 26.91
CA TRP B 1095 12.32 0.50 27.51
C TRP B 1095 12.62 1.55 26.47
N GLN B 1096 13.03 1.14 25.28
CA GLN B 1096 13.27 2.04 24.18
C GLN B 1096 12.39 1.74 22.97
N HIS B 1097 11.25 1.10 23.20
CA HIS B 1097 10.17 1.02 22.22
C HIS B 1097 10.41 -0.02 21.14
N VAL B 1098 11.46 -0.83 21.27
CA VAL B 1098 11.72 -1.81 20.23
C VAL B 1098 10.60 -2.84 20.27
N GLY B 1099 10.07 -3.19 19.11
CA GLY B 1099 8.95 -4.10 19.04
C GLY B 1099 7.64 -3.54 19.51
N SER B 1100 7.63 -2.38 20.16
CA SER B 1100 6.39 -1.84 20.69
C SER B 1100 5.50 -1.34 19.57
N THR B 1101 4.20 -1.59 19.72
CA THR B 1101 3.19 -1.17 18.75
C THR B 1101 2.50 0.11 19.14
N ASN B 1102 2.79 0.65 20.32
CA ASN B 1102 2.31 1.99 20.67
C ASN B 1102 2.87 3.01 19.69
N THR B 1103 4.17 2.98 19.49
CA THR B 1103 4.90 3.99 18.73
C THR B 1103 4.63 3.80 17.25
N THR B 1104 4.15 4.85 16.59
CA THR B 1104 3.93 4.81 15.15
C THR B 1104 3.77 6.22 14.61
N GLY B 1105 3.94 6.35 13.31
CA GLY B 1105 3.75 7.63 12.66
C GLY B 1105 4.82 8.63 13.02
N VAL B 1106 4.61 9.87 12.57
CA VAL B 1106 5.61 10.91 12.75
C VAL B 1106 5.78 11.22 14.23
N ASP B 1107 4.68 11.27 14.97
CA ASP B 1107 4.79 11.51 16.40
C ASP B 1107 5.63 10.44 17.07
N GLY B 1108 5.48 9.19 16.64
CA GLY B 1108 6.27 8.12 17.21
C GLY B 1108 7.75 8.33 17.01
N LEU B 1109 8.15 8.75 15.80
CA LEU B 1109 9.56 8.94 15.52
C LEU B 1109 10.11 10.15 16.25
N ALA B 1110 9.29 11.20 16.40
CA ALA B 1110 9.76 12.34 17.18
C ALA B 1110 9.84 11.97 18.65
N THR B 1111 9.14 10.92 19.07
CA THR B 1111 9.33 10.42 20.43
C THR B 1111 10.62 9.61 20.54
N VAL B 1112 10.90 8.78 19.54
CA VAL B 1112 12.10 7.94 19.59
C VAL B 1112 13.35 8.81 19.56
N ILE B 1113 13.46 9.69 18.57
CA ILE B 1113 14.65 10.55 18.46
C ILE B 1113 14.87 11.32 19.75
N GLU B 1114 13.80 11.59 20.48
CA GLU B 1114 13.91 12.32 21.74
C GLU B 1114 14.95 11.70 22.65
N GLN B 1115 14.77 10.44 23.01
CA GLN B 1115 15.65 9.80 23.99
C GLN B 1115 16.94 9.25 23.40
N LEU B 1116 17.04 9.13 22.08
CA LEU B 1116 18.27 8.74 21.42
C LEU B 1116 19.07 9.93 20.90
N ALA B 1117 19.03 11.06 21.59
CA ALA B 1117 19.62 12.26 21.03
C ALA B 1117 21.12 12.11 20.79
N GLY B 1118 21.90 11.99 21.86
CA GLY B 1118 23.33 12.24 21.74
C GLY B 1118 24.08 11.17 20.97
N VAL B 1119 23.54 9.95 20.91
CA VAL B 1119 24.36 8.81 20.53
C VAL B 1119 24.67 8.81 19.04
N PRO B 1120 25.87 8.40 18.65
CA PRO B 1120 26.16 8.18 17.23
C PRO B 1120 25.86 6.76 16.78
N ILE B 1121 25.14 6.63 15.68
CA ILE B 1121 24.73 5.35 15.11
C ILE B 1121 25.31 5.28 13.71
N PRO B 1122 25.74 4.10 13.25
CA PRO B 1122 26.23 4.00 11.88
C PRO B 1122 25.14 4.33 10.89
N ALA B 1123 25.53 5.03 9.82
CA ALA B 1123 24.53 5.51 8.86
C ALA B 1123 23.80 4.38 8.18
N SER B 1124 24.42 3.20 8.09
CA SER B 1124 23.73 2.09 7.46
C SER B 1124 22.77 1.41 8.42
N ALA B 1125 23.02 1.56 9.72
CA ALA B 1125 22.11 0.97 10.71
C ALA B 1125 20.85 1.80 10.86
N VAL B 1126 20.99 3.13 10.84
CA VAL B 1126 19.83 4.00 10.92
C VAL B 1126 18.89 3.68 9.78
N GLU B 1127 17.60 3.76 10.05
CA GLU B 1127 16.50 3.54 9.12
C GLU B 1127 16.54 2.17 8.47
N SER B 1128 17.37 1.24 8.94
CA SER B 1128 17.27 -0.13 8.49
C SER B 1128 17.22 -1.12 9.65
N LEU B 1129 17.89 -0.80 10.76
CA LEU B 1129 17.91 -1.68 11.93
C LEU B 1129 17.42 -0.98 13.17
N VAL B 1130 17.68 0.32 13.35
CA VAL B 1130 17.35 0.95 14.62
C VAL B 1130 16.04 1.71 14.54
N PHE B 1131 15.79 2.42 13.47
CA PHE B 1131 14.51 3.13 13.41
C PHE B 1131 13.34 2.24 13.01
N PRO B 1132 13.44 1.39 11.99
CA PRO B 1132 12.23 0.66 11.58
C PRO B 1132 11.81 -0.41 12.56
N GLN B 1133 12.53 -0.57 13.65
CA GLN B 1133 12.06 -1.45 14.71
C GLN B 1133 11.29 -0.69 15.78
N ARG B 1134 11.75 0.50 16.15
CA ARG B 1134 10.97 1.31 17.08
C ARG B 1134 9.66 1.75 16.45
N VAL B 1135 9.72 2.55 15.41
CA VAL B 1135 8.55 3.05 14.71
C VAL B 1135 7.94 1.92 13.91
N ARG B 1136 6.77 1.45 14.33
CA ARG B 1136 6.22 0.21 13.79
C ARG B 1136 6.01 0.27 12.29
N ASP B 1137 5.65 1.44 11.76
CA ASP B 1137 5.44 1.61 10.32
C ASP B 1137 6.32 2.77 9.82
N TYR B 1138 7.56 2.44 9.49
CA TYR B 1138 8.50 3.47 9.10
C TYR B 1138 8.51 3.64 7.59
N GLN B 1139 8.44 4.89 7.15
CA GLN B 1139 8.61 5.28 5.77
C GLN B 1139 9.70 6.33 5.68
N PRO B 1140 10.72 6.13 4.84
CA PRO B 1140 11.84 7.07 4.84
C PRO B 1140 11.45 8.49 4.50
N ALA B 1141 10.20 8.72 4.11
CA ALA B 1141 9.73 10.09 3.92
C ALA B 1141 9.53 10.80 5.24
N MET B 1142 9.13 10.08 6.28
CA MET B 1142 8.86 10.70 7.57
C MET B 1142 10.10 11.41 8.10
N LEU B 1143 11.23 10.71 8.11
CA LEU B 1143 12.45 11.33 8.61
C LEU B 1143 12.84 12.53 7.76
N ASP B 1144 12.48 12.53 6.49
CA ASP B 1144 12.71 13.73 5.69
C ASP B 1144 11.76 14.84 6.11
N GLU B 1145 10.60 14.49 6.65
CA GLU B 1145 9.65 15.52 7.05
C GLU B 1145 10.09 16.20 8.33
N LEU B 1146 10.59 15.43 9.31
CA LEU B 1146 11.20 16.03 10.48
C LEU B 1146 12.33 16.97 10.08
N LEU B 1147 13.35 16.43 9.41
CA LEU B 1147 14.56 17.19 9.16
C LEU B 1147 14.27 18.51 8.46
N ALA B 1148 13.37 18.48 7.47
CA ALA B 1148 13.08 19.71 6.74
C ALA B 1148 12.29 20.69 7.61
N SER B 1149 11.52 20.17 8.55
CA SER B 1149 10.66 21.02 9.36
C SER B 1149 11.45 21.81 10.39
N GLY B 1150 12.75 21.56 10.50
CA GLY B 1150 13.55 22.22 11.50
C GLY B 1150 13.38 21.70 12.90
N GLU B 1151 13.03 20.42 13.06
CA GLU B 1151 12.71 19.91 14.39
C GLU B 1151 13.84 19.04 14.92
N VAL B 1152 14.48 18.26 14.07
CA VAL B 1152 15.67 17.53 14.43
C VAL B 1152 16.73 17.90 13.40
N MET B 1153 17.99 17.58 13.68
CA MET B 1153 19.07 18.00 12.80
C MET B 1153 20.27 17.09 12.96
N TRP B 1154 20.42 16.14 12.05
CA TRP B 1154 21.55 15.23 12.15
C TRP B 1154 22.84 16.00 11.97
N SER B 1155 23.93 15.46 12.51
CA SER B 1155 25.24 16.10 12.41
C SER B 1155 26.29 15.01 12.58
N GLY B 1156 26.89 14.60 11.46
CA GLY B 1156 27.81 13.48 11.50
C GLY B 1156 28.95 13.72 12.48
N ALA B 1157 29.52 12.63 12.99
CA ALA B 1157 30.66 12.68 13.89
C ALA B 1157 31.58 11.50 13.61
N GLY B 1158 32.57 11.72 12.75
CA GLY B 1158 33.52 10.66 12.44
C GLY B 1158 32.97 9.65 11.45
N GLN B 1159 33.83 9.25 10.51
CA GLN B 1159 33.48 8.30 9.47
C GLN B 1159 34.21 7.00 9.72
N ILE B 1160 33.58 5.88 9.38
CA ILE B 1160 34.24 4.60 9.60
C ILE B 1160 35.04 4.20 8.37
N GLY B 1161 34.47 4.37 7.18
CA GLY B 1161 35.13 3.99 5.95
C GLY B 1161 34.80 4.95 4.84
N ASN B 1162 34.91 4.44 3.62
CA ASN B 1162 34.56 5.20 2.43
C ASN B 1162 33.08 5.56 2.39
N GLY B 1163 32.20 4.59 2.68
CA GLY B 1163 30.79 4.85 2.55
C GLY B 1163 30.11 5.24 3.85
N ASP B 1164 30.22 4.42 4.88
CA ASP B 1164 29.43 4.56 6.09
C ASP B 1164 30.07 5.59 7.02
N GLY B 1165 29.29 6.06 7.99
CA GLY B 1165 29.80 6.98 8.97
C GLY B 1165 28.95 7.01 10.22
N TRP B 1166 29.42 7.75 11.20
CA TRP B 1166 28.62 7.99 12.39
C TRP B 1166 27.77 9.24 12.19
N VAL B 1167 26.47 9.10 12.45
CA VAL B 1167 25.53 10.21 12.31
C VAL B 1167 24.67 10.24 13.56
N ALA B 1168 24.60 11.41 14.20
CA ALA B 1168 24.04 11.53 15.53
C ALA B 1168 22.97 12.60 15.59
N PHE B 1169 21.71 12.16 15.64
CA PHE B 1169 20.56 13.06 15.51
C PHE B 1169 20.40 13.88 16.77
N HIS B 1170 20.36 15.19 16.63
CA HIS B 1170 20.10 16.09 17.74
C HIS B 1170 18.69 16.62 17.62
N LEU B 1171 18.03 16.83 18.75
CA LEU B 1171 16.79 17.56 18.74
C LEU B 1171 17.11 19.05 18.63
N ALA B 1172 16.24 19.80 17.96
CA ALA B 1172 16.62 21.16 17.57
C ALA B 1172 16.45 22.15 18.71
N ASP B 1173 15.48 21.89 19.59
CA ASP B 1173 15.24 22.80 20.70
C ASP B 1173 16.48 22.97 21.57
N THR B 1174 17.12 21.87 21.92
CA THR B 1174 18.30 21.88 22.77
C THR B 1174 19.53 21.34 22.06
N ALA B 1175 19.75 21.74 20.81
CA ALA B 1175 20.95 21.30 20.11
C ALA B 1175 22.24 21.75 20.78
N PRO B 1176 22.44 23.03 21.11
CA PRO B 1176 23.77 23.44 21.59
C PRO B 1176 24.31 22.62 22.74
N LEU B 1177 23.44 22.00 23.54
CA LEU B 1177 23.92 21.16 24.63
C LEU B 1177 24.46 19.84 24.12
N THR B 1178 23.61 19.04 23.49
CA THR B 1178 24.02 17.72 23.04
C THR B 1178 24.90 17.75 21.80
N LEU B 1179 25.36 18.92 21.37
CA LEU B 1179 26.37 19.01 20.32
C LEU B 1179 27.76 18.82 20.89
N THR B 1180 28.57 18.01 20.20
CA THR B 1180 29.99 17.94 20.51
C THR B 1180 30.71 19.12 19.87
N HIS B 1181 32.02 19.15 20.04
CA HIS B 1181 32.81 20.22 19.45
C HIS B 1181 33.31 19.81 18.07
N GLY B 1182 33.92 20.76 17.36
CA GLY B 1182 34.45 20.48 16.05
C GLY B 1182 35.59 19.48 16.09
N ALA B 1183 35.91 18.93 14.92
CA ALA B 1183 36.87 17.83 14.88
C ALA B 1183 38.31 18.32 14.82
N GLU B 1184 38.51 19.62 14.60
CA GLU B 1184 39.83 20.24 14.64
C GLU B 1184 40.80 19.60 13.66
N ILE B 1185 40.36 19.44 12.42
CA ILE B 1185 41.25 18.96 11.36
C ILE B 1185 41.98 20.13 10.73
N GLU B 1186 43.05 19.81 10.00
CA GLU B 1186 43.79 20.82 9.25
C GLU B 1186 42.89 21.42 8.16
N PHE B 1187 43.12 22.70 7.86
CA PHE B 1187 42.26 23.45 6.97
C PHE B 1187 43.07 24.06 5.82
N THR B 1188 42.76 23.62 4.60
CA THR B 1188 43.26 24.25 3.40
C THR B 1188 42.42 25.48 3.05
N ASP B 1189 42.58 25.97 1.82
CA ASP B 1189 41.88 27.19 1.44
C ASP B 1189 40.41 26.92 1.12
N THR B 1190 40.12 25.89 0.33
CA THR B 1190 38.74 25.63 -0.06
C THR B 1190 37.84 25.39 1.15
N HIS B 1191 38.38 24.75 2.19
CA HIS B 1191 37.62 24.57 3.42
C HIS B 1191 37.32 25.91 4.07
N ARG B 1192 38.31 26.80 4.11
CA ARG B 1192 38.05 28.13 4.64
C ARG B 1192 37.00 28.85 3.80
N VAL B 1193 36.94 28.54 2.50
CA VAL B 1193 35.92 29.14 1.65
C VAL B 1193 34.54 28.67 2.06
N ILE B 1194 34.34 27.36 2.10
CA ILE B 1194 33.03 26.83 2.49
C ILE B 1194 32.63 27.36 3.86
N LEU B 1195 33.54 27.28 4.83
CA LEU B 1195 33.23 27.74 6.17
C LEU B 1195 33.08 29.25 6.22
N GLU B 1196 33.56 29.96 5.20
CA GLU B 1196 33.32 31.39 5.17
C GLU B 1196 31.88 31.71 4.77
N THR B 1197 31.45 31.23 3.61
CA THR B 1197 30.11 31.57 3.14
C THR B 1197 29.04 31.00 4.04
N LEU B 1198 29.25 29.81 4.60
CA LEU B 1198 28.32 29.30 5.60
C LEU B 1198 28.47 30.02 6.93
N GLY B 1199 29.47 30.87 7.06
CA GLY B 1199 29.77 31.46 8.36
C GLY B 1199 28.64 32.33 8.88
N HIS B 1200 28.25 33.34 8.12
CA HIS B 1200 27.19 34.24 8.53
C HIS B 1200 25.85 33.93 7.88
N GLY B 1201 25.70 32.72 7.33
CA GLY B 1201 24.52 32.40 6.57
C GLY B 1201 23.66 31.32 7.19
N GLY B 1202 22.48 31.10 6.60
CA GLY B 1202 21.57 30.11 7.15
C GLY B 1202 21.60 28.80 6.40
N ALA B 1203 21.77 28.86 5.08
CA ALA B 1203 21.85 27.66 4.27
C ALA B 1203 22.22 28.08 2.86
N TYR B 1204 22.73 27.13 2.09
CA TYR B 1204 23.12 27.41 0.72
C TYR B 1204 23.08 26.11 -0.06
N PHE B 1205 22.59 26.19 -1.29
CA PHE B 1205 22.67 25.01 -2.12
C PHE B 1205 24.13 24.72 -2.43
N PHE B 1206 24.36 23.61 -3.14
CA PHE B 1206 25.75 23.24 -3.40
C PHE B 1206 26.43 24.26 -4.29
N ARG B 1207 25.69 24.83 -5.25
CA ARG B 1207 26.32 25.70 -6.22
C ARG B 1207 26.79 27.01 -5.59
N GLN B 1208 25.99 27.60 -4.73
CA GLN B 1208 26.22 28.95 -4.25
C GLN B 1208 27.37 29.05 -3.27
N LEU B 1209 28.01 27.94 -2.92
CA LEU B 1209 29.10 28.01 -1.96
C LEU B 1209 30.35 28.62 -2.56
N THR B 1210 30.62 28.30 -3.83
CA THR B 1210 31.85 28.69 -4.51
C THR B 1210 31.62 29.33 -5.86
N ASP B 1211 30.78 30.37 -5.94
CA ASP B 1211 30.24 30.96 -7.18
C ASP B 1211 31.35 30.99 -8.24
N GLY B 1212 31.03 30.64 -9.48
CA GLY B 1212 32.05 30.28 -10.44
C GLY B 1212 31.63 28.98 -11.11
N THR B 1213 32.56 28.05 -11.25
CA THR B 1213 32.27 26.74 -11.81
C THR B 1213 32.28 25.71 -10.69
N VAL B 1214 31.33 24.78 -10.74
CA VAL B 1214 31.31 23.68 -9.79
C VAL B 1214 31.44 22.33 -10.48
N GLU B 1215 31.36 22.29 -11.80
CA GLU B 1215 31.57 21.06 -12.54
C GLU B 1215 33.06 20.84 -12.78
N GLY B 1216 33.42 19.59 -13.05
CA GLY B 1216 34.81 19.24 -13.29
C GLY B 1216 35.61 19.18 -12.02
N THR B 1217 36.91 18.95 -12.20
CA THR B 1217 37.80 18.76 -11.06
C THR B 1217 37.92 20.02 -10.22
N ALA B 1218 37.71 21.19 -10.82
CA ALA B 1218 37.71 22.42 -10.06
C ALA B 1218 36.61 22.42 -9.01
N GLY B 1219 35.44 21.90 -9.38
CA GLY B 1219 34.34 21.81 -8.42
C GLY B 1219 34.27 20.47 -7.74
N GLN B 1220 34.60 19.39 -8.46
CA GLN B 1220 34.54 18.07 -7.86
C GLN B 1220 35.53 17.93 -6.71
N GLU B 1221 36.61 18.70 -6.73
CA GLU B 1221 37.50 18.71 -5.58
C GLU B 1221 36.84 19.41 -4.40
N LEU B 1222 35.84 20.25 -4.67
CA LEU B 1222 35.12 20.89 -3.58
C LEU B 1222 34.09 19.95 -2.97
N LYS B 1223 33.47 19.10 -3.79
CA LYS B 1223 32.59 18.08 -3.24
C LYS B 1223 33.32 17.26 -2.18
N GLN B 1224 34.42 16.63 -2.55
CA GLN B 1224 35.18 15.87 -1.57
C GLN B 1224 35.70 16.76 -0.47
N ALA B 1225 35.89 18.05 -0.75
CA ALA B 1225 36.34 18.96 0.29
C ALA B 1225 35.24 19.25 1.29
N LEU B 1226 33.98 19.17 0.84
CA LEU B 1226 32.87 19.37 1.75
C LEU B 1226 32.57 18.12 2.57
N TRP B 1227 32.42 16.98 1.91
CA TRP B 1227 32.11 15.75 2.61
C TRP B 1227 33.20 15.38 3.60
N GLU B 1228 34.28 16.16 3.62
CA GLU B 1228 35.24 16.05 4.71
C GLU B 1228 34.81 16.90 5.89
N LEU B 1229 34.22 18.07 5.63
CA LEU B 1229 33.77 18.92 6.72
C LEU B 1229 32.61 18.29 7.46
N ILE B 1230 31.68 17.67 6.73
CA ILE B 1230 30.47 17.15 7.36
C ILE B 1230 30.80 16.02 8.33
N TRP B 1231 31.59 15.03 7.89
CA TRP B 1231 31.96 13.94 8.80
C TRP B 1231 32.75 14.46 9.99
N ALA B 1232 33.42 15.59 9.83
CA ALA B 1232 34.05 16.21 10.99
C ALA B 1232 32.99 16.77 11.94
N GLY B 1233 31.92 17.32 11.38
CA GLY B 1233 30.86 17.87 12.18
C GLY B 1233 30.70 19.38 12.12
N TRP B 1234 30.89 19.99 10.95
CA TRP B 1234 30.77 21.44 10.87
C TRP B 1234 29.56 21.86 10.04
N VAL B 1235 29.15 21.03 9.08
CA VAL B 1235 28.03 21.36 8.21
C VAL B 1235 27.08 20.18 8.20
N THR B 1236 25.79 20.46 8.03
CA THR B 1236 24.76 19.42 8.01
C THR B 1236 23.73 19.71 6.93
N GLY B 1237 23.32 18.66 6.25
CA GLY B 1237 22.32 18.80 5.21
C GLY B 1237 20.93 18.98 5.79
N ASP B 1238 20.15 19.84 5.16
CA ASP B 1238 18.84 20.15 5.67
C ASP B 1238 17.84 19.04 5.40
N THR B 1239 18.32 17.87 4.98
CA THR B 1239 17.49 16.68 4.89
C THR B 1239 18.40 15.47 4.98
N PHE B 1240 17.83 14.29 4.73
CA PHE B 1240 18.58 13.06 4.80
C PHE B 1240 18.65 12.35 3.45
N ALA B 1241 18.58 13.09 2.36
CA ALA B 1241 18.83 12.48 1.06
C ALA B 1241 20.31 12.29 0.76
N PRO B 1242 21.22 13.24 1.06
CA PRO B 1242 22.64 12.97 0.81
C PRO B 1242 23.13 11.68 1.45
N VAL B 1243 22.99 11.56 2.76
CA VAL B 1243 23.51 10.38 3.44
C VAL B 1243 22.79 9.13 2.96
N ARG B 1244 21.55 9.26 2.49
CA ARG B 1244 20.90 8.11 1.88
C ARG B 1244 21.58 7.73 0.58
N ALA B 1245 22.27 8.69 -0.05
CA ALA B 1245 22.91 8.40 -1.32
C ALA B 1245 24.34 7.88 -1.11
N VAL B 1246 25.06 8.47 -0.16
CA VAL B 1246 26.44 8.07 0.10
C VAL B 1246 26.51 6.57 0.38
N LEU B 1247 25.57 6.06 1.17
CA LEU B 1247 25.58 4.63 1.47
C LEU B 1247 25.20 3.80 0.25
N SER B 1248 24.52 4.40 -0.71
CA SER B 1248 24.17 3.66 -1.92
C SER B 1248 25.36 3.50 -2.85
N GLY B 1249 26.39 4.35 -2.69
CA GLY B 1249 27.54 4.33 -3.57
C GLY B 1249 27.20 4.83 -4.95
N PRO B 1250 28.23 5.12 -5.76
CA PRO B 1250 27.97 5.50 -7.15
C PRO B 1250 27.34 4.36 -7.93
N ARG B 1251 26.97 4.66 -9.17
CA ARG B 1251 26.39 3.64 -10.04
C ARG B 1251 27.46 2.63 -10.46
N THR B 1280 21.00 16.70 -12.02
CA THR B 1280 22.33 16.95 -11.47
C THR B 1280 22.94 15.69 -10.86
N ASP B 1281 23.81 15.89 -9.87
CA ASP B 1281 24.48 14.82 -9.15
C ASP B 1281 24.06 14.85 -7.69
N PRO B 1282 23.57 13.74 -7.12
CA PRO B 1282 23.24 13.73 -5.70
C PRO B 1282 24.50 13.76 -4.88
N THR B 1283 24.34 13.59 -3.57
CA THR B 1283 25.40 13.63 -2.57
C THR B 1283 25.78 15.08 -2.29
N VAL B 1284 25.23 16.04 -3.00
CA VAL B 1284 25.30 17.43 -2.58
C VAL B 1284 23.92 18.09 -2.72
N SER B 1285 22.86 17.27 -2.71
CA SER B 1285 21.55 17.75 -3.14
C SER B 1285 21.05 18.91 -2.28
N GLY B 1286 20.75 18.65 -1.02
CA GLY B 1286 19.96 19.59 -0.24
C GLY B 1286 20.76 20.83 0.13
N ARG B 1287 20.17 21.66 0.98
CA ARG B 1287 20.89 22.81 1.50
C ARG B 1287 21.91 22.36 2.54
N TRP B 1288 23.02 23.10 2.64
CA TRP B 1288 24.08 22.76 3.57
C TRP B 1288 24.31 23.91 4.54
N SER B 1289 23.90 23.72 5.79
CA SER B 1289 23.92 24.78 6.79
C SER B 1289 25.08 24.59 7.74
N ALA B 1290 25.70 25.69 8.13
CA ALA B 1290 26.68 25.64 9.21
C ALA B 1290 25.98 25.26 10.50
N LEU B 1291 26.74 24.74 11.45
CA LEU B 1291 26.13 24.12 12.62
C LEU B 1291 26.19 25.08 13.82
N PRO B 1292 25.14 25.10 14.64
CA PRO B 1292 25.15 25.97 15.82
C PRO B 1292 26.30 25.65 16.75
N ALA B 1293 26.80 26.66 17.43
CA ALA B 1293 27.98 26.52 18.26
C ALA B 1293 27.73 25.58 19.43
N ALA B 1294 28.69 24.68 19.66
CA ALA B 1294 28.57 23.76 20.78
C ALA B 1294 28.68 24.51 22.10
N GLU B 1295 27.86 24.09 23.07
CA GLU B 1295 27.83 24.76 24.35
C GLU B 1295 29.18 24.63 25.06
N PRO B 1296 29.74 25.72 25.57
CA PRO B 1296 30.95 25.60 26.39
C PRO B 1296 30.67 24.77 27.62
N ASP B 1297 31.60 23.85 27.90
CA ASP B 1297 31.43 22.92 29.01
C ASP B 1297 31.18 23.68 30.31
N SER B 1298 30.15 23.26 31.03
CA SER B 1298 29.73 23.97 32.22
C SER B 1298 28.84 23.06 33.04
N THR B 1299 28.34 23.60 34.16
CA THR B 1299 27.46 22.80 35.00
C THR B 1299 26.15 22.49 34.29
N VAL B 1300 25.59 23.46 33.57
CA VAL B 1300 24.29 23.23 32.94
C VAL B 1300 24.39 22.16 31.86
N ARG B 1301 25.55 22.08 31.18
CA ARG B 1301 25.75 20.98 30.25
C ARG B 1301 25.88 19.66 31.00
N ALA B 1302 26.63 19.66 32.09
CA ALA B 1302 26.73 18.46 32.91
C ALA B 1302 25.36 18.06 33.45
N HIS B 1303 24.60 19.03 33.93
CA HIS B 1303 23.26 18.74 34.41
C HIS B 1303 22.40 18.12 33.32
N PHE B 1304 22.38 18.75 32.14
CA PHE B 1304 21.52 18.23 31.09
C PHE B 1304 21.95 16.84 30.67
N GLN B 1305 23.24 16.60 30.58
CA GLN B 1305 23.70 15.28 30.18
C GLN B 1305 23.34 14.23 31.21
N ALA B 1306 23.51 14.55 32.49
CA ALA B 1306 23.15 13.59 33.53
C ALA B 1306 21.65 13.35 33.54
N GLU B 1307 20.87 14.35 33.15
CA GLU B 1307 19.44 14.14 33.04
C GLU B 1307 19.12 13.22 31.88
N LEU B 1308 19.74 13.48 30.72
CA LEU B 1308 19.40 12.73 29.52
C LEU B 1308 19.80 11.27 29.64
N LEU B 1309 20.98 11.01 30.20
CA LEU B 1309 21.48 9.64 30.27
C LEU B 1309 20.49 8.73 30.97
N LEU B 1310 19.84 9.21 32.02
CA LEU B 1310 18.84 8.40 32.70
C LEU B 1310 17.66 8.08 31.81
N GLY B 1311 17.48 8.81 30.72
CA GLY B 1311 16.37 8.51 29.83
C GLY B 1311 16.70 7.40 28.87
N ARG B 1312 17.95 7.32 28.45
CA ARG B 1312 18.34 6.33 27.45
C ARG B 1312 18.42 4.95 28.05
N HIS B 1313 19.11 4.81 29.18
CA HIS B 1313 19.21 3.55 29.90
C HIS B 1313 18.20 3.57 31.04
N GLY B 1314 17.70 2.41 31.39
CA GLY B 1314 16.85 2.32 32.55
C GLY B 1314 17.58 2.78 33.79
N VAL B 1315 18.64 2.07 34.15
CA VAL B 1315 19.43 2.34 35.34
C VAL B 1315 20.83 2.72 34.90
N LEU B 1316 21.20 3.99 35.15
CA LEU B 1316 22.54 4.41 34.83
C LEU B 1316 23.54 3.61 35.65
N THR B 1317 24.66 3.28 35.02
CA THR B 1317 25.65 2.40 35.63
C THR B 1317 27.04 2.88 35.28
N LYS B 1318 28.00 2.58 36.17
CA LYS B 1318 29.39 2.96 35.92
C LYS B 1318 29.91 2.31 34.64
N GLY B 1319 29.21 1.29 34.14
CA GLY B 1319 29.61 0.69 32.88
C GLY B 1319 29.23 1.54 31.69
N ALA B 1320 27.95 1.89 31.57
CA ALA B 1320 27.45 2.54 30.36
C ALA B 1320 28.16 3.84 30.09
N VAL B 1321 28.46 4.60 31.16
CA VAL B 1321 29.21 5.84 31.01
C VAL B 1321 30.54 5.57 30.32
N GLY B 1322 31.06 4.35 30.44
CA GLY B 1322 32.29 4.01 29.75
C GLY B 1322 32.10 3.97 28.24
N ALA B 1323 31.21 3.10 27.76
CA ALA B 1323 31.05 2.95 26.31
C ALA B 1323 30.51 4.22 25.68
N GLU B 1324 29.72 4.99 26.43
CA GLU B 1324 29.32 6.29 25.92
C GLU B 1324 30.42 7.30 26.16
N GLY B 1325 30.52 8.26 25.25
CA GLY B 1325 31.50 9.31 25.40
C GLY B 1325 31.03 10.38 26.37
N VAL B 1326 31.75 10.56 27.47
CA VAL B 1326 31.43 11.56 28.48
C VAL B 1326 32.68 12.39 28.71
N PRO B 1327 32.63 13.72 28.55
CA PRO B 1327 33.85 14.52 28.63
C PRO B 1327 34.41 14.67 30.03
N GLY B 1328 33.75 14.10 31.04
CA GLY B 1328 34.27 14.21 32.38
C GLY B 1328 34.57 12.87 33.01
N GLY B 1329 34.28 11.79 32.30
CA GLY B 1329 34.39 10.46 32.88
C GLY B 1329 33.33 10.24 33.94
N PHE B 1330 33.20 8.98 34.36
CA PHE B 1330 32.19 8.65 35.36
C PHE B 1330 32.46 9.36 36.68
N ALA B 1331 33.73 9.69 36.95
CA ALA B 1331 34.09 10.28 38.24
C ALA B 1331 33.35 11.61 38.45
N THR B 1332 33.46 12.52 37.48
CA THR B 1332 32.81 13.83 37.64
C THR B 1332 31.31 13.73 37.46
N LEU B 1333 30.85 12.83 36.59
CA LEU B 1333 29.41 12.64 36.43
C LEU B 1333 28.78 12.15 37.71
N TYR B 1334 29.40 11.15 38.34
CA TYR B 1334 28.86 10.59 39.59
C TYR B 1334 28.62 11.67 40.63
N LYS B 1335 29.36 12.76 40.56
CA LYS B 1335 29.24 13.80 41.58
C LYS B 1335 27.94 14.57 41.43
N VAL B 1336 27.62 14.99 40.21
CA VAL B 1336 26.38 15.74 40.02
C VAL B 1336 25.18 14.84 40.22
N LEU B 1337 25.33 13.54 39.93
CA LEU B 1337 24.24 12.62 40.18
C LEU B 1337 23.96 12.48 41.67
N SER B 1338 24.99 12.66 42.49
CA SER B 1338 24.76 12.71 43.94
C SER B 1338 23.88 13.90 44.31
N ALA B 1339 24.11 15.05 43.68
CA ALA B 1339 23.22 16.18 43.92
C ALA B 1339 21.81 15.86 43.48
N PHE B 1340 21.67 15.10 42.39
CA PHE B 1340 20.35 14.66 41.96
C PHE B 1340 19.69 13.78 43.01
N GLU B 1341 20.44 12.81 43.53
CA GLU B 1341 19.88 11.92 44.55
C GLU B 1341 19.46 12.69 45.79
N ASP B 1342 20.30 13.63 46.24
CA ASP B 1342 19.95 14.41 47.42
C ASP B 1342 18.75 15.31 47.15
N ALA B 1343 18.59 15.75 45.90
CA ALA B 1343 17.39 16.49 45.54
C ALA B 1343 16.18 15.57 45.49
N GLY B 1344 16.41 14.28 45.38
CA GLY B 1344 15.32 13.33 45.37
C GLY B 1344 14.81 12.92 44.00
N ARG B 1345 15.62 13.03 42.95
CA ARG B 1345 15.12 12.74 41.62
C ARG B 1345 15.60 11.38 41.12
N CYS B 1346 16.27 10.60 41.98
CA CYS B 1346 16.76 9.28 41.61
C CYS B 1346 17.06 8.47 42.86
N GLN B 1347 16.75 7.18 42.82
CA GLN B 1347 17.02 6.31 43.96
C GLN B 1347 18.34 5.56 43.76
N ARG B 1348 19.18 5.60 44.78
CA ARG B 1348 20.54 5.09 44.71
C ARG B 1348 20.63 3.59 44.96
N GLY B 1349 19.55 2.85 44.72
CA GLY B 1349 19.52 1.46 45.14
C GLY B 1349 20.38 0.58 44.26
N TYR B 1350 20.53 -0.67 44.69
CA TYR B 1350 21.32 -1.69 44.00
C TYR B 1350 20.39 -2.61 43.21
N PHE B 1351 20.14 -2.21 41.96
CA PHE B 1351 18.97 -2.73 41.26
C PHE B 1351 19.28 -3.97 40.45
N VAL B 1352 20.34 -3.96 39.65
CA VAL B 1352 20.75 -5.12 38.88
C VAL B 1352 21.80 -5.88 39.68
N GLU B 1353 21.79 -7.20 39.57
CA GLU B 1353 22.55 -8.01 40.53
C GLU B 1353 24.05 -7.94 40.29
N SER B 1354 24.50 -8.32 39.10
CA SER B 1354 25.92 -8.56 38.89
C SER B 1354 26.73 -7.27 38.91
N LEU B 1355 26.09 -6.14 38.65
CA LEU B 1355 26.82 -4.95 38.28
C LEU B 1355 27.45 -4.27 39.51
N GLY B 1356 27.89 -3.03 39.30
CA GLY B 1356 28.90 -2.44 40.17
C GLY B 1356 28.54 -2.41 41.64
N GLY B 1357 27.41 -1.80 41.98
CA GLY B 1357 27.05 -1.61 43.37
C GLY B 1357 26.72 -0.17 43.73
N ALA B 1358 26.89 0.77 42.81
CA ALA B 1358 26.46 2.15 43.00
C ALA B 1358 25.68 2.67 41.81
N GLN B 1359 24.97 1.78 41.12
CA GLN B 1359 24.12 2.15 40.00
C GLN B 1359 22.85 2.76 40.55
N PHE B 1360 22.24 3.67 39.80
CA PHE B 1360 20.96 4.24 40.20
C PHE B 1360 20.21 4.84 39.03
N ALA B 1361 18.91 5.04 39.25
CA ALA B 1361 17.99 5.52 38.25
C ALA B 1361 16.84 6.28 38.90
N VAL B 1362 15.87 6.67 38.08
CA VAL B 1362 14.73 7.42 38.58
C VAL B 1362 13.76 6.46 39.22
N ALA B 1363 12.87 6.99 40.06
CA ALA B 1363 12.07 6.15 40.94
C ALA B 1363 10.95 5.43 40.19
N SER B 1364 10.32 6.12 39.25
CA SER B 1364 9.15 5.56 38.58
C SER B 1364 9.50 4.33 37.76
N THR B 1365 10.66 4.33 37.11
CA THR B 1365 11.01 3.21 36.25
C THR B 1365 11.36 1.95 37.04
N VAL B 1366 11.85 2.10 38.27
CA VAL B 1366 12.21 0.93 39.06
C VAL B 1366 11.01 0.00 39.19
N ASP B 1367 9.83 0.56 39.41
CA ASP B 1367 8.62 -0.26 39.41
C ASP B 1367 8.52 -1.09 38.15
N ARG B 1368 8.63 -0.43 36.98
CA ARG B 1368 8.62 -1.18 35.73
C ARG B 1368 9.76 -2.20 35.71
N LEU B 1369 10.89 -1.86 36.31
CA LEU B 1369 12.00 -2.81 36.36
C LEU B 1369 11.65 -3.99 37.23
N ARG B 1370 10.76 -3.81 38.21
CA ARG B 1370 10.46 -4.90 39.13
C ARG B 1370 9.69 -6.00 38.44
N SER B 1371 8.96 -5.67 37.39
CA SER B 1371 8.46 -6.72 36.52
C SER B 1371 9.63 -7.35 35.79
N TYR B 1372 9.34 -8.33 34.95
CA TYR B 1372 10.35 -9.14 34.27
C TYR B 1372 11.11 -9.99 35.28
N LEU B 1373 10.80 -9.87 36.56
CA LEU B 1373 11.53 -10.62 37.58
C LEU B 1373 11.20 -12.10 37.44
N ASP B 1374 12.23 -12.93 37.42
CA ASP B 1374 12.04 -14.35 37.27
C ASP B 1374 11.33 -14.92 38.49
N ASN B 1375 10.07 -15.32 38.30
CA ASN B 1375 9.33 -15.91 39.40
C ASN B 1375 9.97 -17.23 39.81
N VAL B 1376 9.77 -17.61 41.07
CA VAL B 1376 10.41 -18.80 41.59
C VAL B 1376 9.53 -20.01 41.30
N ASP B 1377 9.61 -20.49 40.06
CA ASP B 1377 8.82 -21.62 39.60
C ASP B 1377 9.67 -22.39 38.61
N PRO B 1378 9.44 -23.68 38.49
CA PRO B 1378 10.08 -24.44 37.40
C PRO B 1378 9.29 -24.32 36.11
N GLU B 1379 9.27 -23.11 35.56
CA GLU B 1379 8.50 -22.81 34.36
C GLU B 1379 9.38 -22.92 33.12
N ARG B 1380 8.76 -23.32 32.03
CA ARG B 1380 9.44 -23.41 30.75
C ARG B 1380 9.58 -22.02 30.14
N PRO B 1381 10.73 -21.74 29.53
CA PRO B 1381 10.96 -20.40 29.00
C PRO B 1381 10.00 -20.04 27.89
N GLU B 1382 9.97 -18.75 27.57
CA GLU B 1382 9.02 -18.25 26.59
C GLU B 1382 9.63 -18.25 25.19
N TYR B 1383 10.95 -18.10 25.10
CA TYR B 1383 11.65 -18.06 23.82
C TYR B 1383 11.10 -16.96 22.92
N HIS B 1384 11.28 -15.71 23.34
CA HIS B 1384 10.87 -14.55 22.57
C HIS B 1384 12.12 -13.84 22.06
N ALA B 1385 12.59 -14.26 20.89
CA ALA B 1385 13.86 -13.78 20.37
C ALA B 1385 13.76 -12.33 19.92
N VAL B 1386 14.89 -11.64 19.97
CA VAL B 1386 15.00 -10.29 19.44
C VAL B 1386 16.42 -10.09 18.93
N VAL B 1387 16.55 -9.26 17.90
CA VAL B 1387 17.81 -9.08 17.19
C VAL B 1387 18.10 -7.59 17.07
N LEU B 1388 19.31 -7.20 17.46
CA LEU B 1388 19.69 -5.79 17.51
C LEU B 1388 21.01 -5.61 16.81
N ALA B 1389 21.24 -4.43 16.24
CA ALA B 1389 22.56 -4.10 15.75
C ALA B 1389 23.51 -3.86 16.91
N ALA B 1390 24.78 -4.17 16.70
CA ALA B 1390 25.74 -4.14 17.81
C ALA B 1390 25.92 -2.75 18.37
N THR B 1391 25.89 -1.74 17.50
CA THR B 1391 26.07 -0.37 17.98
C THR B 1391 24.79 0.24 18.50
N ASP B 1392 23.65 -0.41 18.32
CA ASP B 1392 22.39 0.14 18.75
C ASP B 1392 22.40 0.37 20.26
N PRO B 1393 21.86 1.48 20.75
CA PRO B 1393 21.88 1.72 22.20
C PRO B 1393 21.11 0.68 22.99
N ALA B 1394 20.22 -0.06 22.34
CA ALA B 1394 19.43 -1.06 23.05
C ALA B 1394 20.24 -2.30 23.37
N ASN B 1395 21.41 -2.41 22.77
CA ASN B 1395 22.28 -3.55 23.04
C ASN B 1395 23.01 -3.34 24.35
N PRO B 1396 22.63 -4.03 25.42
CA PRO B 1396 23.30 -3.78 26.70
C PRO B 1396 24.74 -4.25 26.70
N TYR B 1397 25.04 -5.29 25.93
CA TYR B 1397 26.33 -5.96 26.03
C TYR B 1397 27.45 -5.06 25.56
N GLY B 1398 28.48 -4.94 26.37
CA GLY B 1398 29.53 -3.99 26.12
C GLY B 1398 29.26 -2.61 26.66
N ALA B 1399 28.04 -2.34 27.11
CA ALA B 1399 27.73 -1.04 27.67
C ALA B 1399 27.64 -1.14 29.18
N ALA B 1400 26.74 -1.98 29.67
CA ALA B 1400 26.58 -2.17 31.10
C ALA B 1400 26.92 -3.59 31.51
N LEU B 1401 26.40 -4.59 30.78
CA LEU B 1401 26.60 -5.97 31.18
C LEU B 1401 28.04 -6.40 31.00
N GLY B 1402 28.60 -6.18 29.82
CA GLY B 1402 29.94 -6.65 29.53
C GLY B 1402 29.91 -8.01 28.86
N TRP B 1403 30.81 -8.17 27.91
CA TRP B 1403 30.82 -9.37 27.10
C TRP B 1403 31.04 -10.60 27.98
N PRO B 1404 30.32 -11.69 27.74
CA PRO B 1404 30.27 -12.76 28.74
C PRO B 1404 31.54 -13.61 28.77
N THR B 1405 32.18 -13.83 27.63
CA THR B 1405 33.40 -14.64 27.63
C THR B 1405 34.26 -14.30 26.42
N ASP B 1406 35.56 -14.21 26.66
CA ASP B 1406 36.56 -14.11 25.60
C ASP B 1406 37.60 -15.20 25.88
N SER B 1407 37.11 -16.41 26.16
CA SER B 1407 37.98 -17.50 26.60
C SER B 1407 38.91 -17.97 25.48
N GLU B 1408 38.71 -17.47 24.26
CA GLU B 1408 39.51 -17.93 23.15
C GLU B 1408 39.88 -16.74 22.26
N ALA B 1409 40.43 -17.05 21.10
CA ALA B 1409 41.02 -16.07 20.18
C ALA B 1409 39.92 -15.13 19.70
N HIS B 1410 38.86 -15.62 19.06
CA HIS B 1410 37.87 -14.74 18.46
C HIS B 1410 37.14 -13.93 19.54
N ARG B 1411 37.13 -12.62 19.36
CA ARG B 1411 36.52 -11.71 20.30
C ARG B 1411 35.36 -10.97 19.64
N PRO B 1412 34.23 -10.81 20.32
CA PRO B 1412 33.15 -9.97 19.79
C PRO B 1412 33.26 -8.57 20.35
N GLY B 1413 32.68 -7.62 19.62
CA GLY B 1413 32.66 -6.25 20.07
C GLY B 1413 31.54 -5.44 19.47
N ARG B 1414 31.46 -4.16 19.84
CA ARG B 1414 30.46 -3.26 19.27
C ARG B 1414 31.00 -2.59 18.00
N LYS B 1415 31.44 -3.40 17.06
CA LYS B 1415 31.87 -2.88 15.77
C LYS B 1415 30.66 -2.64 14.87
N ALA B 1416 30.84 -1.75 13.90
CA ALA B 1416 29.74 -1.40 13.02
C ALA B 1416 29.28 -2.61 12.22
N GLY B 1417 28.02 -2.61 11.83
CA GLY B 1417 27.48 -3.65 10.99
C GLY B 1417 27.49 -5.04 11.60
N ALA B 1418 27.56 -5.14 12.92
CA ALA B 1418 27.50 -6.41 13.62
C ALA B 1418 26.13 -6.56 14.25
N LEU B 1419 25.57 -7.76 14.18
CA LEU B 1419 24.25 -8.05 14.74
C LEU B 1419 24.40 -8.90 16.00
N VAL B 1420 23.63 -8.55 17.02
CA VAL B 1420 23.57 -9.29 18.27
C VAL B 1420 22.17 -9.84 18.42
N ALA B 1421 22.03 -11.15 18.37
CA ALA B 1421 20.73 -11.81 18.51
C ALA B 1421 20.65 -12.36 19.92
N LEU B 1422 19.54 -12.10 20.60
CA LEU B 1422 19.36 -12.54 21.98
C LEU B 1422 17.91 -12.93 22.20
N VAL B 1423 17.69 -14.19 22.59
CA VAL B 1423 16.34 -14.68 22.82
C VAL B 1423 15.80 -14.16 24.15
N ASP B 1424 16.62 -14.23 25.18
CA ASP B 1424 16.29 -13.65 26.48
C ASP B 1424 17.46 -12.77 26.85
N GLY B 1425 17.52 -12.34 28.10
CA GLY B 1425 18.63 -11.48 28.53
C GLY B 1425 19.99 -11.94 28.03
N ARG B 1426 20.19 -13.24 27.93
CA ARG B 1426 21.46 -13.75 27.43
C ARG B 1426 21.43 -13.82 25.91
N LEU B 1427 22.55 -13.50 25.29
CA LEU B 1427 22.67 -13.53 23.83
C LEU B 1427 23.08 -14.94 23.43
N VAL B 1428 22.63 -15.38 22.26
CA VAL B 1428 23.03 -16.69 21.78
C VAL B 1428 24.05 -16.56 20.66
N TRP B 1429 23.88 -15.59 19.77
CA TRP B 1429 24.67 -15.50 18.55
C TRP B 1429 25.35 -14.15 18.45
N PHE B 1430 25.99 -13.95 17.31
CA PHE B 1430 26.70 -12.74 16.98
C PHE B 1430 27.14 -12.87 15.54
N LEU B 1431 27.06 -11.80 14.77
CA LEU B 1431 27.55 -11.80 13.41
C LEU B 1431 28.51 -10.64 13.22
N GLU B 1432 29.61 -10.89 12.54
CA GLU B 1432 30.61 -9.85 12.31
C GLU B 1432 30.33 -9.06 11.03
N ARG B 1433 29.65 -9.68 10.07
CA ARG B 1433 29.10 -8.98 8.93
C ARG B 1433 28.17 -9.95 8.22
N GLY B 1434 27.40 -9.42 7.25
CA GLY B 1434 26.39 -10.23 6.60
C GLY B 1434 26.89 -11.58 6.14
N GLY B 1435 28.19 -11.67 5.83
CA GLY B 1435 28.81 -12.91 5.42
C GLY B 1435 29.96 -13.38 6.28
N ARG B 1436 30.27 -12.69 7.37
CA ARG B 1436 31.42 -13.04 8.17
C ARG B 1436 31.05 -14.09 9.21
N SER B 1437 31.95 -14.27 10.18
CA SER B 1437 31.83 -15.32 11.17
C SER B 1437 30.55 -15.19 11.97
N LEU B 1438 30.26 -16.25 12.71
CA LEU B 1438 29.14 -16.34 13.62
C LEU B 1438 29.63 -16.97 14.90
N LEU B 1439 29.19 -16.44 16.03
CA LEU B 1439 29.63 -16.92 17.32
C LEU B 1439 28.51 -17.76 17.93
N SER B 1440 28.78 -19.06 18.09
CA SER B 1440 27.79 -19.95 18.70
C SER B 1440 27.75 -19.74 20.20
N PHE B 1441 28.18 -18.56 20.63
CA PHE B 1441 28.71 -18.21 21.95
C PHE B 1441 27.99 -18.97 23.06
N GLY B 1442 26.66 -18.93 23.14
CA GLY B 1442 26.01 -19.53 24.29
C GLY B 1442 25.97 -21.04 24.22
N ALA B 1443 25.71 -21.59 23.04
CA ALA B 1443 25.53 -23.03 22.86
C ALA B 1443 24.44 -23.55 23.78
N ASP B 1444 23.28 -22.91 23.73
CA ASP B 1444 22.14 -23.35 24.54
C ASP B 1444 21.23 -24.24 23.69
N ALA B 1445 20.47 -25.10 24.37
CA ALA B 1445 19.66 -26.06 23.65
C ALA B 1445 18.34 -25.45 23.21
N ASP B 1446 18.01 -25.64 21.93
CA ASP B 1446 16.73 -25.34 21.31
C ASP B 1446 16.43 -23.85 21.23
N ALA B 1447 17.29 -22.98 21.76
CA ALA B 1447 17.03 -21.55 21.65
C ALA B 1447 17.43 -21.03 20.29
N GLN B 1448 18.39 -21.68 19.64
CA GLN B 1448 18.88 -21.19 18.36
C GLN B 1448 17.80 -21.24 17.29
N ARG B 1449 16.76 -22.05 17.51
CA ARG B 1449 15.69 -22.11 16.53
C ARG B 1449 14.94 -20.79 16.46
N ALA B 1450 14.56 -20.22 17.60
CA ALA B 1450 13.86 -18.94 17.58
C ALA B 1450 14.77 -17.81 17.09
N ALA B 1451 16.04 -17.84 17.48
CA ALA B 1451 16.94 -16.80 17.01
C ALA B 1451 17.10 -16.84 15.51
N ALA B 1452 17.31 -18.03 14.95
CA ALA B 1452 17.39 -18.17 13.50
C ALA B 1452 16.09 -17.74 12.85
N GLY B 1453 14.96 -18.02 13.50
CA GLY B 1453 13.69 -17.55 12.97
C GLY B 1453 13.62 -16.04 12.88
N ALA B 1454 14.08 -15.35 13.93
CA ALA B 1454 14.06 -13.89 13.92
C ALA B 1454 14.99 -13.32 12.85
N LEU B 1455 16.18 -13.92 12.71
CA LEU B 1455 17.06 -13.53 11.62
C LEU B 1455 16.36 -13.68 10.27
N THR B 1456 15.65 -14.80 10.09
CA THR B 1456 14.90 -14.99 8.86
C THR B 1456 13.85 -13.93 8.65
N ASP B 1457 13.15 -13.55 9.72
CA ASP B 1457 12.13 -12.51 9.56
C ASP B 1457 12.75 -11.20 9.11
N LEU B 1458 13.86 -10.79 9.74
CA LEU B 1458 14.54 -9.59 9.26
C LEU B 1458 14.91 -9.70 7.80
N VAL B 1459 15.54 -10.81 7.41
CA VAL B 1459 16.04 -10.95 6.04
C VAL B 1459 14.88 -10.91 5.06
N SER B 1460 13.75 -11.51 5.43
CA SER B 1460 12.59 -11.52 4.56
C SER B 1460 12.02 -10.12 4.39
N ALA B 1461 11.85 -9.39 5.49
CA ALA B 1461 11.32 -8.04 5.38
C ALA B 1461 12.27 -7.12 4.63
N GLY B 1462 13.52 -7.53 4.50
CA GLY B 1462 14.53 -6.73 3.83
C GLY B 1462 15.31 -5.81 4.74
N ARG B 1463 15.09 -5.88 6.05
CA ARG B 1463 15.75 -4.95 6.96
C ARG B 1463 17.26 -5.07 6.86
N ILE B 1464 17.81 -6.26 7.07
CA ILE B 1464 19.25 -6.44 6.87
C ILE B 1464 19.59 -6.01 5.46
N PRO B 1465 20.62 -5.19 5.24
CA PRO B 1465 20.92 -4.74 3.87
C PRO B 1465 21.19 -5.89 2.92
N SER B 1466 21.56 -7.04 3.44
CA SER B 1466 21.92 -8.19 2.62
C SER B 1466 21.09 -9.39 3.04
N LEU B 1467 21.28 -10.49 2.32
CA LEU B 1467 20.86 -11.79 2.82
C LEU B 1467 22.00 -12.40 3.60
N LEU B 1468 21.66 -13.19 4.63
CA LEU B 1468 22.67 -13.65 5.57
C LEU B 1468 23.56 -14.71 4.94
N VAL B 1469 24.85 -14.66 5.30
CA VAL B 1469 25.84 -15.64 4.85
C VAL B 1469 26.76 -15.91 6.04
N GLU B 1470 27.31 -17.11 6.15
CA GLU B 1470 28.28 -17.41 7.20
C GLU B 1470 29.26 -18.46 6.69
N ARG B 1471 30.51 -18.03 6.53
CA ARG B 1471 31.57 -18.95 6.14
C ARG B 1471 32.45 -19.34 7.32
N ILE B 1472 32.77 -18.39 8.18
CA ILE B 1472 33.70 -18.59 9.27
C ILE B 1472 32.96 -18.94 10.56
N ASN B 1473 31.73 -19.44 10.44
CA ASN B 1473 30.86 -19.68 11.58
C ASN B 1473 31.53 -20.55 12.64
N GLY B 1474 31.10 -20.37 13.88
CA GLY B 1474 31.74 -21.04 14.99
C GLY B 1474 33.11 -20.46 15.25
N VAL B 1475 33.98 -21.31 15.79
CA VAL B 1475 35.37 -20.99 16.12
C VAL B 1475 36.18 -20.71 14.85
N ALA B 1476 35.50 -20.62 13.70
CA ALA B 1476 36.09 -20.77 12.37
C ALA B 1476 36.31 -22.25 12.04
N VAL B 1477 35.30 -23.06 12.35
CA VAL B 1477 35.28 -24.44 11.92
C VAL B 1477 35.17 -24.53 10.40
N LEU B 1478 34.30 -23.72 9.80
CA LEU B 1478 34.01 -23.65 8.36
C LEU B 1478 33.13 -24.81 7.91
N ASP B 1479 32.59 -25.57 8.86
CA ASP B 1479 31.84 -26.80 8.60
C ASP B 1479 32.37 -27.67 7.45
N PRO B 1480 33.60 -28.20 7.57
CA PRO B 1480 33.96 -29.35 6.74
C PRO B 1480 33.45 -30.66 7.30
N ASP B 1481 33.40 -30.78 8.63
CA ASP B 1481 32.89 -31.96 9.30
C ASP B 1481 32.15 -31.53 10.56
N VAL B 1482 31.45 -32.49 11.18
CA VAL B 1482 30.58 -32.18 12.31
C VAL B 1482 31.39 -32.18 13.61
N ASP B 1483 31.21 -31.14 14.41
CA ASP B 1483 31.81 -31.03 15.73
C ASP B 1483 30.71 -31.09 16.79
N ALA B 1484 31.11 -31.35 18.04
CA ALA B 1484 30.14 -31.55 19.09
C ALA B 1484 29.49 -30.25 19.52
N GLU B 1485 30.25 -29.16 19.55
CA GLU B 1485 29.71 -27.88 19.99
C GLU B 1485 28.73 -27.32 18.97
N ARG B 1486 28.99 -27.54 17.69
CA ARG B 1486 28.19 -26.90 16.66
C ARG B 1486 26.91 -27.67 16.37
N ALA B 1487 26.78 -28.86 16.93
CA ALA B 1487 25.77 -29.87 16.57
C ALA B 1487 24.44 -29.18 16.29
N VAL B 1488 23.96 -28.30 17.18
CA VAL B 1488 22.61 -27.78 17.07
C VAL B 1488 22.57 -26.56 16.16
N VAL B 1489 23.72 -25.92 15.94
CA VAL B 1489 23.74 -24.68 15.17
C VAL B 1489 23.30 -24.94 13.73
N GLN B 1490 23.89 -25.95 13.10
CA GLN B 1490 23.51 -26.28 11.73
C GLN B 1490 22.04 -26.70 11.67
N ASP B 1491 21.63 -27.59 12.56
CA ASP B 1491 20.26 -28.07 12.55
C ASP B 1491 19.26 -26.94 12.82
N ALA B 1492 19.74 -25.85 13.44
CA ALA B 1492 18.91 -24.67 13.60
C ALA B 1492 18.84 -23.88 12.30
N LEU B 1493 19.99 -23.69 11.64
CA LEU B 1493 19.97 -23.04 10.33
C LEU B 1493 19.07 -23.79 9.35
N LEU B 1494 19.01 -25.11 9.47
CA LEU B 1494 18.01 -25.87 8.73
C LEU B 1494 16.60 -25.52 9.20
N GLY B 1495 16.46 -25.12 10.47
CA GLY B 1495 15.14 -24.86 11.02
C GLY B 1495 14.53 -23.58 10.49
N ALA B 1496 15.33 -22.52 10.38
CA ALA B 1496 14.84 -21.29 9.78
C ALA B 1496 14.80 -21.39 8.27
N GLY B 1497 15.71 -22.16 7.70
CA GLY B 1497 15.77 -22.38 6.26
C GLY B 1497 17.15 -22.25 5.67
N LEU B 1498 18.08 -21.59 6.36
CA LEU B 1498 19.42 -21.30 5.86
C LEU B 1498 19.37 -20.84 4.41
N SER B 1499 18.68 -19.70 4.20
CA SER B 1499 18.59 -19.14 2.86
C SER B 1499 19.96 -19.00 2.20
N ARG B 1500 21.01 -18.90 3.00
CA ARG B 1500 22.37 -19.09 2.54
C ARG B 1500 23.20 -19.64 3.70
N THR B 1501 24.06 -20.61 3.40
CA THR B 1501 24.83 -21.28 4.44
C THR B 1501 26.32 -21.13 4.19
N ASP C 895 19.44 -5.42 -60.16
CA ASP C 895 18.04 -5.86 -60.18
C ASP C 895 17.14 -4.71 -60.63
N PRO C 896 16.17 -5.01 -61.47
CA PRO C 896 15.39 -3.94 -62.10
C PRO C 896 14.41 -3.25 -61.17
N ALA C 897 14.41 -1.91 -61.23
CA ALA C 897 13.36 -1.07 -60.64
C ALA C 897 13.25 -1.23 -59.12
N VAL C 898 14.16 -1.98 -58.52
CA VAL C 898 14.19 -2.19 -57.08
C VAL C 898 15.46 -1.62 -56.46
N VAL C 899 16.59 -1.75 -57.18
CA VAL C 899 17.83 -1.13 -56.71
C VAL C 899 17.70 0.37 -56.75
N ALA C 900 16.80 0.90 -57.57
CA ALA C 900 16.60 2.35 -57.61
C ALA C 900 15.73 2.81 -56.47
N SER C 901 14.49 2.30 -56.39
CA SER C 901 13.52 2.80 -55.41
C SER C 901 14.09 2.77 -54.01
N THR C 902 14.77 1.68 -53.64
CA THR C 902 15.43 1.63 -52.34
C THR C 902 16.50 2.71 -52.23
N SER C 903 17.35 2.83 -53.25
CA SER C 903 18.41 3.83 -53.20
C SER C 903 17.84 5.23 -53.04
N ALA C 904 16.58 5.43 -53.43
CA ALA C 904 15.92 6.69 -53.15
C ALA C 904 15.52 6.78 -51.68
N GLN C 905 15.05 5.67 -51.11
CA GLN C 905 14.64 5.69 -49.72
C GLN C 905 15.81 5.97 -48.79
N LEU C 906 16.95 5.34 -49.05
CA LEU C 906 18.10 5.50 -48.17
C LEU C 906 18.59 6.94 -48.13
N GLN C 907 18.46 7.66 -49.24
CA GLN C 907 18.97 9.02 -49.36
C GLN C 907 17.92 10.08 -49.06
N HIS C 908 16.75 9.70 -48.56
CA HIS C 908 15.65 10.60 -48.23
C HIS C 908 15.10 11.34 -49.44
N LEU C 909 15.37 10.87 -50.67
CA LEU C 909 14.84 11.57 -51.83
C LEU C 909 13.33 11.48 -51.90
N THR C 910 12.77 10.35 -51.49
CA THR C 910 11.33 10.15 -51.53
C THR C 910 10.62 11.31 -50.84
N PRO C 911 9.51 11.78 -51.41
CA PRO C 911 8.82 12.93 -50.80
C PRO C 911 8.38 12.70 -49.37
N GLU C 912 8.12 11.44 -48.99
CA GLU C 912 7.60 11.19 -47.64
C GLU C 912 8.70 11.27 -46.60
N ARG C 913 9.92 10.91 -46.98
CA ARG C 913 11.05 11.01 -46.05
C ARG C 913 11.69 12.37 -46.05
N ALA C 914 11.10 13.34 -46.76
CA ALA C 914 11.66 14.69 -46.77
C ALA C 914 11.74 15.25 -45.36
N ALA C 915 12.64 16.19 -45.16
CA ALA C 915 12.84 16.80 -43.84
C ALA C 915 12.16 18.16 -43.84
N ARG C 916 11.45 18.47 -42.76
CA ARG C 916 10.73 19.73 -42.72
C ARG C 916 11.41 20.76 -41.81
N ASP C 917 11.67 20.41 -40.57
CA ASP C 917 12.20 21.38 -39.62
C ASP C 917 13.61 21.79 -39.96
N ALA C 918 14.07 22.86 -39.31
CA ALA C 918 15.49 23.16 -39.33
C ALA C 918 16.29 22.05 -38.69
N GLU C 919 15.82 21.56 -37.53
CA GLU C 919 16.50 20.44 -36.89
C GLU C 919 16.39 19.18 -37.73
N GLY C 920 15.36 19.09 -38.56
CA GLY C 920 15.29 17.97 -39.50
C GLY C 920 16.39 18.01 -40.53
N VAL C 921 17.17 19.09 -40.56
CA VAL C 921 18.30 19.16 -41.47
C VAL C 921 19.58 18.71 -40.76
N ALA C 922 19.77 19.12 -39.50
CA ALA C 922 20.97 18.71 -38.79
C ALA C 922 21.08 17.19 -38.73
N ASP C 923 20.00 16.52 -38.33
CA ASP C 923 20.02 15.06 -38.31
C ASP C 923 20.20 14.49 -39.71
N LEU C 924 19.66 15.17 -40.72
CA LEU C 924 19.92 14.76 -42.09
C LEU C 924 21.40 14.80 -42.40
N LEU C 925 22.08 15.87 -41.98
CA LEU C 925 23.50 15.99 -42.30
C LEU C 925 24.34 15.00 -41.51
N ARG C 926 23.92 14.65 -40.29
CA ARG C 926 24.72 13.71 -39.51
C ARG C 926 24.40 12.27 -39.89
N LEU C 927 23.28 12.06 -40.57
CA LEU C 927 23.00 10.74 -41.13
C LEU C 927 23.70 10.58 -42.47
N LEU C 928 23.35 11.42 -43.43
CA LEU C 928 24.01 11.39 -44.72
C LEU C 928 25.38 12.05 -44.63
N GLY C 929 26.04 12.16 -45.77
CA GLY C 929 27.30 12.87 -45.84
C GLY C 929 27.07 14.35 -45.91
N PRO C 930 28.08 15.15 -45.62
CA PRO C 930 27.97 16.60 -45.82
C PRO C 930 27.57 16.90 -47.25
N LEU C 931 26.45 17.59 -47.41
CA LEU C 931 25.84 17.78 -48.70
C LEU C 931 26.03 19.21 -49.17
N THR C 932 25.67 19.44 -50.43
CA THR C 932 25.65 20.80 -50.96
C THR C 932 24.27 21.41 -50.79
N GLU C 933 24.26 22.73 -50.59
CA GLU C 933 23.01 23.43 -50.34
C GLU C 933 22.01 23.20 -51.47
N ALA C 934 22.49 23.22 -52.71
CA ALA C 934 21.60 22.98 -53.84
C ALA C 934 21.00 21.59 -53.80
N ASP C 935 21.69 20.64 -53.17
CA ASP C 935 21.12 19.31 -53.01
C ASP C 935 20.21 19.25 -51.79
N ILE C 936 20.63 19.86 -50.69
CA ILE C 936 19.77 19.90 -49.50
C ILE C 936 18.41 20.46 -49.88
N ALA C 937 18.37 21.39 -50.82
CA ALA C 937 17.09 21.91 -51.27
C ALA C 937 16.23 20.81 -51.91
N GLN C 938 16.85 19.74 -52.37
CA GLN C 938 16.08 18.65 -52.98
C GLN C 938 15.35 17.84 -51.92
N ARG C 939 16.00 17.59 -50.79
CA ARG C 939 15.38 16.78 -49.76
C ARG C 939 14.28 17.54 -49.03
N CYS C 940 14.60 18.69 -48.44
CA CYS C 940 13.64 19.44 -47.66
C CYS C 940 12.40 19.77 -48.48
N THR C 941 11.27 19.94 -47.79
CA THR C 941 10.02 20.14 -48.50
C THR C 941 9.76 21.61 -48.78
N ALA C 942 10.45 22.50 -48.07
CA ALA C 942 10.21 23.93 -48.25
C ALA C 942 10.69 24.39 -49.62
N ASP C 943 10.16 25.53 -50.05
CA ASP C 943 10.55 26.07 -51.35
C ASP C 943 11.88 26.82 -51.26
N ASN C 944 12.09 27.58 -50.20
CA ASN C 944 13.32 28.33 -49.98
C ASN C 944 14.01 27.74 -48.77
N ILE C 945 15.34 27.61 -48.86
CA ILE C 945 16.11 26.93 -47.82
C ILE C 945 17.31 27.72 -47.34
N GLY C 946 17.59 28.88 -47.94
CA GLY C 946 18.80 29.61 -47.58
C GLY C 946 18.84 30.04 -46.13
N ALA C 947 17.67 30.37 -45.57
CA ALA C 947 17.63 30.93 -44.23
C ALA C 947 17.95 29.89 -43.16
N TRP C 948 17.48 28.66 -43.36
CA TRP C 948 17.64 27.64 -42.32
C TRP C 948 19.10 27.35 -42.04
N LEU C 949 19.90 27.18 -43.09
CA LEU C 949 21.31 26.91 -42.89
C LEU C 949 22.00 28.08 -42.21
N ASP C 950 21.57 29.30 -42.52
CA ASP C 950 22.12 30.46 -41.85
C ASP C 950 21.83 30.42 -40.36
N GLY C 951 20.58 30.08 -40.01
CA GLY C 951 20.24 29.96 -38.60
C GLY C 951 21.06 28.90 -37.90
N LEU C 952 21.20 27.73 -38.51
CA LEU C 952 22.02 26.68 -37.93
C LEU C 952 23.45 27.14 -37.72
N HIS C 953 24.04 27.76 -38.76
CA HIS C 953 25.38 28.32 -38.63
C HIS C 953 25.47 29.28 -37.46
N ALA C 954 24.50 30.18 -37.31
CA ALA C 954 24.50 31.08 -36.17
C ALA C 954 24.51 30.31 -34.86
N ALA C 955 23.76 29.21 -34.79
CA ALA C 955 23.71 28.40 -33.58
C ALA C 955 24.93 27.50 -33.41
N LYS C 956 25.95 27.67 -34.25
CA LYS C 956 27.17 26.87 -34.18
C LYS C 956 26.87 25.38 -34.33
N ARG C 957 25.93 25.05 -35.21
CA ARG C 957 25.65 23.68 -35.61
C ARG C 957 25.63 23.60 -37.13
N ALA C 958 26.37 22.64 -37.67
CA ALA C 958 26.46 22.44 -39.12
C ALA C 958 27.02 23.68 -39.81
N LEU C 959 28.22 24.07 -39.41
CA LEU C 959 28.91 25.16 -40.08
C LEU C 959 29.34 24.74 -41.48
N PRO C 960 29.40 25.67 -42.43
CA PRO C 960 29.72 25.28 -43.81
C PRO C 960 31.22 25.13 -44.01
N VAL C 961 31.59 24.06 -44.70
CA VAL C 961 32.95 23.85 -45.15
C VAL C 961 32.90 23.63 -46.66
N THR C 962 33.92 24.10 -47.37
CA THR C 962 33.97 24.01 -48.83
C THR C 962 35.37 23.56 -49.25
N TYR C 963 35.59 22.24 -49.30
CA TYR C 963 36.93 21.73 -49.58
C TYR C 963 37.12 21.41 -51.05
N ALA C 964 36.35 20.46 -51.58
CA ALA C 964 36.55 20.02 -52.94
C ALA C 964 35.34 20.41 -53.79
N GLY C 965 34.16 19.94 -53.39
CA GLY C 965 32.94 20.51 -53.89
C GLY C 965 32.81 21.95 -53.44
N GLN C 966 32.13 22.75 -54.26
CA GLN C 966 32.21 24.20 -54.07
C GLN C 966 31.45 24.64 -52.82
N THR C 967 30.43 23.89 -52.41
CA THR C 967 29.62 24.21 -51.23
C THR C 967 29.27 22.92 -50.48
N TRP C 968 29.76 22.79 -49.26
CA TRP C 968 29.28 21.71 -48.42
C TRP C 968 28.70 22.24 -47.12
N TRP C 969 28.04 21.36 -46.39
CA TRP C 969 27.59 21.65 -45.03
C TRP C 969 27.77 20.40 -44.20
N ALA C 970 28.55 20.50 -43.13
CA ALA C 970 28.90 19.33 -42.34
C ALA C 970 28.56 19.56 -40.87
N ALA C 971 28.08 18.50 -40.22
CA ALA C 971 27.73 18.59 -38.81
C ALA C 971 28.96 18.89 -37.98
N VAL C 972 28.76 19.60 -36.87
CA VAL C 972 29.88 20.00 -36.02
C VAL C 972 30.52 18.77 -35.38
N GLU C 973 29.70 17.88 -34.84
CA GLU C 973 30.25 16.69 -34.19
C GLU C 973 31.05 15.86 -35.19
N ASP C 974 30.74 15.98 -36.48
CA ASP C 974 31.46 15.24 -37.49
C ASP C 974 32.73 15.97 -37.92
N ILE C 975 32.89 17.23 -37.54
CA ILE C 975 33.86 18.10 -38.20
C ILE C 975 35.28 17.68 -37.86
N GLY C 976 35.45 16.70 -36.98
CA GLY C 976 36.79 16.18 -36.72
C GLY C 976 37.35 15.43 -37.91
N LEU C 977 36.54 14.56 -38.51
CA LEU C 977 37.02 13.77 -39.63
C LEU C 977 37.32 14.64 -40.83
N LEU C 978 36.60 15.76 -40.97
CA LEU C 978 36.92 16.70 -42.05
C LEU C 978 38.08 17.59 -41.66
N ARG C 979 38.22 17.89 -40.37
CA ARG C 979 39.36 18.64 -39.87
C ARG C 979 40.65 17.89 -40.11
N ASP C 980 40.58 16.57 -40.19
CA ASP C 980 41.71 15.80 -40.67
C ASP C 980 42.24 16.35 -41.99
N GLY C 981 41.36 16.86 -42.84
CA GLY C 981 41.80 17.40 -44.12
C GLY C 981 41.98 18.91 -44.08
N ILE C 982 41.05 19.61 -43.45
CA ILE C 982 40.92 21.06 -43.55
C ILE C 982 41.00 21.67 -42.16
N GLY C 983 41.04 22.99 -42.09
CA GLY C 983 41.05 23.71 -40.83
C GLY C 983 39.71 24.38 -40.59
N VAL C 984 39.21 24.25 -39.36
CA VAL C 984 37.89 24.73 -39.00
C VAL C 984 37.92 25.37 -37.61
N PRO C 985 37.12 26.42 -37.35
CA PRO C 985 37.09 27.10 -36.06
C PRO C 985 36.47 26.26 -34.95
N ALA C 993 35.61 18.66 -33.71
CA ALA C 993 34.99 19.08 -32.46
C ALA C 993 35.93 18.88 -31.30
N PHE C 994 36.32 17.63 -31.07
CA PHE C 994 37.14 17.26 -29.93
C PHE C 994 38.40 16.54 -30.41
N THR C 995 39.16 16.03 -29.45
CA THR C 995 40.45 15.41 -29.77
C THR C 995 40.29 13.96 -30.20
N GLU C 996 39.24 13.28 -29.73
CA GLU C 996 39.03 11.89 -30.11
C GLU C 996 38.37 11.82 -31.49
N SER C 997 38.47 12.91 -32.24
CA SER C 997 37.74 13.17 -33.50
C SER C 997 37.73 11.91 -34.36
N ALA C 998 38.89 11.34 -34.72
CA ALA C 998 38.90 10.27 -35.72
C ALA C 998 39.96 9.23 -35.41
N SER C 999 39.59 7.97 -35.63
CA SER C 999 40.58 6.90 -35.66
C SER C 999 41.07 6.67 -37.09
N ASP C 1000 40.15 6.38 -38.01
CA ASP C 1000 40.45 6.34 -39.44
C ASP C 1000 39.63 7.43 -40.11
N PRO C 1001 40.09 8.68 -40.06
CA PRO C 1001 39.28 9.78 -40.60
C PRO C 1001 38.81 9.57 -42.02
N LEU C 1002 39.70 9.18 -42.92
CA LEU C 1002 39.26 8.87 -44.29
C LEU C 1002 38.56 7.53 -44.35
N GLY C 1003 38.58 6.77 -43.26
CA GLY C 1003 37.96 5.45 -43.27
C GLY C 1003 36.48 5.51 -43.02
N ASP C 1004 36.06 6.25 -41.99
CA ASP C 1004 34.63 6.31 -41.66
C ASP C 1004 33.85 7.12 -42.68
N LEU C 1005 34.43 8.22 -43.15
CA LEU C 1005 33.80 9.01 -44.20
C LEU C 1005 33.40 8.11 -45.37
N ILE C 1006 34.32 7.26 -45.82
CA ILE C 1006 33.98 6.31 -46.86
C ILE C 1006 32.91 5.35 -46.37
N GLY C 1007 33.04 4.89 -45.13
CA GLY C 1007 32.06 3.97 -44.58
C GLY C 1007 30.66 4.55 -44.57
N ARG C 1008 30.50 5.72 -43.96
CA ARG C 1008 29.20 6.38 -43.98
C ARG C 1008 28.72 6.61 -45.41
N TYR C 1009 29.61 7.03 -46.30
CA TYR C 1009 29.23 7.15 -47.70
C TYR C 1009 28.83 5.80 -48.26
N ALA C 1010 29.54 4.74 -47.88
CA ALA C 1010 29.17 3.41 -48.32
C ALA C 1010 27.78 3.04 -47.81
N ARG C 1011 27.51 3.37 -46.55
CA ARG C 1011 26.17 3.24 -46.02
C ARG C 1011 25.23 4.20 -46.74
N THR C 1012 23.94 3.90 -46.68
CA THR C 1012 22.92 4.78 -47.25
C THR C 1012 23.14 5.01 -48.74
N ARG C 1013 23.53 3.95 -49.46
CA ARG C 1013 23.75 4.05 -50.89
C ARG C 1013 23.72 2.66 -51.51
N GLY C 1014 23.06 2.57 -52.66
CA GLY C 1014 23.00 1.32 -53.38
C GLY C 1014 24.34 0.94 -53.95
N PRO C 1015 24.32 0.07 -54.95
CA PRO C 1015 25.56 -0.26 -55.66
C PRO C 1015 26.18 0.97 -56.26
N PHE C 1016 27.39 1.30 -55.80
CA PHE C 1016 28.07 2.52 -56.20
C PHE C 1016 29.44 2.17 -56.77
N THR C 1017 29.83 2.90 -57.81
CA THR C 1017 31.10 2.64 -58.46
C THR C 1017 32.24 3.34 -57.73
N THR C 1018 33.39 2.67 -57.69
CA THR C 1018 34.54 3.18 -56.93
C THR C 1018 35.04 4.48 -57.53
N GLU C 1019 34.79 4.71 -58.81
CA GLU C 1019 35.17 5.98 -59.42
C GLU C 1019 34.29 7.11 -58.92
N GLN C 1020 33.06 6.79 -58.52
CA GLN C 1020 32.11 7.80 -58.09
C GLN C 1020 32.51 8.41 -56.77
N THR C 1021 32.83 7.57 -55.77
CA THR C 1021 33.16 8.08 -54.45
C THR C 1021 34.41 8.94 -54.47
N ALA C 1022 35.28 8.74 -55.45
CA ALA C 1022 36.53 9.50 -55.49
C ALA C 1022 36.26 10.97 -55.79
N ALA C 1023 35.43 11.23 -56.81
CA ALA C 1023 35.11 12.61 -57.15
C ALA C 1023 34.26 13.26 -56.07
N ARG C 1024 33.47 12.46 -55.35
CA ARG C 1024 32.63 13.00 -54.30
C ARG C 1024 33.47 13.67 -53.22
N PHE C 1025 34.41 12.95 -52.63
CA PHE C 1025 35.27 13.54 -51.62
C PHE C 1025 36.46 14.25 -52.23
N GLY C 1026 36.44 14.48 -53.55
CA GLY C 1026 37.43 15.28 -54.23
C GLY C 1026 38.76 14.62 -54.48
N LEU C 1027 39.10 13.57 -53.74
CA LEU C 1027 40.37 12.89 -53.90
C LEU C 1027 40.15 11.66 -54.78
N GLY C 1028 40.79 11.66 -55.95
CA GLY C 1028 40.78 10.53 -56.85
C GLY C 1028 42.04 9.68 -56.78
N VAL C 1029 42.74 9.70 -55.65
CA VAL C 1029 43.92 8.86 -55.49
C VAL C 1029 43.51 7.40 -55.43
N ARG C 1030 44.50 6.51 -55.53
CA ARG C 1030 44.20 5.10 -55.61
C ARG C 1030 44.24 4.43 -54.24
N VAL C 1031 44.79 5.11 -53.24
CA VAL C 1031 44.73 4.57 -51.89
C VAL C 1031 43.29 4.52 -51.41
N ALA C 1032 42.44 5.41 -51.94
CA ALA C 1032 41.01 5.34 -51.64
C ALA C 1032 40.41 4.05 -52.16
N SER C 1033 40.84 3.61 -53.35
CA SER C 1033 40.42 2.31 -53.85
C SER C 1033 40.99 1.19 -52.98
N ASP C 1034 42.11 1.45 -52.31
CA ASP C 1034 42.67 0.45 -51.42
C ASP C 1034 41.84 0.31 -50.15
N VAL C 1035 41.11 1.36 -49.77
CA VAL C 1035 40.28 1.27 -48.57
C VAL C 1035 39.12 0.30 -48.80
N LEU C 1036 38.48 0.36 -49.97
CA LEU C 1036 37.49 -0.64 -50.33
C LEU C 1036 38.10 -2.04 -50.30
N SER C 1037 39.40 -2.14 -50.60
CA SER C 1037 40.11 -3.39 -50.38
C SER C 1037 40.55 -3.54 -48.93
N ARG C 1038 40.83 -2.41 -48.26
CA ARG C 1038 41.10 -2.48 -46.82
C ARG C 1038 39.85 -2.86 -46.05
N MET C 1039 38.68 -2.43 -46.52
CA MET C 1039 37.43 -2.74 -45.83
C MET C 1039 36.98 -4.15 -46.12
N ALA C 1040 37.80 -4.93 -46.82
CA ALA C 1040 37.46 -6.32 -47.13
C ALA C 1040 37.20 -7.11 -45.86
N VAL C 1041 38.21 -7.19 -45.00
CA VAL C 1041 38.12 -8.07 -43.83
C VAL C 1041 37.18 -7.50 -42.78
N ASP C 1042 37.01 -6.18 -42.73
CA ASP C 1042 36.22 -5.57 -41.65
C ASP C 1042 34.75 -5.91 -41.79
N GLY C 1043 34.32 -6.35 -42.97
CA GLY C 1043 32.92 -6.68 -43.20
C GLY C 1043 32.04 -5.49 -43.51
N ARG C 1044 32.58 -4.27 -43.49
CA ARG C 1044 31.77 -3.10 -43.77
C ARG C 1044 31.43 -3.02 -45.25
N LEU C 1045 32.41 -3.24 -46.12
CA LEU C 1045 32.22 -3.06 -47.55
C LEU C 1045 32.35 -4.40 -48.27
N ILE C 1046 31.40 -4.66 -49.17
CA ILE C 1046 31.34 -5.88 -49.95
C ILE C 1046 31.14 -5.46 -51.41
N ARG C 1047 31.34 -6.39 -52.34
CA ARG C 1047 30.87 -6.17 -53.70
C ARG C 1047 29.35 -6.31 -53.75
N GLY C 1048 28.71 -5.43 -54.52
CA GLY C 1048 27.28 -5.51 -54.72
C GLY C 1048 26.96 -5.98 -56.11
N GLU C 1049 26.58 -5.05 -56.98
CA GLU C 1049 26.45 -5.33 -58.40
C GLU C 1049 27.71 -4.96 -59.17
N PHE C 1050 28.67 -4.32 -58.51
CA PHE C 1050 29.91 -3.93 -59.16
C PHE C 1050 31.10 -4.72 -58.60
N ASP C 1061 27.90 -1.51 -47.98
CA ASP C 1061 27.19 -2.25 -49.00
C ASP C 1061 26.88 -3.65 -48.49
N ALA C 1062 27.19 -3.89 -47.22
CA ALA C 1062 26.89 -5.20 -46.66
C ALA C 1062 25.40 -5.34 -46.34
N GLN C 1063 24.89 -4.51 -45.44
CA GLN C 1063 23.47 -4.58 -45.11
C GLN C 1063 22.61 -4.16 -46.30
N VAL C 1064 23.11 -3.23 -47.11
CA VAL C 1064 22.35 -2.82 -48.29
C VAL C 1064 22.17 -3.99 -49.24
N LEU C 1065 23.19 -4.86 -49.31
CA LEU C 1065 23.01 -6.09 -50.07
C LEU C 1065 21.91 -6.93 -49.47
N LYS C 1066 21.80 -6.95 -48.14
CA LYS C 1066 20.72 -7.71 -47.51
C LYS C 1066 19.36 -7.18 -47.92
N ILE C 1067 19.18 -5.86 -47.87
CA ILE C 1067 17.91 -5.25 -48.25
C ILE C 1067 17.59 -5.56 -49.70
N LEU C 1068 18.58 -5.41 -50.58
CA LEU C 1068 18.33 -5.65 -52.00
C LEU C 1068 18.03 -7.11 -52.26
N ARG C 1069 18.62 -8.02 -51.49
CA ARG C 1069 18.27 -9.42 -51.62
C ARG C 1069 16.83 -9.65 -51.22
N ARG C 1070 16.45 -9.14 -50.03
CA ARG C 1070 15.10 -9.39 -49.52
C ARG C 1070 14.04 -8.83 -50.46
N ARG C 1071 14.14 -7.54 -50.77
CA ARG C 1071 13.10 -6.92 -51.59
C ARG C 1071 13.05 -7.52 -52.98
N SER C 1072 14.20 -7.88 -53.54
CA SER C 1072 14.22 -8.48 -54.87
C SER C 1072 13.44 -9.78 -54.90
N LEU C 1073 13.80 -10.74 -54.04
CA LEU C 1073 13.03 -11.97 -53.94
C LEU C 1073 11.59 -11.69 -53.51
N ALA C 1074 11.40 -10.65 -52.69
CA ALA C 1074 10.04 -10.25 -52.32
C ALA C 1074 9.33 -9.64 -53.50
N ALA C 1075 10.05 -8.91 -54.35
CA ALA C 1075 9.45 -8.38 -55.56
C ALA C 1075 9.01 -9.50 -56.49
N LEU C 1076 9.73 -10.63 -56.46
CA LEU C 1076 9.38 -11.76 -57.31
C LEU C 1076 7.95 -12.21 -57.05
N ARG C 1077 7.69 -12.69 -55.84
CA ARG C 1077 6.34 -13.07 -55.48
C ARG C 1077 5.45 -11.84 -55.37
N ALA C 1078 4.15 -12.07 -55.19
CA ALA C 1078 3.22 -10.96 -55.07
C ALA C 1078 3.37 -10.25 -53.72
N GLN C 1079 3.88 -10.96 -52.71
CA GLN C 1079 3.84 -10.45 -51.36
C GLN C 1079 4.75 -9.23 -51.18
N VAL C 1080 4.45 -8.46 -50.14
CA VAL C 1080 5.34 -7.42 -49.67
C VAL C 1080 6.56 -8.07 -49.00
N GLU C 1081 7.62 -7.28 -48.83
CA GLU C 1081 8.82 -7.79 -48.19
C GLU C 1081 8.49 -8.32 -46.80
N PRO C 1082 9.03 -9.45 -46.39
CA PRO C 1082 8.69 -10.02 -45.09
C PRO C 1082 9.49 -9.37 -43.98
N VAL C 1083 9.07 -9.66 -42.74
CA VAL C 1083 9.65 -9.04 -41.56
C VAL C 1083 10.73 -9.94 -40.99
N SER C 1084 11.86 -9.37 -40.60
CA SER C 1084 12.99 -10.15 -40.13
C SER C 1084 12.64 -10.86 -38.82
N THR C 1085 13.40 -11.90 -38.50
CA THR C 1085 12.97 -12.81 -37.44
C THR C 1085 13.09 -12.18 -36.07
N ASP C 1086 14.11 -11.37 -35.82
CA ASP C 1086 14.22 -10.75 -34.51
C ASP C 1086 13.10 -9.72 -34.32
N ALA C 1087 12.58 -9.18 -35.42
CA ALA C 1087 11.41 -8.33 -35.30
C ALA C 1087 10.18 -9.12 -34.88
N TYR C 1088 10.04 -10.34 -35.37
CA TYR C 1088 8.95 -11.17 -34.87
C TYR C 1088 9.14 -11.49 -33.40
N ALA C 1089 10.40 -11.71 -32.99
CA ALA C 1089 10.68 -11.91 -31.57
C ALA C 1089 10.40 -10.65 -30.77
N ARG C 1090 10.38 -9.50 -31.43
CA ARG C 1090 9.95 -8.27 -30.78
C ARG C 1090 8.44 -8.15 -30.78
N PHE C 1091 7.78 -8.88 -31.67
CA PHE C 1091 6.33 -8.76 -31.81
C PHE C 1091 5.60 -9.67 -30.83
N LEU C 1092 6.06 -10.92 -30.66
CA LEU C 1092 5.34 -11.82 -29.77
C LEU C 1092 5.16 -11.28 -28.38
N PRO C 1093 6.21 -10.88 -27.65
CA PRO C 1093 5.99 -10.31 -26.31
C PRO C 1093 4.88 -9.30 -26.26
N SER C 1094 4.94 -8.22 -27.04
CA SER C 1094 3.94 -7.18 -26.90
C SER C 1094 2.64 -7.55 -27.60
N TRP C 1095 2.59 -8.73 -28.21
CA TRP C 1095 1.31 -9.21 -28.70
C TRP C 1095 0.58 -9.97 -27.61
N GLN C 1096 1.32 -10.50 -26.64
CA GLN C 1096 0.74 -11.17 -25.51
C GLN C 1096 0.78 -10.33 -24.25
N HIS C 1097 0.84 -9.01 -24.41
CA HIS C 1097 0.53 -8.06 -23.36
C HIS C 1097 1.66 -7.87 -22.35
N VAL C 1098 2.80 -8.47 -22.61
CA VAL C 1098 3.90 -8.32 -21.65
C VAL C 1098 4.37 -6.88 -21.68
N GLY C 1099 4.67 -6.34 -20.50
CA GLY C 1099 5.09 -4.96 -20.40
C GLY C 1099 4.11 -3.96 -20.96
N SER C 1100 2.82 -4.15 -20.70
CA SER C 1100 1.78 -3.27 -21.22
C SER C 1100 0.95 -2.73 -20.08
N THR C 1101 0.81 -1.40 -20.04
CA THR C 1101 0.07 -0.71 -18.99
C THR C 1101 -1.39 -0.50 -19.35
N ASN C 1102 -1.92 -1.25 -20.31
CA ASN C 1102 -3.32 -1.09 -20.69
C ASN C 1102 -4.20 -2.10 -19.97
N THR C 1103 -3.63 -3.25 -19.62
CA THR C 1103 -4.32 -4.29 -18.87
C THR C 1103 -3.85 -4.25 -17.43
N THR C 1104 -4.73 -3.88 -16.51
CA THR C 1104 -4.33 -3.79 -15.12
C THR C 1104 -5.29 -4.44 -14.13
N GLY C 1105 -6.57 -4.50 -14.40
CA GLY C 1105 -7.50 -4.92 -13.38
C GLY C 1105 -7.52 -6.41 -13.15
N VAL C 1106 -8.62 -6.88 -12.57
CA VAL C 1106 -8.94 -8.30 -12.65
C VAL C 1106 -9.46 -8.63 -14.04
N ASP C 1107 -9.98 -7.63 -14.74
CA ASP C 1107 -10.41 -7.86 -16.12
C ASP C 1107 -9.21 -7.98 -17.04
N GLY C 1108 -8.15 -7.21 -16.80
CA GLY C 1108 -6.92 -7.47 -17.52
C GLY C 1108 -6.44 -8.89 -17.33
N LEU C 1109 -6.62 -9.43 -16.13
CA LEU C 1109 -6.22 -10.80 -15.89
C LEU C 1109 -7.14 -11.78 -16.60
N ALA C 1110 -8.43 -11.50 -16.63
CA ALA C 1110 -9.34 -12.42 -17.32
C ALA C 1110 -9.20 -12.31 -18.82
N THR C 1111 -8.53 -11.28 -19.30
CA THR C 1111 -8.19 -11.23 -20.72
C THR C 1111 -6.91 -12.00 -21.00
N VAL C 1112 -5.91 -11.85 -20.14
CA VAL C 1112 -4.67 -12.60 -20.33
C VAL C 1112 -4.93 -14.10 -20.26
N ILE C 1113 -5.62 -14.55 -19.21
CA ILE C 1113 -5.94 -15.97 -19.12
C ILE C 1113 -6.68 -16.43 -20.36
N GLU C 1114 -7.65 -15.65 -20.81
CA GLU C 1114 -8.50 -16.09 -21.93
C GLU C 1114 -7.67 -16.33 -23.17
N GLN C 1115 -6.65 -15.53 -23.39
CA GLN C 1115 -5.81 -15.69 -24.57
C GLN C 1115 -4.85 -16.86 -24.42
N LEU C 1116 -4.43 -17.15 -23.20
CA LEU C 1116 -3.51 -18.24 -22.89
C LEU C 1116 -4.22 -19.51 -22.46
N ALA C 1117 -5.47 -19.68 -22.86
CA ALA C 1117 -6.29 -20.74 -22.31
C ALA C 1117 -5.86 -22.10 -22.80
N GLY C 1118 -5.10 -22.81 -21.97
CA GLY C 1118 -4.86 -24.21 -22.24
C GLY C 1118 -3.43 -24.62 -22.44
N VAL C 1119 -2.48 -23.72 -22.22
CA VAL C 1119 -1.07 -24.01 -22.42
C VAL C 1119 -0.44 -24.31 -21.07
N PRO C 1120 0.27 -25.44 -20.93
CA PRO C 1120 0.86 -25.76 -19.62
C PRO C 1120 2.03 -24.86 -19.27
N ILE C 1121 2.00 -24.37 -18.04
CA ILE C 1121 3.02 -23.46 -17.50
C ILE C 1121 3.47 -24.00 -16.16
N PRO C 1122 4.76 -23.95 -15.86
CA PRO C 1122 5.25 -24.47 -14.59
C PRO C 1122 4.66 -23.68 -13.43
N ALA C 1123 4.05 -24.41 -12.50
CA ALA C 1123 3.27 -23.76 -11.44
C ALA C 1123 4.12 -22.76 -10.67
N SER C 1124 5.45 -22.87 -10.75
CA SER C 1124 6.30 -21.91 -10.07
C SER C 1124 6.51 -20.67 -10.92
N ALA C 1125 6.34 -20.79 -12.24
CA ALA C 1125 6.49 -19.64 -13.12
C ALA C 1125 5.23 -18.78 -13.11
N VAL C 1126 4.06 -19.41 -13.18
CA VAL C 1126 2.81 -18.70 -13.02
C VAL C 1126 2.87 -17.89 -11.74
N GLU C 1127 2.24 -16.71 -11.75
CA GLU C 1127 2.07 -15.89 -10.57
C GLU C 1127 3.38 -15.30 -10.09
N SER C 1128 4.50 -15.67 -10.69
CA SER C 1128 5.75 -15.07 -10.30
C SER C 1128 6.40 -14.36 -11.48
N LEU C 1129 6.27 -14.93 -12.67
CA LEU C 1129 7.01 -14.40 -13.81
C LEU C 1129 6.20 -14.30 -15.10
N VAL C 1130 5.02 -14.93 -15.19
CA VAL C 1130 4.21 -14.83 -16.40
C VAL C 1130 2.95 -14.00 -16.16
N PHE C 1131 2.34 -14.11 -14.99
CA PHE C 1131 1.21 -13.21 -14.70
C PHE C 1131 1.66 -11.84 -14.23
N PRO C 1132 2.57 -11.70 -13.27
CA PRO C 1132 2.88 -10.35 -12.79
C PRO C 1132 3.62 -9.51 -13.80
N GLN C 1133 3.94 -10.07 -14.96
CA GLN C 1133 4.66 -9.30 -15.97
C GLN C 1133 3.72 -8.64 -16.94
N ARG C 1134 2.66 -9.34 -17.35
CA ARG C 1134 1.70 -8.79 -18.28
C ARG C 1134 0.44 -8.29 -17.61
N VAL C 1135 0.41 -8.23 -16.29
CA VAL C 1135 -0.62 -7.51 -15.53
C VAL C 1135 0.03 -6.56 -14.53
N ARG C 1136 0.25 -5.31 -14.93
CA ARG C 1136 1.21 -4.39 -14.31
C ARG C 1136 1.09 -4.46 -12.79
N ASP C 1137 -0.12 -4.49 -12.22
CA ASP C 1137 -0.24 -4.71 -10.78
C ASP C 1137 -0.91 -6.05 -10.50
N TYR C 1138 -0.21 -6.94 -9.81
CA TYR C 1138 -0.75 -8.28 -9.60
C TYR C 1138 -0.48 -8.68 -8.16
N GLN C 1139 -1.52 -8.69 -7.35
CA GLN C 1139 -1.44 -9.28 -6.03
C GLN C 1139 -2.16 -10.63 -6.03
N PRO C 1140 -1.52 -11.69 -5.55
CA PRO C 1140 -2.08 -13.04 -5.74
C PRO C 1140 -3.54 -13.15 -5.36
N ALA C 1141 -4.04 -12.32 -4.45
CA ALA C 1141 -5.45 -12.38 -4.11
C ALA C 1141 -6.32 -11.94 -5.27
N MET C 1142 -5.70 -11.42 -6.33
CA MET C 1142 -6.45 -11.04 -7.52
C MET C 1142 -6.84 -12.26 -8.33
N LEU C 1143 -6.04 -13.32 -8.23
CA LEU C 1143 -6.32 -14.52 -9.01
C LEU C 1143 -7.42 -15.35 -8.36
N ASP C 1144 -7.30 -15.60 -7.06
CA ASP C 1144 -8.29 -16.41 -6.37
C ASP C 1144 -9.67 -15.78 -6.45
N GLU C 1145 -9.74 -14.49 -6.76
CA GLU C 1145 -11.03 -13.85 -6.92
C GLU C 1145 -11.74 -14.37 -8.17
N LEU C 1146 -10.95 -14.79 -9.16
CA LEU C 1146 -11.53 -15.36 -10.37
C LEU C 1146 -11.89 -16.82 -10.18
N LEU C 1147 -10.95 -17.61 -9.67
CA LEU C 1147 -11.15 -19.04 -9.54
C LEU C 1147 -12.44 -19.37 -8.82
N ALA C 1148 -12.71 -18.69 -7.71
CA ALA C 1148 -13.89 -19.02 -6.93
C ALA C 1148 -15.16 -18.55 -7.63
N SER C 1149 -15.08 -17.44 -8.35
CA SER C 1149 -16.26 -16.89 -9.01
C SER C 1149 -16.84 -17.85 -10.03
N GLY C 1150 -16.03 -18.77 -10.56
CA GLY C 1150 -16.53 -19.72 -11.52
C GLY C 1150 -16.22 -19.39 -12.96
N GLU C 1151 -15.35 -18.43 -13.23
CA GLU C 1151 -15.10 -18.05 -14.62
C GLU C 1151 -13.90 -18.76 -15.19
N VAL C 1152 -12.92 -19.11 -14.36
CA VAL C 1152 -11.78 -19.86 -14.86
C VAL C 1152 -11.73 -21.20 -14.14
N MET C 1153 -11.01 -22.16 -14.75
CA MET C 1153 -10.74 -23.50 -14.15
C MET C 1153 -9.24 -23.81 -14.25
N TRP C 1154 -8.54 -24.07 -13.13
CA TRP C 1154 -7.07 -24.33 -13.17
C TRP C 1154 -6.67 -25.69 -13.81
N SER C 1155 -7.28 -26.81 -13.41
CA SER C 1155 -7.04 -28.14 -14.03
C SER C 1155 -5.56 -28.50 -14.30
N GLY C 1156 -4.67 -28.57 -13.30
CA GLY C 1156 -3.29 -28.90 -13.63
C GLY C 1156 -3.22 -30.20 -14.41
N ALA C 1157 -2.25 -30.28 -15.33
CA ALA C 1157 -2.15 -31.44 -16.22
C ALA C 1157 -0.70 -31.84 -16.51
N GLY C 1158 0.17 -31.87 -15.50
CA GLY C 1158 1.51 -32.40 -15.67
C GLY C 1158 2.37 -32.16 -14.44
N GLN C 1159 3.04 -33.22 -14.01
CA GLN C 1159 3.73 -33.24 -12.73
C GLN C 1159 5.23 -33.09 -12.95
N ILE C 1160 5.90 -32.34 -12.08
CA ILE C 1160 7.34 -32.16 -12.20
C ILE C 1160 8.05 -32.38 -10.87
N GLY C 1161 8.91 -33.39 -10.82
CA GLY C 1161 9.72 -33.62 -9.63
C GLY C 1161 8.87 -33.80 -8.39
N ASN C 1162 8.99 -32.86 -7.47
CA ASN C 1162 8.15 -32.78 -6.30
C ASN C 1162 7.97 -31.32 -5.93
N GLY C 1163 6.72 -30.87 -5.86
CA GLY C 1163 6.47 -29.47 -5.59
C GLY C 1163 6.60 -28.56 -6.80
N ASP C 1164 6.17 -29.00 -7.97
CA ASP C 1164 6.23 -28.21 -9.19
C ASP C 1164 5.41 -28.94 -10.24
N GLY C 1165 4.58 -28.23 -10.99
CA GLY C 1165 3.65 -28.89 -11.87
C GLY C 1165 3.36 -28.11 -13.13
N TRP C 1166 2.57 -28.71 -14.01
CA TRP C 1166 2.04 -28.05 -15.19
C TRP C 1166 0.57 -27.73 -14.94
N VAL C 1167 0.27 -26.45 -14.76
CA VAL C 1167 -1.10 -25.99 -14.61
C VAL C 1167 -1.53 -25.38 -15.94
N ALA C 1168 -2.83 -25.42 -16.23
CA ALA C 1168 -3.33 -24.99 -17.51
C ALA C 1168 -4.67 -24.28 -17.33
N PHE C 1169 -4.63 -22.97 -17.17
CA PHE C 1169 -5.85 -22.23 -16.88
C PHE C 1169 -6.77 -22.20 -18.07
N HIS C 1170 -7.95 -22.79 -17.90
CA HIS C 1170 -8.97 -22.78 -18.94
C HIS C 1170 -10.03 -21.74 -18.60
N LEU C 1171 -10.86 -21.43 -19.58
CA LEU C 1171 -12.01 -20.59 -19.31
C LEU C 1171 -13.22 -21.48 -19.10
N ALA C 1172 -14.22 -20.98 -18.37
CA ALA C 1172 -15.27 -21.88 -17.93
C ALA C 1172 -16.38 -22.00 -18.96
N ASP C 1173 -16.53 -21.00 -19.81
CA ASP C 1173 -17.58 -21.05 -20.83
C ASP C 1173 -17.35 -22.21 -21.79
N THR C 1174 -16.11 -22.40 -22.22
CA THR C 1174 -15.74 -23.36 -23.26
C THR C 1174 -14.63 -24.26 -22.70
N ALA C 1175 -14.83 -24.74 -21.50
CA ALA C 1175 -13.85 -25.62 -20.88
C ALA C 1175 -13.72 -26.96 -21.60
N PRO C 1176 -14.81 -27.66 -21.92
CA PRO C 1176 -14.63 -29.00 -22.49
C PRO C 1176 -13.83 -29.01 -23.78
N LEU C 1177 -13.71 -27.87 -24.47
CA LEU C 1177 -12.95 -27.87 -25.71
C LEU C 1177 -11.45 -27.87 -25.42
N THR C 1178 -10.96 -26.88 -24.68
CA THR C 1178 -9.54 -26.75 -24.43
C THR C 1178 -9.01 -27.73 -23.39
N LEU C 1179 -9.83 -28.66 -22.92
CA LEU C 1179 -9.36 -29.65 -21.97
C LEU C 1179 -8.82 -30.87 -22.71
N THR C 1180 -7.98 -31.63 -22.02
CA THR C 1180 -7.41 -32.84 -22.56
C THR C 1180 -8.00 -34.03 -21.84
N HIS C 1181 -7.98 -35.18 -22.50
CA HIS C 1181 -8.40 -36.42 -21.85
C HIS C 1181 -7.61 -36.64 -20.58
N GLY C 1182 -8.23 -37.30 -19.60
CA GLY C 1182 -7.54 -37.58 -18.36
C GLY C 1182 -6.39 -38.55 -18.60
N ALA C 1183 -5.29 -38.32 -17.88
CA ALA C 1183 -4.14 -39.20 -17.98
C ALA C 1183 -4.48 -40.59 -17.44
N GLU C 1184 -3.57 -41.53 -17.64
CA GLU C 1184 -3.76 -42.86 -17.06
C GLU C 1184 -2.76 -43.11 -15.94
N ILE C 1185 -3.22 -43.77 -14.87
CA ILE C 1185 -2.41 -44.08 -13.71
C ILE C 1185 -2.77 -45.47 -13.21
N GLU C 1186 -2.15 -45.84 -12.09
CA GLU C 1186 -2.34 -47.18 -11.54
C GLU C 1186 -3.78 -47.44 -11.14
N PHE C 1187 -4.48 -46.43 -10.62
CA PHE C 1187 -5.85 -46.57 -10.15
C PHE C 1187 -5.97 -47.66 -9.07
N THR C 1188 -5.35 -47.38 -7.93
CA THR C 1188 -5.60 -48.17 -6.74
C THR C 1188 -7.02 -47.95 -6.24
N ASP C 1189 -7.35 -48.58 -5.11
CA ASP C 1189 -8.72 -48.51 -4.62
C ASP C 1189 -9.01 -47.16 -3.96
N THR C 1190 -8.05 -46.60 -3.22
CA THR C 1190 -8.30 -45.32 -2.56
C THR C 1190 -8.56 -44.23 -3.59
N HIS C 1191 -7.89 -44.30 -4.75
CA HIS C 1191 -8.24 -43.40 -5.85
C HIS C 1191 -9.70 -43.53 -6.21
N ARG C 1192 -10.17 -44.77 -6.39
CA ARG C 1192 -11.59 -44.98 -6.69
C ARG C 1192 -12.47 -44.42 -5.59
N VAL C 1193 -11.97 -44.41 -4.36
CA VAL C 1193 -12.75 -43.80 -3.28
C VAL C 1193 -12.85 -42.30 -3.47
N ILE C 1194 -11.74 -41.66 -3.86
CA ILE C 1194 -11.79 -40.23 -4.12
C ILE C 1194 -12.79 -39.95 -5.23
N LEU C 1195 -12.79 -40.76 -6.28
CA LEU C 1195 -13.85 -40.70 -7.27
C LEU C 1195 -15.08 -41.44 -6.76
N GLU C 1196 -16.11 -41.47 -7.60
CA GLU C 1196 -17.38 -42.13 -7.31
C GLU C 1196 -18.13 -41.32 -6.25
N THR C 1197 -17.44 -40.38 -5.62
CA THR C 1197 -18.11 -39.41 -4.78
C THR C 1197 -18.08 -38.04 -5.43
N LEU C 1198 -16.90 -37.62 -5.90
CA LEU C 1198 -16.83 -36.41 -6.70
C LEU C 1198 -17.59 -36.57 -8.01
N GLY C 1199 -17.80 -37.81 -8.43
CA GLY C 1199 -18.39 -38.05 -9.73
C GLY C 1199 -19.80 -37.52 -9.86
N HIS C 1200 -20.74 -38.09 -9.13
CA HIS C 1200 -22.15 -37.71 -9.26
C HIS C 1200 -22.49 -36.50 -8.39
N GLY C 1201 -21.48 -35.74 -8.00
CA GLY C 1201 -21.70 -34.57 -7.17
C GLY C 1201 -20.93 -33.39 -7.70
N GLY C 1202 -21.23 -32.23 -7.13
CA GLY C 1202 -20.55 -31.02 -7.55
C GLY C 1202 -19.13 -30.95 -7.04
N ALA C 1203 -18.95 -30.84 -5.73
CA ALA C 1203 -17.64 -30.65 -5.15
C ALA C 1203 -17.71 -30.95 -3.65
N TYR C 1204 -16.54 -31.07 -3.03
CA TYR C 1204 -16.49 -31.41 -1.63
C TYR C 1204 -15.24 -30.83 -1.02
N PHE C 1205 -15.19 -30.82 0.31
CA PHE C 1205 -13.98 -30.47 1.02
C PHE C 1205 -13.06 -31.67 1.06
N PHE C 1206 -11.91 -31.50 1.70
CA PHE C 1206 -10.99 -32.63 1.81
C PHE C 1206 -11.54 -33.69 2.74
N ARG C 1207 -12.20 -33.28 3.81
CA ARG C 1207 -12.63 -34.24 4.82
C ARG C 1207 -13.79 -35.09 4.32
N GLN C 1208 -14.69 -34.51 3.55
CA GLN C 1208 -15.88 -35.24 3.11
C GLN C 1208 -15.60 -36.21 1.98
N LEU C 1209 -14.36 -36.29 1.49
CA LEU C 1209 -14.05 -37.24 0.43
C LEU C 1209 -14.31 -38.67 0.89
N THR C 1210 -13.83 -39.02 2.08
CA THR C 1210 -14.13 -40.29 2.72
C THR C 1210 -14.55 -40.04 4.15
N ASP C 1211 -14.97 -41.10 4.82
CA ASP C 1211 -15.62 -40.99 6.11
C ASP C 1211 -14.80 -41.68 7.21
N GLY C 1212 -14.59 -40.95 8.30
CA GLY C 1212 -13.91 -41.49 9.45
C GLY C 1212 -12.44 -41.79 9.23
N THR C 1213 -11.74 -40.91 8.52
CA THR C 1213 -10.31 -41.04 8.30
C THR C 1213 -9.63 -39.74 8.71
N VAL C 1214 -8.70 -39.83 9.63
CA VAL C 1214 -8.03 -38.68 10.19
C VAL C 1214 -6.67 -38.52 9.52
N GLU C 1215 -6.05 -37.37 9.77
CA GLU C 1215 -4.78 -37.05 9.12
C GLU C 1215 -3.64 -37.89 9.67
N GLY C 1216 -3.92 -38.77 10.65
CA GLY C 1216 -2.86 -39.53 11.27
C GLY C 1216 -2.19 -40.51 10.33
N THR C 1217 -2.93 -41.53 9.88
CA THR C 1217 -2.36 -42.57 9.02
C THR C 1217 -3.08 -42.64 7.67
N ALA C 1218 -4.42 -42.66 7.66
CA ALA C 1218 -5.13 -42.76 6.39
C ALA C 1218 -5.08 -41.45 5.65
N GLY C 1219 -4.90 -40.34 6.36
CA GLY C 1219 -4.78 -39.05 5.69
C GLY C 1219 -3.58 -38.98 4.78
N GLN C 1220 -2.41 -39.36 5.29
CA GLN C 1220 -1.19 -39.28 4.49
C GLN C 1220 -1.30 -40.18 3.26
N GLU C 1221 -2.03 -41.28 3.37
CA GLU C 1221 -2.25 -42.12 2.19
C GLU C 1221 -3.33 -41.51 1.31
N LEU C 1222 -4.34 -40.88 1.91
CA LEU C 1222 -5.37 -40.24 1.10
C LEU C 1222 -4.84 -39.01 0.39
N LYS C 1223 -4.08 -38.18 1.10
CA LYS C 1223 -3.48 -37.01 0.46
C LYS C 1223 -2.58 -37.42 -0.69
N GLN C 1224 -1.62 -38.30 -0.43
CA GLN C 1224 -0.72 -38.76 -1.48
C GLN C 1224 -1.50 -39.40 -2.63
N ALA C 1225 -2.69 -39.92 -2.35
CA ALA C 1225 -3.54 -40.39 -3.43
C ALA C 1225 -4.16 -39.23 -4.18
N LEU C 1226 -4.40 -38.11 -3.49
CA LEU C 1226 -5.03 -36.97 -4.14
C LEU C 1226 -4.07 -36.25 -5.05
N TRP C 1227 -2.97 -35.71 -4.50
CA TRP C 1227 -2.05 -34.94 -5.31
C TRP C 1227 -1.51 -35.75 -6.47
N GLU C 1228 -1.68 -37.06 -6.43
CA GLU C 1228 -1.35 -37.86 -7.59
C GLU C 1228 -2.51 -37.93 -8.56
N LEU C 1229 -3.73 -37.72 -8.06
CA LEU C 1229 -4.89 -37.76 -8.94
C LEU C 1229 -5.06 -36.45 -9.68
N ILE C 1230 -4.53 -35.36 -9.12
CA ILE C 1230 -4.76 -34.05 -9.72
C ILE C 1230 -3.71 -33.74 -10.78
N TRP C 1231 -2.45 -34.09 -10.54
CA TRP C 1231 -1.45 -33.83 -11.57
C TRP C 1231 -1.75 -34.62 -12.83
N ALA C 1232 -2.52 -35.69 -12.73
CA ALA C 1232 -2.97 -36.38 -13.93
C ALA C 1232 -4.17 -35.68 -14.55
N GLY C 1233 -4.89 -34.90 -13.76
CA GLY C 1233 -5.91 -34.04 -14.27
C GLY C 1233 -7.33 -34.53 -14.16
N TRP C 1234 -7.70 -35.13 -13.03
CA TRP C 1234 -9.08 -35.61 -12.88
C TRP C 1234 -9.87 -34.77 -11.89
N VAL C 1235 -9.21 -34.16 -10.91
CA VAL C 1235 -9.87 -33.29 -9.94
C VAL C 1235 -9.27 -31.91 -10.07
N THR C 1236 -9.94 -30.91 -9.51
CA THR C 1236 -9.54 -29.53 -9.65
C THR C 1236 -9.97 -28.74 -8.43
N GLY C 1237 -9.03 -27.99 -7.86
CA GLY C 1237 -9.36 -27.16 -6.72
C GLY C 1237 -10.32 -26.06 -7.10
N ASP C 1238 -11.10 -25.62 -6.12
CA ASP C 1238 -11.99 -24.49 -6.33
C ASP C 1238 -11.27 -23.17 -6.09
N THR C 1239 -9.96 -23.21 -5.85
CA THR C 1239 -9.16 -22.00 -5.74
C THR C 1239 -7.71 -22.38 -5.89
N PHE C 1240 -6.87 -21.36 -6.03
CA PHE C 1240 -5.44 -21.56 -6.20
C PHE C 1240 -4.68 -21.49 -4.90
N ALA C 1241 -5.33 -21.82 -3.79
CA ALA C 1241 -4.63 -21.78 -2.51
C ALA C 1241 -3.71 -22.96 -2.28
N PRO C 1242 -4.12 -24.22 -2.52
CA PRO C 1242 -3.20 -25.33 -2.25
C PRO C 1242 -1.90 -25.25 -3.01
N VAL C 1243 -1.94 -25.07 -4.33
CA VAL C 1243 -0.72 -25.11 -5.11
C VAL C 1243 0.24 -24.01 -4.67
N ARG C 1244 -0.29 -22.89 -4.18
CA ARG C 1244 0.60 -21.89 -3.61
C ARG C 1244 1.35 -22.44 -2.42
N ALA C 1245 0.89 -23.54 -1.84
CA ALA C 1245 1.55 -24.11 -0.69
C ALA C 1245 2.49 -25.25 -1.09
N VAL C 1246 2.03 -26.15 -1.96
CA VAL C 1246 2.84 -27.30 -2.33
C VAL C 1246 4.18 -26.84 -2.90
N LEU C 1247 4.24 -25.61 -3.41
CA LEU C 1247 5.52 -25.05 -3.81
C LEU C 1247 6.29 -24.53 -2.60
N SER C 1248 5.58 -24.17 -1.53
CA SER C 1248 6.27 -23.56 -0.39
C SER C 1248 7.19 -24.55 0.30
N GLY C 1249 7.17 -25.80 -0.12
CA GLY C 1249 8.09 -26.79 0.36
C GLY C 1249 7.69 -27.33 1.72
N PRO C 1250 8.05 -28.58 2.00
CA PRO C 1250 7.81 -29.13 3.32
C PRO C 1250 8.57 -28.34 4.37
N ARG C 1251 7.85 -27.87 5.38
CA ARG C 1251 8.42 -26.97 6.37
C ARG C 1251 8.00 -27.33 7.78
N THR C 1280 -6.26 -29.36 10.41
CA THR C 1280 -6.18 -28.61 9.16
C THR C 1280 -4.73 -28.40 8.74
N ASP C 1281 -4.47 -28.55 7.45
CA ASP C 1281 -3.17 -28.31 6.86
C ASP C 1281 -3.33 -27.56 5.56
N PRO C 1282 -2.42 -26.64 5.25
CA PRO C 1282 -2.65 -25.76 4.09
C PRO C 1282 -2.56 -26.48 2.76
N THR C 1283 -1.96 -27.67 2.75
CA THR C 1283 -1.70 -28.36 1.48
C THR C 1283 -2.98 -28.71 0.76
N VAL C 1284 -4.03 -29.10 1.47
CA VAL C 1284 -5.30 -29.47 0.85
C VAL C 1284 -6.41 -28.72 1.58
N SER C 1285 -6.79 -27.55 1.07
CA SER C 1285 -7.77 -26.75 1.79
C SER C 1285 -9.08 -26.56 1.05
N GLY C 1286 -9.03 -25.98 -0.15
CA GLY C 1286 -10.25 -25.58 -0.82
C GLY C 1286 -11.12 -26.76 -1.20
N ARG C 1287 -12.24 -26.47 -1.86
CA ARG C 1287 -13.08 -27.54 -2.34
C ARG C 1287 -12.46 -28.18 -3.59
N TRP C 1288 -12.49 -29.50 -3.64
CA TRP C 1288 -11.95 -30.26 -4.75
C TRP C 1288 -13.09 -30.82 -5.58
N SER C 1289 -13.09 -30.49 -6.87
CA SER C 1289 -14.19 -30.87 -7.74
C SER C 1289 -13.74 -31.87 -8.78
N ALA C 1290 -14.65 -32.78 -9.12
CA ALA C 1290 -14.44 -33.61 -10.30
C ALA C 1290 -14.46 -32.74 -11.54
N LEU C 1291 -13.71 -33.15 -12.55
CA LEU C 1291 -13.44 -32.26 -13.68
C LEU C 1291 -14.27 -32.68 -14.88
N PRO C 1292 -14.83 -31.72 -15.61
CA PRO C 1292 -15.68 -32.08 -16.76
C PRO C 1292 -14.87 -32.74 -17.86
N ALA C 1293 -15.42 -33.84 -18.37
CA ALA C 1293 -14.72 -34.61 -19.40
C ALA C 1293 -14.46 -33.76 -20.63
N ALA C 1294 -13.26 -33.88 -21.18
CA ALA C 1294 -12.89 -33.08 -22.34
C ALA C 1294 -13.75 -33.46 -23.53
N GLU C 1295 -14.13 -32.46 -24.32
CA GLU C 1295 -14.91 -32.71 -25.52
C GLU C 1295 -14.20 -33.70 -26.42
N PRO C 1296 -14.90 -34.71 -26.92
CA PRO C 1296 -14.24 -35.67 -27.82
C PRO C 1296 -13.83 -35.00 -29.11
N ASP C 1297 -12.69 -35.44 -29.64
CA ASP C 1297 -12.15 -34.82 -30.84
C ASP C 1297 -13.15 -34.90 -31.97
N SER C 1298 -13.41 -33.76 -32.59
CA SER C 1298 -14.41 -33.67 -33.63
C SER C 1298 -13.97 -32.60 -34.62
N THR C 1299 -14.92 -32.15 -35.43
CA THR C 1299 -14.65 -30.98 -36.26
C THR C 1299 -14.70 -29.71 -35.43
N VAL C 1300 -15.58 -29.66 -34.43
CA VAL C 1300 -15.72 -28.45 -33.63
C VAL C 1300 -14.47 -28.21 -32.80
N ARG C 1301 -13.99 -29.24 -32.12
CA ARG C 1301 -12.74 -29.14 -31.39
C ARG C 1301 -11.63 -28.61 -32.29
N ALA C 1302 -11.57 -29.09 -33.52
CA ALA C 1302 -10.52 -28.67 -34.43
C ALA C 1302 -10.62 -27.20 -34.75
N HIS C 1303 -11.81 -26.72 -35.09
CA HIS C 1303 -11.98 -25.31 -35.41
C HIS C 1303 -11.65 -24.43 -34.22
N PHE C 1304 -12.10 -24.82 -33.03
CA PHE C 1304 -11.83 -23.97 -31.88
C PHE C 1304 -10.35 -23.95 -31.56
N GLN C 1305 -9.68 -25.09 -31.63
CA GLN C 1305 -8.24 -25.09 -31.35
C GLN C 1305 -7.48 -24.27 -32.38
N ALA C 1306 -7.88 -24.36 -33.65
CA ALA C 1306 -7.19 -23.57 -34.68
C ALA C 1306 -7.37 -22.09 -34.43
N GLU C 1307 -8.60 -21.66 -34.15
CA GLU C 1307 -8.84 -20.24 -33.90
C GLU C 1307 -8.11 -19.78 -32.65
N LEU C 1308 -8.10 -20.61 -31.61
CA LEU C 1308 -7.40 -20.24 -30.39
C LEU C 1308 -5.91 -20.07 -30.64
N LEU C 1309 -5.30 -21.02 -31.34
CA LEU C 1309 -3.88 -20.90 -31.65
C LEU C 1309 -3.62 -19.63 -32.44
N LEU C 1310 -4.46 -19.34 -33.42
CA LEU C 1310 -4.29 -18.10 -34.18
C LEU C 1310 -4.38 -16.89 -33.28
N GLY C 1311 -5.21 -16.96 -32.25
CA GLY C 1311 -5.28 -15.85 -31.32
C GLY C 1311 -4.05 -15.73 -30.45
N ARG C 1312 -3.45 -16.86 -30.10
CA ARG C 1312 -2.34 -16.84 -29.15
C ARG C 1312 -1.06 -16.36 -29.82
N HIS C 1313 -0.61 -17.07 -30.85
CA HIS C 1313 0.56 -16.67 -31.61
C HIS C 1313 0.15 -15.64 -32.65
N GLY C 1314 1.08 -14.76 -33.01
CA GLY C 1314 0.79 -13.83 -34.08
C GLY C 1314 0.56 -14.53 -35.40
N VAL C 1315 1.61 -15.13 -35.94
CA VAL C 1315 1.57 -15.83 -37.23
C VAL C 1315 1.77 -17.31 -36.96
N LEU C 1316 0.69 -18.08 -37.08
CA LEU C 1316 0.80 -19.51 -36.86
C LEU C 1316 1.72 -20.13 -37.90
N THR C 1317 2.69 -20.90 -37.45
CA THR C 1317 3.68 -21.50 -38.33
C THR C 1317 3.60 -23.01 -38.23
N LYS C 1318 4.45 -23.68 -39.00
CA LYS C 1318 4.64 -25.11 -38.80
C LYS C 1318 5.41 -25.38 -37.52
N GLY C 1319 6.14 -24.38 -37.04
CA GLY C 1319 6.93 -24.57 -35.84
C GLY C 1319 6.07 -24.64 -34.58
N ALA C 1320 5.30 -23.59 -34.32
CA ALA C 1320 4.61 -23.47 -33.04
C ALA C 1320 3.64 -24.62 -32.83
N VAL C 1321 3.04 -25.12 -33.91
CA VAL C 1321 2.20 -26.30 -33.78
C VAL C 1321 3.02 -27.50 -33.33
N GLY C 1322 4.33 -27.45 -33.56
CA GLY C 1322 5.18 -28.54 -33.12
C GLY C 1322 5.39 -28.54 -31.61
N ALA C 1323 5.85 -27.42 -31.05
CA ALA C 1323 6.03 -27.33 -29.62
C ALA C 1323 4.70 -27.43 -28.88
N GLU C 1324 3.65 -26.91 -29.48
CA GLU C 1324 2.32 -27.07 -28.90
C GLU C 1324 1.81 -28.48 -29.14
N GLY C 1325 1.11 -29.01 -28.15
CA GLY C 1325 0.61 -30.36 -28.27
C GLY C 1325 -0.77 -30.40 -28.89
N VAL C 1326 -0.83 -30.66 -30.20
CA VAL C 1326 -2.11 -30.79 -30.88
C VAL C 1326 -2.13 -32.17 -31.55
N PRO C 1327 -3.24 -32.89 -31.50
CA PRO C 1327 -3.28 -34.19 -32.19
C PRO C 1327 -3.33 -34.01 -33.69
N GLY C 1328 -2.79 -34.99 -34.40
CA GLY C 1328 -2.73 -34.94 -35.84
C GLY C 1328 -1.60 -34.11 -36.41
N GLY C 1329 -0.74 -33.54 -35.58
CA GLY C 1329 0.38 -32.77 -36.06
C GLY C 1329 -0.04 -31.55 -36.86
N PHE C 1330 0.96 -30.90 -37.46
CA PHE C 1330 0.68 -29.72 -38.28
C PHE C 1330 -0.07 -30.10 -39.54
N ALA C 1331 -0.06 -31.38 -39.91
CA ALA C 1331 -0.70 -31.81 -41.14
C ALA C 1331 -2.20 -31.64 -41.06
N THR C 1332 -2.79 -31.84 -39.88
CA THR C 1332 -4.23 -31.74 -39.75
C THR C 1332 -4.68 -30.28 -39.71
N LEU C 1333 -3.88 -29.40 -39.09
CA LEU C 1333 -4.25 -27.99 -39.06
C LEU C 1333 -4.24 -27.39 -40.45
N TYR C 1334 -3.16 -27.62 -41.20
CA TYR C 1334 -3.09 -27.10 -42.57
C TYR C 1334 -4.32 -27.51 -43.36
N LYS C 1335 -4.86 -28.70 -43.08
CA LYS C 1335 -6.09 -29.12 -43.75
C LYS C 1335 -7.29 -28.27 -43.33
N VAL C 1336 -7.35 -27.88 -42.05
CA VAL C 1336 -8.50 -27.14 -41.59
C VAL C 1336 -8.31 -25.65 -41.81
N LEU C 1337 -7.08 -25.17 -41.70
CA LEU C 1337 -6.84 -23.75 -41.95
C LEU C 1337 -7.04 -23.39 -43.41
N SER C 1338 -6.83 -24.35 -44.31
CA SER C 1338 -7.16 -24.11 -45.71
C SER C 1338 -8.65 -23.82 -45.86
N ALA C 1339 -9.48 -24.53 -45.09
CA ALA C 1339 -10.91 -24.20 -45.09
C ALA C 1339 -11.14 -22.78 -44.59
N PHE C 1340 -10.33 -22.32 -43.64
CA PHE C 1340 -10.42 -20.93 -43.22
C PHE C 1340 -10.03 -19.98 -44.34
N GLU C 1341 -8.85 -20.19 -44.92
CA GLU C 1341 -8.39 -19.32 -46.00
C GLU C 1341 -9.41 -19.25 -47.13
N ASP C 1342 -10.10 -20.36 -47.41
CA ASP C 1342 -11.17 -20.30 -48.40
C ASP C 1342 -12.30 -19.39 -47.94
N ALA C 1343 -12.74 -19.54 -46.70
CA ALA C 1343 -13.83 -18.70 -46.21
C ALA C 1343 -13.38 -17.26 -46.04
N GLY C 1344 -12.11 -17.06 -45.73
CA GLY C 1344 -11.54 -15.73 -45.72
C GLY C 1344 -11.13 -15.18 -44.38
N ARG C 1345 -11.25 -15.95 -43.31
CA ARG C 1345 -10.89 -15.41 -42.00
C ARG C 1345 -9.40 -15.33 -41.75
N CYS C 1346 -8.57 -15.70 -42.76
CA CYS C 1346 -7.09 -15.71 -42.63
C CYS C 1346 -6.37 -15.13 -43.87
N GLN C 1347 -5.22 -14.48 -43.67
CA GLN C 1347 -4.42 -13.84 -44.76
C GLN C 1347 -3.76 -14.82 -45.75
N ARG C 1348 -3.12 -15.91 -45.27
CA ARG C 1348 -2.40 -16.87 -46.15
C ARG C 1348 -1.23 -16.23 -46.93
N GLY C 1349 -0.38 -15.45 -46.23
CA GLY C 1349 0.79 -14.75 -46.71
C GLY C 1349 2.06 -15.18 -46.01
N TYR C 1350 3.16 -15.10 -46.75
CA TYR C 1350 4.51 -15.39 -46.28
C TYR C 1350 5.01 -14.20 -45.47
N PHE C 1351 4.67 -14.17 -44.18
CA PHE C 1351 4.87 -12.95 -43.40
C PHE C 1351 6.27 -12.86 -42.80
N VAL C 1352 6.70 -13.89 -42.08
CA VAL C 1352 8.04 -13.91 -41.51
C VAL C 1352 8.90 -14.80 -42.38
N GLU C 1353 10.07 -14.31 -42.78
CA GLU C 1353 10.74 -14.92 -43.93
C GLU C 1353 11.43 -16.21 -43.57
N SER C 1354 12.14 -16.25 -42.44
CA SER C 1354 13.01 -17.38 -42.17
C SER C 1354 12.18 -18.63 -41.91
N LEU C 1355 10.98 -18.46 -41.36
CA LEU C 1355 10.08 -19.59 -41.20
C LEU C 1355 9.84 -20.28 -42.53
N GLY C 1356 9.78 -19.51 -43.61
CA GLY C 1356 9.78 -20.06 -44.96
C GLY C 1356 8.73 -21.11 -45.22
N GLY C 1357 7.50 -20.90 -44.74
CA GLY C 1357 6.46 -21.87 -44.91
C GLY C 1357 5.18 -21.21 -45.39
N ALA C 1358 4.08 -21.56 -44.71
CA ALA C 1358 2.80 -20.90 -44.90
C ALA C 1358 2.34 -20.41 -43.54
N GLN C 1359 2.48 -19.10 -43.28
CA GLN C 1359 1.99 -18.52 -42.00
C GLN C 1359 0.61 -17.91 -42.26
N PHE C 1360 -0.45 -18.55 -41.76
CA PHE C 1360 -1.84 -18.07 -42.00
C PHE C 1360 -2.11 -16.70 -41.37
N ALA C 1361 -1.68 -16.51 -40.11
CA ALA C 1361 -1.86 -15.23 -39.39
C ALA C 1361 -3.34 -14.83 -39.39
N VAL C 1362 -3.61 -13.55 -39.66
CA VAL C 1362 -4.99 -12.98 -39.73
C VAL C 1362 -4.95 -11.66 -40.54
N ALA C 1363 -6.09 -11.21 -41.08
CA ALA C 1363 -6.04 -9.97 -41.84
C ALA C 1363 -5.50 -8.82 -41.00
N SER C 1364 -5.98 -8.69 -39.76
CA SER C 1364 -5.68 -7.50 -38.97
C SER C 1364 -4.28 -7.52 -38.41
N THR C 1365 -3.81 -8.69 -37.95
CA THR C 1365 -2.51 -8.76 -37.29
C THR C 1365 -1.39 -8.33 -38.20
N VAL C 1366 -1.46 -8.68 -39.48
CA VAL C 1366 -0.40 -8.32 -40.40
C VAL C 1366 -0.17 -6.82 -40.41
N ASP C 1367 -1.25 -6.05 -40.43
CA ASP C 1367 -1.13 -4.59 -40.35
C ASP C 1367 -0.36 -4.18 -39.11
N ARG C 1368 -0.53 -4.91 -38.01
CA ARG C 1368 0.24 -4.63 -36.81
C ARG C 1368 1.65 -5.21 -36.92
N LEU C 1369 1.77 -6.35 -37.58
CA LEU C 1369 3.08 -6.97 -37.72
C LEU C 1369 3.98 -6.18 -38.65
N ARG C 1370 3.41 -5.42 -39.58
CA ARG C 1370 4.23 -4.72 -40.55
C ARG C 1370 5.01 -3.59 -39.91
N SER C 1371 4.57 -3.12 -38.76
CA SER C 1371 5.45 -2.30 -37.96
C SER C 1371 6.59 -3.16 -37.43
N TYR C 1372 7.48 -2.55 -36.66
CA TYR C 1372 8.66 -3.21 -36.12
C TYR C 1372 9.64 -3.56 -37.23
N LEU C 1373 9.29 -3.31 -38.49
CA LEU C 1373 10.20 -3.60 -39.58
C LEU C 1373 11.40 -2.66 -39.52
N ASP C 1374 12.59 -3.24 -39.49
CA ASP C 1374 13.80 -2.45 -39.30
C ASP C 1374 13.91 -1.38 -40.38
N ASN C 1375 14.28 -0.18 -39.96
CA ASN C 1375 14.34 0.93 -40.89
C ASN C 1375 15.58 0.81 -41.76
N VAL C 1376 15.43 1.19 -43.03
CA VAL C 1376 16.48 0.92 -44.01
C VAL C 1376 17.73 1.73 -43.71
N ASP C 1377 17.58 2.87 -43.10
CA ASP C 1377 18.74 3.71 -42.79
C ASP C 1377 19.45 3.15 -41.56
N PRO C 1378 20.74 3.48 -41.36
CA PRO C 1378 21.42 3.00 -40.17
C PRO C 1378 21.01 3.81 -38.95
N GLU C 1379 20.86 3.11 -37.82
CA GLU C 1379 20.46 3.77 -36.58
C GLU C 1379 21.00 2.98 -35.41
N ARG C 1380 21.34 3.70 -34.35
CA ARG C 1380 21.77 3.05 -33.13
C ARG C 1380 20.61 2.24 -32.54
N PRO C 1381 20.87 1.09 -31.94
CA PRO C 1381 19.79 0.24 -31.47
C PRO C 1381 19.11 0.83 -30.24
N GLU C 1382 17.93 0.32 -29.94
CA GLU C 1382 17.14 0.87 -28.85
C GLU C 1382 17.46 0.19 -27.53
N TYR C 1383 17.82 -1.10 -27.58
CA TYR C 1383 18.25 -1.85 -26.39
C TYR C 1383 17.13 -1.96 -25.36
N HIS C 1384 16.05 -2.65 -25.72
CA HIS C 1384 14.99 -2.96 -24.79
C HIS C 1384 15.16 -4.39 -24.28
N ALA C 1385 15.33 -4.54 -22.98
CA ALA C 1385 15.59 -5.84 -22.37
C ALA C 1385 14.31 -6.36 -21.73
N VAL C 1386 13.95 -7.60 -22.07
CA VAL C 1386 12.74 -8.19 -21.53
C VAL C 1386 12.98 -9.64 -21.12
N VAL C 1387 13.12 -9.88 -19.82
CA VAL C 1387 13.40 -11.22 -19.32
C VAL C 1387 12.13 -12.04 -19.31
N LEU C 1388 12.24 -13.31 -19.69
CA LEU C 1388 11.07 -14.15 -19.80
C LEU C 1388 11.38 -15.54 -19.27
N ALA C 1389 10.38 -16.20 -18.71
CA ALA C 1389 10.55 -17.59 -18.31
C ALA C 1389 10.68 -18.45 -19.55
N ALA C 1390 11.56 -19.44 -19.49
CA ALA C 1390 11.98 -20.11 -20.72
C ALA C 1390 10.85 -20.87 -21.36
N THR C 1391 9.70 -20.97 -20.69
CA THR C 1391 8.62 -21.81 -21.20
C THR C 1391 7.25 -21.16 -21.12
N ASP C 1392 7.15 -19.84 -21.25
CA ASP C 1392 5.87 -19.17 -21.34
C ASP C 1392 5.65 -18.72 -22.78
N PRO C 1393 4.43 -18.85 -23.28
CA PRO C 1393 4.24 -18.81 -24.74
C PRO C 1393 4.80 -17.57 -25.41
N ALA C 1394 5.15 -16.54 -24.65
CA ALA C 1394 5.79 -15.36 -25.21
C ALA C 1394 7.29 -15.59 -25.29
N ASN C 1395 7.65 -16.71 -25.90
CA ASN C 1395 9.05 -17.10 -26.07
C ASN C 1395 9.17 -17.82 -27.39
N PRO C 1396 9.50 -17.12 -28.47
CA PRO C 1396 9.45 -17.77 -29.79
C PRO C 1396 10.45 -18.90 -29.95
N TYR C 1397 11.59 -18.80 -29.27
CA TYR C 1397 12.64 -19.80 -29.43
C TYR C 1397 12.18 -21.13 -28.87
N GLY C 1398 12.61 -22.21 -29.51
CA GLY C 1398 12.21 -23.53 -29.10
C GLY C 1398 10.87 -23.93 -29.68
N ALA C 1399 10.09 -22.96 -30.16
CA ALA C 1399 8.79 -23.27 -30.73
C ALA C 1399 8.75 -22.96 -32.21
N ALA C 1400 9.04 -21.71 -32.57
CA ALA C 1400 8.97 -21.28 -33.95
C ALA C 1400 10.33 -20.90 -34.53
N LEU C 1401 11.15 -20.22 -33.74
CA LEU C 1401 12.42 -19.71 -34.28
C LEU C 1401 13.53 -20.74 -34.16
N GLY C 1402 13.52 -21.55 -33.13
CA GLY C 1402 14.63 -22.46 -32.91
C GLY C 1402 15.84 -21.74 -32.34
N TRP C 1403 16.67 -22.51 -31.65
CA TRP C 1403 17.75 -21.96 -30.87
C TRP C 1403 18.92 -21.60 -31.76
N PRO C 1404 19.76 -20.65 -31.37
CA PRO C 1404 21.02 -20.46 -32.08
C PRO C 1404 21.92 -21.65 -31.87
N THR C 1405 22.54 -22.11 -32.96
CA THR C 1405 23.36 -23.31 -32.90
C THR C 1405 24.75 -22.97 -32.39
N ASP C 1406 24.89 -22.93 -31.07
CA ASP C 1406 26.18 -22.69 -30.42
C ASP C 1406 26.36 -23.76 -29.35
N SER C 1407 27.59 -23.87 -28.85
CA SER C 1407 27.93 -24.91 -27.87
C SER C 1407 27.55 -26.28 -28.41
N GLU C 1408 28.30 -26.73 -29.42
CA GLU C 1408 27.99 -27.87 -30.30
C GLU C 1408 27.37 -29.00 -29.50
N ALA C 1409 27.91 -29.35 -28.31
CA ALA C 1409 27.29 -30.41 -27.53
C ALA C 1409 26.24 -29.85 -26.56
N HIS C 1410 26.63 -28.93 -25.70
CA HIS C 1410 25.72 -28.40 -24.69
C HIS C 1410 24.63 -27.56 -25.33
N ARG C 1411 23.38 -28.00 -25.16
CA ARG C 1411 22.27 -27.32 -25.81
C ARG C 1411 21.23 -26.93 -24.78
N PRO C 1412 20.70 -25.71 -24.84
CA PRO C 1412 19.60 -25.35 -23.96
C PRO C 1412 18.27 -25.66 -24.62
N GLY C 1413 17.22 -25.63 -23.82
CA GLY C 1413 15.88 -25.88 -24.33
C GLY C 1413 14.81 -25.07 -23.62
N ARG C 1414 13.60 -25.61 -23.58
CA ARG C 1414 12.49 -24.99 -22.89
C ARG C 1414 12.27 -25.59 -21.50
N LYS C 1415 13.35 -25.91 -20.80
CA LYS C 1415 13.28 -26.52 -19.49
C LYS C 1415 12.52 -25.64 -18.51
N ALA C 1416 11.88 -26.27 -17.54
CA ALA C 1416 11.19 -25.54 -16.49
C ALA C 1416 12.18 -24.84 -15.58
N GLY C 1417 11.90 -23.60 -15.24
CA GLY C 1417 12.74 -22.85 -14.34
C GLY C 1417 13.90 -22.13 -14.97
N ALA C 1418 14.10 -22.27 -16.28
CA ALA C 1418 15.18 -21.59 -16.98
C ALA C 1418 14.70 -20.19 -17.39
N LEU C 1419 15.64 -19.29 -17.61
CA LEU C 1419 15.32 -17.92 -18.00
C LEU C 1419 16.02 -17.59 -19.31
N VAL C 1420 15.25 -17.16 -20.30
CA VAL C 1420 15.81 -16.55 -21.50
C VAL C 1420 15.61 -15.05 -21.38
N ALA C 1421 16.71 -14.31 -21.42
CA ALA C 1421 16.69 -12.86 -21.32
C ALA C 1421 17.04 -12.28 -22.67
N LEU C 1422 16.01 -12.05 -23.51
CA LEU C 1422 16.25 -11.49 -24.87
C LEU C 1422 16.06 -9.98 -24.86
N VAL C 1423 17.01 -9.24 -25.44
CA VAL C 1423 16.95 -7.74 -25.53
C VAL C 1423 16.91 -7.34 -27.01
N ASP C 1424 15.97 -6.48 -27.39
CA ASP C 1424 15.81 -6.02 -28.79
C ASP C 1424 15.63 -7.23 -29.71
N GLY C 1425 14.78 -8.17 -29.30
CA GLY C 1425 14.46 -9.39 -30.08
C GLY C 1425 15.50 -10.50 -29.97
N ARG C 1426 16.77 -10.21 -30.28
CA ARG C 1426 17.83 -11.26 -30.21
C ARG C 1426 18.03 -11.70 -28.75
N LEU C 1427 18.29 -12.99 -28.53
CA LEU C 1427 18.50 -13.50 -27.14
C LEU C 1427 20.00 -13.46 -26.84
N VAL C 1428 20.41 -12.75 -25.78
CA VAL C 1428 21.82 -12.63 -25.46
C VAL C 1428 22.24 -13.72 -24.48
N TRP C 1429 21.38 -14.05 -23.51
CA TRP C 1429 21.76 -14.94 -22.43
C TRP C 1429 20.81 -16.12 -22.35
N PHE C 1430 21.06 -16.98 -21.38
CA PHE C 1430 20.16 -18.08 -21.05
C PHE C 1430 20.58 -18.59 -19.68
N LEU C 1431 19.67 -18.53 -18.72
CA LEU C 1431 19.90 -19.07 -17.38
C LEU C 1431 19.39 -20.50 -17.37
N GLU C 1432 19.97 -21.34 -16.53
CA GLU C 1432 19.60 -22.74 -16.49
C GLU C 1432 19.36 -23.20 -15.07
N ARG C 1433 18.12 -23.61 -14.79
CA ARG C 1433 17.75 -24.17 -13.50
C ARG C 1433 18.09 -23.23 -12.35
N GLY C 1434 17.66 -21.97 -12.47
CA GLY C 1434 17.81 -21.05 -11.35
C GLY C 1434 19.24 -20.71 -11.00
N GLY C 1435 19.93 -20.01 -11.87
CA GLY C 1435 21.31 -19.66 -11.63
C GLY C 1435 22.26 -20.72 -12.14
N ARG C 1436 23.50 -20.66 -11.65
CA ARG C 1436 24.51 -21.69 -11.77
C ARG C 1436 24.87 -22.01 -13.21
N SER C 1437 24.32 -21.33 -14.20
CA SER C 1437 24.69 -21.56 -15.60
C SER C 1437 24.22 -20.36 -16.41
N LEU C 1438 25.15 -19.76 -17.14
CA LEU C 1438 24.87 -18.65 -18.05
C LEU C 1438 25.42 -19.04 -19.41
N LEU C 1439 24.67 -18.75 -20.46
CA LEU C 1439 24.88 -19.35 -21.77
C LEU C 1439 24.94 -18.27 -22.85
N SER C 1440 25.75 -17.25 -22.61
CA SER C 1440 25.87 -16.15 -23.57
C SER C 1440 26.02 -16.68 -24.99
N PHE C 1441 25.18 -16.18 -25.88
CA PHE C 1441 25.12 -16.64 -27.26
C PHE C 1441 25.51 -15.51 -28.19
N GLY C 1442 26.78 -15.48 -28.60
CA GLY C 1442 27.24 -14.40 -29.46
C GLY C 1442 26.98 -13.02 -28.89
N ALA C 1443 27.54 -12.73 -27.73
CA ALA C 1443 27.27 -11.48 -27.06
C ALA C 1443 27.81 -10.29 -27.85
N ASP C 1444 27.23 -9.13 -27.61
CA ASP C 1444 27.72 -7.86 -28.14
C ASP C 1444 27.71 -6.84 -27.02
N ALA C 1445 28.83 -6.13 -26.88
CA ALA C 1445 29.02 -5.25 -25.73
C ALA C 1445 27.93 -4.19 -25.70
N ASP C 1446 27.54 -3.79 -24.50
CA ASP C 1446 26.51 -2.83 -24.14
C ASP C 1446 25.11 -3.41 -24.39
N ALA C 1447 24.99 -4.57 -25.02
CA ALA C 1447 23.72 -5.27 -24.99
C ALA C 1447 23.60 -6.09 -23.72
N GLN C 1448 24.72 -6.66 -23.27
CA GLN C 1448 24.73 -7.33 -21.97
C GLN C 1448 24.39 -6.37 -20.85
N ARG C 1449 24.72 -5.10 -21.02
CA ARG C 1449 24.36 -4.11 -19.99
C ARG C 1449 22.86 -4.06 -19.79
N ALA C 1450 22.10 -4.08 -20.89
CA ALA C 1450 20.66 -4.01 -20.79
C ALA C 1450 20.07 -5.27 -20.19
N ALA C 1451 20.55 -6.44 -20.61
CA ALA C 1451 20.05 -7.68 -20.04
C ALA C 1451 20.38 -7.79 -18.57
N ALA C 1452 21.57 -7.35 -18.18
CA ALA C 1452 21.92 -7.34 -16.78
C ALA C 1452 21.03 -6.42 -15.98
N GLY C 1453 20.74 -5.22 -16.52
CA GLY C 1453 19.80 -4.34 -15.86
C GLY C 1453 18.44 -4.98 -15.69
N ALA C 1454 18.00 -5.71 -16.72
CA ALA C 1454 16.73 -6.43 -16.62
C ALA C 1454 16.75 -7.41 -15.47
N LEU C 1455 17.78 -8.25 -15.42
CA LEU C 1455 17.84 -9.27 -14.36
C LEU C 1455 17.92 -8.63 -12.98
N THR C 1456 18.66 -7.53 -12.85
CA THR C 1456 18.77 -6.90 -11.53
C THR C 1456 17.47 -6.28 -11.09
N ASP C 1457 16.77 -5.58 -11.98
CA ASP C 1457 15.49 -5.02 -11.56
C ASP C 1457 14.51 -6.14 -11.23
N LEU C 1458 14.60 -7.27 -11.94
CA LEU C 1458 13.75 -8.40 -11.61
C LEU C 1458 14.04 -8.91 -10.20
N VAL C 1459 15.31 -9.21 -9.90
CA VAL C 1459 15.62 -9.81 -8.60
C VAL C 1459 15.34 -8.81 -7.48
N SER C 1460 15.51 -7.52 -7.75
CA SER C 1460 15.29 -6.53 -6.71
C SER C 1460 13.80 -6.31 -6.48
N ALA C 1461 12.99 -6.44 -7.52
CA ALA C 1461 11.55 -6.37 -7.34
C ALA C 1461 11.03 -7.62 -6.63
N GLY C 1462 11.81 -8.68 -6.61
CA GLY C 1462 11.48 -9.86 -5.87
C GLY C 1462 10.76 -10.95 -6.63
N ARG C 1463 10.51 -10.76 -7.92
CA ARG C 1463 9.75 -11.75 -8.68
C ARG C 1463 10.51 -13.07 -8.78
N ILE C 1464 11.82 -13.03 -8.54
CA ILE C 1464 12.68 -14.19 -8.73
C ILE C 1464 13.65 -14.31 -7.56
N PRO C 1465 13.91 -15.52 -7.04
CA PRO C 1465 14.92 -15.66 -5.99
C PRO C 1465 16.30 -15.31 -6.51
N SER C 1466 17.04 -14.55 -5.69
CA SER C 1466 18.30 -13.96 -6.13
C SER C 1466 19.24 -15.00 -6.70
N LEU C 1467 20.06 -14.56 -7.64
CA LEU C 1467 21.07 -15.42 -8.26
C LEU C 1467 22.44 -14.96 -7.77
N LEU C 1468 23.06 -15.78 -6.94
CA LEU C 1468 24.42 -15.56 -6.48
C LEU C 1468 25.37 -16.60 -7.05
N VAL C 1469 24.83 -17.59 -7.76
CA VAL C 1469 25.62 -18.67 -8.32
C VAL C 1469 25.71 -18.44 -9.83
N GLU C 1470 26.93 -18.40 -10.34
CA GLU C 1470 27.17 -18.06 -11.74
C GLU C 1470 28.27 -18.95 -12.30
N ARG C 1471 28.03 -19.46 -13.50
CA ARG C 1471 29.00 -20.18 -14.30
C ARG C 1471 28.73 -19.85 -15.76
N ILE C 1472 29.69 -20.16 -16.62
CA ILE C 1472 29.48 -20.18 -18.06
C ILE C 1472 29.87 -21.58 -18.53
N ASN C 1473 29.87 -21.80 -19.84
CA ASN C 1473 29.97 -23.11 -20.51
C ASN C 1473 31.00 -23.97 -19.76
N GLY C 1474 32.26 -23.57 -19.68
CA GLY C 1474 33.26 -24.31 -18.94
C GLY C 1474 34.21 -23.46 -18.14
N VAL C 1475 34.07 -22.14 -18.24
CA VAL C 1475 35.05 -21.20 -17.73
C VAL C 1475 34.61 -20.68 -16.37
N ALA C 1476 33.88 -21.50 -15.61
CA ALA C 1476 32.88 -21.11 -14.62
C ALA C 1476 33.37 -19.93 -13.76
N VAL C 1477 34.42 -20.08 -12.97
CA VAL C 1477 34.77 -19.07 -11.99
C VAL C 1477 36.28 -18.96 -11.90
N LEU C 1478 36.80 -17.77 -12.23
CA LEU C 1478 38.21 -17.45 -12.04
C LEU C 1478 39.12 -18.48 -12.70
N ASP C 1479 38.88 -18.71 -13.98
CA ASP C 1479 39.80 -19.55 -14.74
C ASP C 1479 40.90 -18.68 -15.35
N PRO C 1480 42.15 -18.91 -14.99
CA PRO C 1480 43.25 -18.12 -15.60
C PRO C 1480 43.31 -18.23 -17.10
N ASP C 1481 42.70 -19.28 -17.67
CA ASP C 1481 42.64 -19.44 -19.12
C ASP C 1481 41.59 -18.53 -19.73
N VAL C 1482 41.18 -17.48 -19.01
CA VAL C 1482 40.05 -16.62 -19.33
C VAL C 1482 39.99 -16.26 -20.81
N ASP C 1483 38.79 -16.35 -21.38
CA ASP C 1483 38.62 -16.11 -22.80
C ASP C 1483 38.05 -14.72 -23.03
N ALA C 1484 38.03 -14.29 -24.29
CA ALA C 1484 37.40 -13.01 -24.61
C ALA C 1484 35.90 -13.07 -24.37
N GLU C 1485 35.25 -14.13 -24.85
CA GLU C 1485 33.80 -14.23 -24.72
C GLU C 1485 33.38 -14.33 -23.27
N ARG C 1486 34.21 -14.94 -22.43
CA ARG C 1486 33.89 -14.97 -21.01
C ARG C 1486 34.13 -13.61 -20.36
N ALA C 1487 35.01 -12.81 -20.95
CA ALA C 1487 35.33 -11.51 -20.35
C ALA C 1487 34.11 -10.60 -20.35
N VAL C 1488 33.49 -10.40 -21.52
CA VAL C 1488 32.40 -9.44 -21.64
C VAL C 1488 31.29 -9.74 -20.64
N VAL C 1489 31.01 -11.02 -20.42
CA VAL C 1489 30.00 -11.40 -19.43
C VAL C 1489 30.38 -10.87 -18.06
N GLN C 1490 31.64 -11.04 -17.67
CA GLN C 1490 32.08 -10.55 -16.37
C GLN C 1490 31.98 -9.03 -16.30
N ASP C 1491 32.56 -8.33 -17.26
CA ASP C 1491 32.51 -6.87 -17.26
C ASP C 1491 31.08 -6.37 -17.22
N ALA C 1492 30.14 -7.15 -17.76
CA ALA C 1492 28.74 -6.77 -17.71
C ALA C 1492 28.17 -6.97 -16.31
N LEU C 1493 28.36 -8.15 -15.73
CA LEU C 1493 27.71 -8.47 -14.47
C LEU C 1493 28.25 -7.63 -13.32
N LEU C 1494 29.56 -7.35 -13.32
CA LEU C 1494 30.10 -6.49 -12.27
C LEU C 1494 29.54 -5.08 -12.38
N GLY C 1495 29.42 -4.57 -13.60
CA GLY C 1495 28.91 -3.22 -13.79
C GLY C 1495 27.48 -3.06 -13.30
N ALA C 1496 26.66 -4.12 -13.46
CA ALA C 1496 25.28 -4.05 -13.01
C ALA C 1496 25.18 -4.14 -11.50
N GLY C 1497 26.31 -4.38 -10.83
CA GLY C 1497 26.34 -4.43 -9.39
C GLY C 1497 26.20 -5.81 -8.79
N LEU C 1498 26.19 -6.85 -9.60
CA LEU C 1498 26.06 -8.19 -9.06
C LEU C 1498 27.33 -8.56 -8.31
N SER C 1499 27.14 -9.19 -7.14
CA SER C 1499 28.26 -9.52 -6.27
C SER C 1499 29.22 -10.48 -6.94
N ARG C 1500 30.50 -10.36 -6.61
CA ARG C 1500 31.53 -11.24 -7.16
C ARG C 1500 32.14 -12.06 -6.03
N THR C 1501 32.57 -13.27 -6.36
CA THR C 1501 33.22 -14.21 -5.45
C THR C 1501 32.76 -14.14 -4.00
N PRO C 1502 31.48 -14.38 -3.71
CA PRO C 1502 31.08 -14.59 -2.32
C PRO C 1502 31.52 -15.95 -1.81
N ARG C 1503 31.36 -16.98 -2.63
CA ARG C 1503 31.85 -18.31 -2.34
C ARG C 1503 31.86 -19.10 -3.64
N GLY C 1504 32.70 -20.13 -3.68
CA GLY C 1504 32.69 -21.02 -4.84
C GLY C 1504 31.45 -21.89 -4.88
N LEU C 1505 30.92 -22.24 -3.71
CA LEU C 1505 29.83 -23.20 -3.60
C LEU C 1505 28.65 -22.57 -2.88
N ARG C 1506 27.64 -23.40 -2.63
CA ARG C 1506 26.55 -23.09 -1.72
C ARG C 1506 25.94 -24.41 -1.26
N LEU C 1507 25.74 -24.54 0.05
CA LEU C 1507 25.19 -25.79 0.59
C LEU C 1507 23.67 -25.82 0.40
N LEU D 894 -17.89 23.80 -54.54
CA LEU D 894 -17.88 22.35 -54.74
C LEU D 894 -17.02 21.98 -55.94
N ASP D 895 -15.71 22.04 -55.75
CA ASP D 895 -14.78 21.68 -56.81
C ASP D 895 -15.11 20.29 -57.34
N PRO D 896 -15.31 20.14 -58.66
CA PRO D 896 -15.62 18.81 -59.20
C PRO D 896 -14.53 17.79 -58.96
N ALA D 897 -13.30 18.23 -58.71
CA ALA D 897 -12.23 17.29 -58.37
C ALA D 897 -12.41 16.75 -56.95
N VAL D 898 -12.58 17.64 -55.98
CA VAL D 898 -12.77 17.21 -54.60
C VAL D 898 -14.03 16.36 -54.47
N VAL D 899 -15.13 16.80 -55.06
CA VAL D 899 -16.38 16.06 -54.90
C VAL D 899 -16.24 14.66 -55.49
N ALA D 900 -15.23 14.44 -56.32
CA ALA D 900 -14.96 13.09 -56.80
C ALA D 900 -14.33 12.24 -55.72
N SER D 901 -13.14 12.63 -55.26
CA SER D 901 -12.41 11.81 -54.30
C SER D 901 -13.20 11.62 -53.02
N THR D 902 -13.80 12.69 -52.50
CA THR D 902 -14.54 12.58 -51.25
C THR D 902 -15.74 11.66 -51.41
N SER D 903 -16.47 11.77 -52.52
CA SER D 903 -17.55 10.83 -52.75
C SER D 903 -17.00 9.45 -53.04
N ALA D 904 -15.73 9.37 -53.45
CA ALA D 904 -15.11 8.07 -53.61
C ALA D 904 -14.76 7.45 -52.27
N GLN D 905 -13.91 8.13 -51.49
CA GLN D 905 -13.40 7.53 -50.27
C GLN D 905 -14.51 7.35 -49.24
N LEU D 906 -15.63 8.04 -49.42
CA LEU D 906 -16.79 7.76 -48.58
C LEU D 906 -17.40 6.43 -48.92
N GLN D 907 -17.35 6.03 -50.19
CA GLN D 907 -17.98 4.81 -50.67
C GLN D 907 -17.05 3.61 -50.55
N HIS D 908 -15.90 3.79 -49.92
CA HIS D 908 -14.90 2.74 -49.79
C HIS D 908 -14.47 2.22 -51.16
N LEU D 909 -14.10 3.14 -52.06
CA LEU D 909 -13.64 2.80 -53.39
C LEU D 909 -12.14 2.93 -53.56
N THR D 910 -11.46 3.60 -52.65
CA THR D 910 -10.04 3.85 -52.79
C THR D 910 -9.27 2.53 -52.71
N PRO D 911 -8.12 2.43 -53.39
CA PRO D 911 -7.29 1.23 -53.20
C PRO D 911 -6.92 0.99 -51.75
N GLU D 912 -6.30 1.96 -51.10
CA GLU D 912 -6.23 1.93 -49.67
C GLU D 912 -7.65 2.02 -49.11
N ARG D 913 -7.84 1.53 -47.87
CA ARG D 913 -9.16 1.53 -47.24
C ARG D 913 -10.13 0.67 -48.04
N ALA D 914 -9.81 -0.62 -48.13
CA ALA D 914 -10.66 -1.59 -48.79
C ALA D 914 -10.78 -2.81 -47.89
N ALA D 915 -11.87 -3.56 -48.02
CA ALA D 915 -12.04 -4.74 -47.19
C ALA D 915 -11.02 -5.80 -47.57
N ARG D 916 -10.32 -6.33 -46.56
CA ARG D 916 -9.28 -7.32 -46.78
C ARG D 916 -9.62 -8.67 -46.17
N ASP D 917 -10.84 -8.86 -45.70
CA ASP D 917 -11.13 -9.97 -44.80
C ASP D 917 -12.52 -10.48 -45.08
N ALA D 918 -12.88 -11.58 -44.41
CA ALA D 918 -14.21 -12.13 -44.57
C ALA D 918 -15.23 -11.35 -43.77
N GLU D 919 -14.78 -10.71 -42.69
CA GLU D 919 -15.69 -9.92 -41.88
C GLU D 919 -15.67 -8.46 -42.31
N GLY D 920 -14.54 -7.99 -42.83
CA GLY D 920 -14.51 -6.65 -43.38
C GLY D 920 -15.51 -6.44 -44.51
N VAL D 921 -16.05 -7.53 -45.04
CA VAL D 921 -17.14 -7.44 -45.99
C VAL D 921 -18.45 -7.16 -45.27
N ALA D 922 -18.72 -7.90 -44.19
CA ALA D 922 -19.94 -7.64 -43.42
C ALA D 922 -19.96 -6.21 -42.90
N ASP D 923 -18.78 -5.66 -42.64
CA ASP D 923 -18.72 -4.27 -42.21
C ASP D 923 -19.13 -3.31 -43.32
N LEU D 924 -18.84 -3.65 -44.57
CA LEU D 924 -19.43 -2.92 -45.68
C LEU D 924 -20.95 -2.96 -45.59
N LEU D 925 -21.52 -4.15 -45.61
CA LEU D 925 -22.97 -4.30 -45.63
C LEU D 925 -23.62 -3.60 -44.45
N ARG D 926 -22.87 -3.37 -43.38
CA ARG D 926 -23.45 -2.71 -42.22
C ARG D 926 -23.29 -1.20 -42.31
N LEU D 927 -22.14 -0.72 -42.78
CA LEU D 927 -21.91 0.72 -42.83
C LEU D 927 -22.82 1.37 -43.85
N LEU D 928 -22.68 1.01 -45.11
CA LEU D 928 -23.54 1.48 -46.18
C LEU D 928 -24.54 0.37 -46.51
N GLY D 929 -25.49 0.70 -47.36
CA GLY D 929 -26.66 -0.13 -47.54
C GLY D 929 -26.39 -1.48 -48.17
N PRO D 930 -27.46 -2.23 -48.44
CA PRO D 930 -27.30 -3.48 -49.17
C PRO D 930 -26.82 -3.20 -50.59
N LEU D 931 -25.93 -4.05 -51.08
CA LEU D 931 -25.32 -3.86 -52.38
C LEU D 931 -24.97 -5.22 -52.98
N THR D 932 -24.89 -5.25 -54.30
CA THR D 932 -24.75 -6.51 -55.02
C THR D 932 -23.33 -7.04 -54.95
N GLU D 933 -23.21 -8.36 -54.99
CA GLU D 933 -21.89 -8.99 -54.87
C GLU D 933 -20.98 -8.55 -56.01
N ALA D 934 -21.54 -8.36 -57.21
CA ALA D 934 -20.77 -7.79 -58.30
C ALA D 934 -20.20 -6.44 -57.90
N ASP D 935 -20.90 -5.72 -57.03
CA ASP D 935 -20.37 -4.45 -56.53
C ASP D 935 -19.38 -4.68 -55.40
N ILE D 936 -19.71 -5.58 -54.47
CA ILE D 936 -18.80 -5.85 -53.36
C ILE D 936 -17.42 -6.21 -53.88
N ALA D 937 -17.36 -6.89 -55.02
CA ALA D 937 -16.07 -7.25 -55.60
C ALA D 937 -15.23 -6.02 -55.90
N GLN D 938 -15.88 -4.86 -56.05
CA GLN D 938 -15.11 -3.64 -56.31
C GLN D 938 -14.49 -3.10 -55.04
N ARG D 939 -15.05 -3.45 -53.88
CA ARG D 939 -14.50 -2.96 -52.62
C ARG D 939 -13.37 -3.86 -52.14
N CYS D 940 -13.62 -5.15 -51.99
CA CYS D 940 -12.65 -6.07 -51.42
C CYS D 940 -11.43 -6.20 -52.32
N THR D 941 -10.31 -6.64 -51.75
CA THR D 941 -9.07 -6.78 -52.51
C THR D 941 -9.05 -8.09 -53.30
N ALA D 942 -9.05 -9.22 -52.61
CA ALA D 942 -8.98 -10.53 -53.25
C ALA D 942 -10.36 -10.82 -53.84
N ASP D 943 -10.41 -11.01 -55.16
CA ASP D 943 -11.66 -11.07 -55.90
C ASP D 943 -12.24 -12.48 -55.96
N ASN D 944 -11.95 -13.31 -54.95
CA ASN D 944 -12.50 -14.66 -54.93
C ASN D 944 -13.76 -14.71 -54.08
N ILE D 945 -14.52 -13.62 -54.06
CA ILE D 945 -15.67 -13.40 -53.19
C ILE D 945 -16.62 -14.58 -53.13
N GLY D 946 -16.70 -15.34 -54.23
CA GLY D 946 -17.71 -16.39 -54.34
C GLY D 946 -17.79 -17.31 -53.14
N ALA D 947 -16.73 -17.33 -52.32
CA ALA D 947 -16.72 -18.16 -51.12
C ALA D 947 -16.91 -17.33 -49.85
N TRP D 948 -16.40 -16.10 -49.81
CA TRP D 948 -16.56 -15.28 -48.62
C TRP D 948 -18.04 -15.08 -48.31
N LEU D 949 -18.82 -14.69 -49.31
CA LEU D 949 -20.24 -14.47 -49.13
C LEU D 949 -21.01 -15.73 -48.80
N ASP D 950 -20.51 -16.89 -49.20
CA ASP D 950 -21.15 -18.13 -48.81
C ASP D 950 -20.81 -18.49 -47.37
N GLY D 951 -19.61 -18.11 -46.92
CA GLY D 951 -19.27 -18.31 -45.52
C GLY D 951 -20.22 -17.61 -44.59
N LEU D 952 -20.54 -16.36 -44.89
CA LEU D 952 -21.50 -15.61 -44.07
C LEU D 952 -22.88 -16.26 -44.13
N HIS D 953 -23.27 -16.75 -45.32
CA HIS D 953 -24.58 -17.37 -45.45
C HIS D 953 -24.67 -18.64 -44.62
N ALA D 954 -23.60 -19.44 -44.61
CA ALA D 954 -23.59 -20.65 -43.81
C ALA D 954 -23.57 -20.33 -42.32
N ALA D 955 -22.79 -19.32 -41.94
CA ALA D 955 -22.79 -18.82 -40.56
C ALA D 955 -24.02 -17.98 -40.26
N LYS D 956 -24.98 -17.93 -41.19
CA LYS D 956 -26.25 -17.26 -40.99
C LYS D 956 -26.05 -15.78 -40.66
N ARG D 957 -25.33 -15.11 -41.54
CA ARG D 957 -25.13 -13.66 -41.47
C ARG D 957 -25.15 -13.10 -42.88
N ALA D 958 -25.58 -11.85 -43.01
CA ALA D 958 -25.58 -11.15 -44.29
C ALA D 958 -26.38 -11.92 -45.35
N LEU D 959 -27.68 -12.03 -45.13
CA LEU D 959 -28.51 -12.86 -46.00
C LEU D 959 -28.70 -12.19 -47.36
N PRO D 960 -29.01 -12.95 -48.40
CA PRO D 960 -29.30 -12.36 -49.70
C PRO D 960 -30.80 -12.13 -49.89
N VAL D 961 -31.11 -11.13 -50.72
CA VAL D 961 -32.49 -10.82 -51.08
C VAL D 961 -32.56 -10.48 -52.55
N THR D 962 -33.75 -10.68 -53.12
CA THR D 962 -33.98 -10.55 -54.55
C THR D 962 -34.85 -9.36 -54.93
N TYR D 963 -35.07 -8.43 -54.01
CA TYR D 963 -35.97 -7.31 -54.29
C TYR D 963 -35.36 -6.36 -55.31
N ALA D 964 -36.23 -5.51 -55.88
CA ALA D 964 -35.82 -4.47 -56.82
C ALA D 964 -35.06 -5.05 -58.00
N GLY D 965 -35.75 -5.89 -58.78
CA GLY D 965 -35.13 -6.50 -59.94
C GLY D 965 -34.12 -7.56 -59.56
N GLN D 966 -32.83 -7.26 -59.74
CA GLN D 966 -31.80 -8.24 -59.46
C GLN D 966 -31.60 -8.41 -57.96
N THR D 967 -30.97 -9.51 -57.57
CA THR D 967 -30.76 -9.80 -56.17
C THR D 967 -29.45 -9.20 -55.68
N TRP D 968 -29.44 -8.76 -54.43
CA TRP D 968 -28.21 -8.32 -53.77
C TRP D 968 -28.30 -8.58 -52.28
N TRP D 969 -27.15 -8.75 -51.64
CA TRP D 969 -27.10 -9.15 -50.25
C TRP D 969 -27.43 -7.98 -49.33
N ALA D 970 -27.78 -8.30 -48.09
CA ALA D 970 -28.07 -7.31 -47.07
C ALA D 970 -27.79 -7.89 -45.71
N ALA D 971 -27.33 -7.03 -44.80
CA ALA D 971 -26.98 -7.47 -43.47
C ALA D 971 -28.21 -7.97 -42.74
N VAL D 972 -28.00 -8.97 -41.87
CA VAL D 972 -29.10 -9.50 -41.08
C VAL D 972 -29.77 -8.39 -40.28
N GLU D 973 -28.99 -7.48 -39.72
CA GLU D 973 -29.56 -6.43 -38.90
C GLU D 973 -30.51 -5.55 -39.70
N ASP D 974 -30.28 -5.45 -41.00
CA ASP D 974 -31.16 -4.68 -41.86
C ASP D 974 -32.16 -5.54 -42.61
N ILE D 975 -32.21 -6.84 -42.35
CA ILE D 975 -33.21 -7.67 -43.03
C ILE D 975 -34.59 -7.39 -42.46
N GLY D 976 -34.65 -7.03 -41.18
CA GLY D 976 -35.93 -6.64 -40.60
C GLY D 976 -36.48 -5.37 -41.22
N LEU D 977 -35.68 -4.30 -41.24
CA LEU D 977 -36.12 -3.05 -41.81
C LEU D 977 -36.48 -3.21 -43.28
N LEU D 978 -35.58 -3.81 -44.06
CA LEU D 978 -35.81 -3.96 -45.49
C LEU D 978 -37.03 -4.84 -45.76
N ARG D 979 -37.24 -5.85 -44.92
CA ARG D 979 -38.41 -6.72 -45.08
C ARG D 979 -39.69 -5.91 -45.14
N ASP D 980 -39.92 -5.08 -44.11
CA ASP D 980 -41.16 -4.33 -44.05
C ASP D 980 -41.13 -3.16 -45.02
N GLY D 981 -39.94 -2.71 -45.42
CA GLY D 981 -39.86 -1.63 -46.38
C GLY D 981 -40.32 -2.05 -47.76
N ILE D 982 -39.73 -3.12 -48.30
CA ILE D 982 -40.05 -3.58 -49.64
C ILE D 982 -39.58 -5.03 -49.78
N GLY D 983 -40.18 -5.75 -50.72
CA GLY D 983 -39.71 -7.08 -51.04
C GLY D 983 -40.31 -8.16 -50.17
N VAL D 984 -39.91 -9.39 -50.47
CA VAL D 984 -40.36 -10.56 -49.72
C VAL D 984 -39.70 -10.51 -48.34
N PRO D 985 -40.37 -11.02 -47.31
CA PRO D 985 -39.75 -11.04 -45.98
C PRO D 985 -38.64 -12.07 -45.89
N VAL D 986 -37.93 -12.02 -44.76
CA VAL D 986 -36.79 -12.91 -44.55
C VAL D 986 -37.27 -14.34 -44.47
N PRO D 987 -36.51 -15.33 -44.95
CA PRO D 987 -36.91 -16.73 -44.75
C PRO D 987 -37.01 -17.07 -43.28
N VAL D 988 -37.77 -18.13 -43.00
CA VAL D 988 -38.05 -18.50 -41.61
C VAL D 988 -36.84 -19.18 -40.99
N GLY D 989 -35.81 -19.43 -41.80
CA GLY D 989 -34.60 -20.05 -41.26
C GLY D 989 -33.79 -19.10 -40.41
N VAL D 990 -34.11 -17.81 -40.45
CA VAL D 990 -33.31 -16.82 -39.72
C VAL D 990 -33.58 -16.92 -38.24
N PRO D 991 -32.60 -16.67 -37.36
CA PRO D 991 -32.94 -16.46 -35.95
C PRO D 991 -33.93 -15.33 -35.73
N ALA D 992 -33.79 -14.23 -36.48
CA ALA D 992 -34.77 -13.14 -36.50
C ALA D 992 -34.93 -12.49 -35.13
N ALA D 993 -33.86 -12.52 -34.32
CA ALA D 993 -33.92 -11.87 -33.02
C ALA D 993 -33.83 -10.35 -33.17
N PHE D 994 -33.03 -9.87 -34.11
CA PHE D 994 -32.84 -8.45 -34.33
C PHE D 994 -33.66 -7.92 -35.50
N THR D 995 -34.52 -8.74 -36.08
CA THR D 995 -35.28 -8.33 -37.25
C THR D 995 -36.42 -7.39 -36.89
N GLU D 996 -37.20 -7.75 -35.87
CA GLU D 996 -38.48 -7.11 -35.61
C GLU D 996 -38.33 -5.60 -35.48
N SER D 997 -39.08 -4.87 -36.30
CA SER D 997 -39.01 -3.42 -36.39
C SER D 997 -40.00 -2.80 -35.44
N ALA D 998 -39.58 -1.74 -34.76
CA ALA D 998 -40.44 -0.94 -33.90
C ALA D 998 -40.56 0.50 -34.38
N SER D 999 -40.26 0.76 -35.65
CA SER D 999 -40.36 2.11 -36.20
C SER D 999 -40.38 2.05 -37.72
N ASP D 1000 -40.50 3.23 -38.31
CA ASP D 1000 -40.66 3.43 -39.75
C ASP D 1000 -39.44 2.98 -40.53
N PRO D 1001 -39.56 2.01 -41.44
CA PRO D 1001 -38.37 1.59 -42.21
C PRO D 1001 -37.84 2.65 -43.16
N LEU D 1002 -38.69 3.19 -44.03
CA LEU D 1002 -38.21 3.98 -45.16
C LEU D 1002 -37.61 5.30 -44.69
N GLY D 1003 -37.83 5.66 -43.43
CA GLY D 1003 -37.20 6.85 -42.89
C GLY D 1003 -35.73 6.65 -42.56
N ASP D 1004 -35.28 5.40 -42.55
CA ASP D 1004 -33.91 5.10 -42.17
C ASP D 1004 -33.13 4.39 -43.26
N LEU D 1005 -33.80 3.77 -44.23
CA LEU D 1005 -33.08 3.09 -45.31
C LEU D 1005 -32.52 4.10 -46.30
N ILE D 1006 -33.20 5.23 -46.47
CA ILE D 1006 -32.70 6.25 -47.37
C ILE D 1006 -31.65 7.11 -46.68
N GLY D 1007 -31.78 7.30 -45.36
CA GLY D 1007 -30.88 8.20 -44.66
C GLY D 1007 -29.43 7.78 -44.76
N ARG D 1008 -29.11 6.56 -44.32
CA ARG D 1008 -27.76 6.05 -44.45
C ARG D 1008 -27.31 6.02 -45.90
N TYR D 1009 -28.24 5.77 -46.83
CA TYR D 1009 -27.89 5.76 -48.24
C TYR D 1009 -27.46 7.14 -48.72
N ALA D 1010 -27.92 8.18 -48.04
CA ALA D 1010 -27.55 9.53 -48.44
C ALA D 1010 -26.31 10.00 -47.72
N ARG D 1011 -26.19 9.67 -46.43
CA ARG D 1011 -25.04 10.10 -45.65
C ARG D 1011 -23.74 9.54 -46.23
N THR D 1012 -23.84 8.48 -47.03
CA THR D 1012 -22.64 7.82 -47.56
C THR D 1012 -22.16 8.48 -48.85
N ARG D 1013 -23.05 8.63 -49.82
CA ARG D 1013 -22.63 9.07 -51.14
C ARG D 1013 -22.59 10.59 -51.23
N GLY D 1014 -21.98 11.07 -52.31
CA GLY D 1014 -21.91 12.49 -52.57
C GLY D 1014 -23.24 13.03 -53.04
N PRO D 1015 -23.23 14.19 -53.67
CA PRO D 1015 -24.49 14.78 -54.17
C PRO D 1015 -25.14 13.84 -55.18
N PHE D 1016 -26.41 13.54 -54.94
CA PHE D 1016 -27.10 12.51 -55.70
C PHE D 1016 -28.43 13.03 -56.21
N THR D 1017 -28.96 12.35 -57.21
CA THR D 1017 -30.22 12.74 -57.83
C THR D 1017 -31.39 12.01 -57.19
N THR D 1018 -32.56 12.64 -57.24
CA THR D 1018 -33.76 12.04 -56.68
C THR D 1018 -34.28 10.92 -57.58
N GLU D 1019 -33.75 10.83 -58.80
CA GLU D 1019 -34.23 9.82 -59.74
C GLU D 1019 -33.62 8.46 -59.44
N GLN D 1020 -32.39 8.44 -58.94
CA GLN D 1020 -31.64 7.18 -58.84
C GLN D 1020 -32.13 6.33 -57.67
N THR D 1021 -32.41 6.96 -56.54
CA THR D 1021 -32.81 6.21 -55.35
C THR D 1021 -34.04 5.35 -55.62
N ALA D 1022 -34.98 5.87 -56.40
CA ALA D 1022 -36.20 5.12 -56.69
C ALA D 1022 -35.89 3.90 -57.54
N ALA D 1023 -34.90 4.00 -58.42
CA ALA D 1023 -34.48 2.84 -59.19
C ALA D 1023 -33.81 1.81 -58.30
N ARG D 1024 -32.91 2.26 -57.42
CA ARG D 1024 -32.19 1.33 -56.56
C ARG D 1024 -33.15 0.61 -55.61
N PHE D 1025 -34.16 1.32 -55.13
CA PHE D 1025 -35.09 0.74 -54.17
C PHE D 1025 -36.39 0.27 -54.81
N GLY D 1026 -36.47 0.21 -56.13
CA GLY D 1026 -37.66 -0.27 -56.81
C GLY D 1026 -38.86 0.64 -56.70
N LEU D 1027 -38.67 1.89 -56.29
CA LEU D 1027 -39.78 2.80 -56.08
C LEU D 1027 -40.30 3.33 -57.42
N GLY D 1028 -41.18 4.34 -57.33
CA GLY D 1028 -41.69 4.98 -58.52
C GLY D 1028 -40.80 6.14 -58.93
N VAL D 1029 -41.35 7.35 -58.98
CA VAL D 1029 -40.56 8.58 -59.07
C VAL D 1029 -40.94 9.58 -57.98
N ARG D 1030 -42.20 10.03 -57.99
CA ARG D 1030 -42.62 11.05 -57.04
C ARG D 1030 -42.63 10.51 -55.62
N VAL D 1031 -42.80 9.19 -55.47
CA VAL D 1031 -42.82 8.61 -54.13
C VAL D 1031 -41.49 8.83 -53.44
N ALA D 1032 -40.41 8.92 -54.22
CA ALA D 1032 -39.11 9.19 -53.64
C ALA D 1032 -38.99 10.62 -53.16
N SER D 1033 -39.44 11.58 -53.98
CA SER D 1033 -39.31 12.98 -53.62
C SER D 1033 -40.09 13.30 -52.35
N ASP D 1034 -41.11 12.51 -52.04
CA ASP D 1034 -41.82 12.69 -50.79
C ASP D 1034 -40.88 12.56 -49.60
N VAL D 1035 -39.97 11.58 -49.65
CA VAL D 1035 -39.07 11.37 -48.52
C VAL D 1035 -38.04 12.49 -48.45
N LEU D 1036 -37.42 12.81 -49.59
CA LEU D 1036 -36.43 13.90 -49.61
C LEU D 1036 -37.04 15.19 -49.07
N SER D 1037 -38.34 15.40 -49.28
CA SER D 1037 -38.99 16.57 -48.72
C SER D 1037 -39.01 16.53 -47.20
N ARG D 1038 -39.56 15.45 -46.62
CA ARG D 1038 -39.64 15.35 -45.17
C ARG D 1038 -38.25 15.24 -44.55
N MET D 1039 -37.28 14.73 -45.31
CA MET D 1039 -35.93 14.63 -44.80
C MET D 1039 -35.29 16.00 -44.64
N ALA D 1040 -35.67 16.95 -45.51
CA ALA D 1040 -35.09 18.29 -45.41
C ALA D 1040 -35.54 19.00 -44.15
N VAL D 1041 -36.73 18.64 -43.64
CA VAL D 1041 -37.29 19.35 -42.49
C VAL D 1041 -36.58 18.90 -41.21
N ASP D 1042 -36.08 17.67 -41.19
CA ASP D 1042 -35.44 17.16 -39.98
C ASP D 1042 -34.09 17.83 -39.74
N GLY D 1043 -33.33 18.05 -40.81
CA GLY D 1043 -31.96 18.50 -40.71
C GLY D 1043 -30.96 17.55 -41.33
N ARG D 1044 -31.41 16.58 -42.12
CA ARG D 1044 -30.49 15.62 -42.72
C ARG D 1044 -30.21 15.95 -44.18
N LEU D 1045 -31.26 16.16 -44.96
CA LEU D 1045 -31.13 16.34 -46.40
C LEU D 1045 -31.15 17.82 -46.76
N ILE D 1046 -30.11 18.26 -47.47
CA ILE D 1046 -29.99 19.64 -47.93
C ILE D 1046 -29.54 19.57 -49.38
N ARG D 1047 -29.51 20.72 -50.05
CA ARG D 1047 -29.11 20.77 -51.44
C ARG D 1047 -27.60 20.81 -51.59
N GLY D 1048 -27.10 20.16 -52.64
CA GLY D 1048 -25.70 20.22 -53.03
C GLY D 1048 -25.60 20.31 -54.54
N GLU D 1049 -24.83 21.26 -55.05
CA GLU D 1049 -24.84 21.56 -56.46
C GLU D 1049 -24.37 20.38 -57.29
N PHE D 1050 -24.81 20.34 -58.55
CA PHE D 1050 -24.47 19.25 -59.46
C PHE D 1050 -23.03 19.36 -59.96
N ASP D 1061 -28.19 15.53 -47.85
CA ASP D 1061 -26.81 15.27 -47.48
C ASP D 1061 -26.19 16.47 -46.79
N ALA D 1062 -26.57 16.71 -45.52
CA ALA D 1062 -26.05 17.89 -44.82
C ALA D 1062 -24.64 17.65 -44.32
N GLN D 1063 -24.40 16.49 -43.69
CA GLN D 1063 -23.07 16.20 -43.17
C GLN D 1063 -22.04 16.14 -44.30
N VAL D 1064 -22.45 15.64 -45.46
CA VAL D 1064 -21.52 15.57 -46.58
C VAL D 1064 -21.21 16.96 -47.11
N LEU D 1065 -22.17 17.89 -47.00
CA LEU D 1065 -21.92 19.24 -47.47
C LEU D 1065 -20.91 19.96 -46.57
N LYS D 1066 -20.96 19.71 -45.27
CA LYS D 1066 -19.94 20.25 -44.40
C LYS D 1066 -18.55 19.83 -44.87
N ILE D 1067 -18.37 18.53 -45.12
CA ILE D 1067 -17.06 18.03 -45.53
C ILE D 1067 -16.68 18.59 -46.88
N LEU D 1068 -17.63 18.70 -47.80
CA LEU D 1068 -17.31 19.17 -49.14
C LEU D 1068 -16.94 20.65 -49.14
N ARG D 1069 -17.57 21.43 -48.27
CA ARG D 1069 -17.17 22.82 -48.13
C ARG D 1069 -15.79 22.92 -47.48
N ARG D 1070 -15.55 22.10 -46.45
CA ARG D 1070 -14.27 22.16 -45.75
C ARG D 1070 -13.12 21.81 -46.67
N ARG D 1071 -13.24 20.74 -47.45
CA ARG D 1071 -12.13 20.32 -48.30
C ARG D 1071 -11.98 21.26 -49.49
N SER D 1072 -13.09 21.64 -50.12
CA SER D 1072 -13.03 22.49 -51.30
C SER D 1072 -12.29 23.79 -51.01
N LEU D 1073 -12.74 24.52 -50.00
CA LEU D 1073 -12.05 25.74 -49.63
C LEU D 1073 -10.59 25.48 -49.32
N ALA D 1074 -10.30 24.48 -48.49
CA ALA D 1074 -8.93 24.16 -48.16
C ALA D 1074 -8.15 23.76 -49.39
N ALA D 1075 -8.83 23.28 -50.43
CA ALA D 1075 -8.15 22.97 -51.67
C ALA D 1075 -7.99 24.21 -52.54
N LEU D 1076 -8.83 25.22 -52.32
CA LEU D 1076 -8.75 26.44 -53.12
C LEU D 1076 -7.39 27.10 -52.97
N ARG D 1077 -6.96 27.31 -51.74
CA ARG D 1077 -5.57 27.59 -51.45
C ARG D 1077 -4.84 26.25 -51.32
N ALA D 1078 -3.52 26.29 -51.40
CA ALA D 1078 -2.72 25.07 -51.39
C ALA D 1078 -2.38 24.68 -49.97
N GLN D 1079 -3.32 23.99 -49.31
CA GLN D 1079 -3.09 23.59 -47.94
C GLN D 1079 -3.97 22.41 -47.57
N VAL D 1080 -3.51 21.64 -46.59
CA VAL D 1080 -4.24 20.45 -46.17
C VAL D 1080 -5.40 20.87 -45.27
N GLU D 1081 -6.47 20.08 -45.28
CA GLU D 1081 -7.70 20.43 -44.60
C GLU D 1081 -7.48 20.50 -43.09
N PRO D 1082 -8.02 21.49 -42.40
CA PRO D 1082 -7.72 21.65 -40.98
C PRO D 1082 -8.63 20.79 -40.12
N VAL D 1083 -8.14 20.43 -38.94
CA VAL D 1083 -8.91 19.61 -38.02
C VAL D 1083 -9.93 20.48 -37.29
N SER D 1084 -11.07 19.90 -36.98
CA SER D 1084 -12.13 20.63 -36.30
C SER D 1084 -11.67 21.04 -34.91
N THR D 1085 -12.25 22.12 -34.40
CA THR D 1085 -11.86 22.62 -33.09
C THR D 1085 -12.17 21.61 -32.00
N ASP D 1086 -13.18 20.79 -32.21
CA ASP D 1086 -13.42 19.65 -31.34
C ASP D 1086 -12.20 18.74 -31.31
N ALA D 1087 -11.58 18.51 -32.47
CA ALA D 1087 -10.39 17.66 -32.50
C ALA D 1087 -9.26 18.27 -31.69
N TYR D 1088 -9.11 19.59 -31.74
CA TYR D 1088 -8.07 20.21 -30.94
C TYR D 1088 -8.37 20.06 -29.45
N ALA D 1089 -9.65 20.17 -29.07
CA ALA D 1089 -9.99 19.96 -27.68
C ALA D 1089 -9.70 18.52 -27.24
N ARG D 1090 -9.77 17.58 -28.18
CA ARG D 1090 -9.33 16.22 -27.84
C ARG D 1090 -7.81 16.12 -27.81
N PHE D 1091 -7.12 16.98 -28.55
CA PHE D 1091 -5.68 16.84 -28.70
C PHE D 1091 -4.94 17.45 -27.53
N LEU D 1092 -5.43 18.56 -26.99
CA LEU D 1092 -4.64 19.29 -26.00
C LEU D 1092 -4.44 18.50 -24.73
N PRO D 1093 -5.46 17.90 -24.10
CA PRO D 1093 -5.18 17.05 -22.93
C PRO D 1093 -4.07 16.04 -23.16
N SER D 1094 -4.12 15.26 -24.23
CA SER D 1094 -3.10 14.24 -24.41
C SER D 1094 -1.76 14.85 -24.78
N TRP D 1095 -1.75 16.11 -25.18
CA TRP D 1095 -0.47 16.78 -25.40
C TRP D 1095 0.15 17.26 -24.12
N GLN D 1096 -0.59 17.24 -23.01
CA GLN D 1096 -0.04 17.55 -21.71
C GLN D 1096 -0.10 16.37 -20.77
N HIS D 1097 -0.24 15.17 -21.30
CA HIS D 1097 -0.14 13.91 -20.56
C HIS D 1097 -1.37 13.61 -19.72
N VAL D 1098 -2.49 14.29 -19.95
CA VAL D 1098 -3.67 14.00 -19.16
C VAL D 1098 -4.08 12.55 -19.38
N GLY D 1099 -4.10 11.78 -18.30
CA GLY D 1099 -4.44 10.38 -18.41
C GLY D 1099 -3.44 9.57 -19.19
N SER D 1100 -2.15 9.87 -19.02
CA SER D 1100 -1.09 9.16 -19.71
C SER D 1100 -0.39 8.25 -18.72
N THR D 1101 -0.23 6.98 -19.09
CA THR D 1101 0.43 6.01 -18.23
C THR D 1101 1.92 5.89 -18.51
N ASN D 1102 2.42 6.57 -19.53
CA ASN D 1102 3.85 6.59 -19.77
C ASN D 1102 4.57 7.36 -18.67
N THR D 1103 3.90 8.35 -18.10
CA THR D 1103 4.51 9.24 -17.10
C THR D 1103 4.23 8.67 -15.72
N THR D 1104 5.29 8.46 -14.94
CA THR D 1104 5.14 7.99 -13.58
C THR D 1104 6.43 8.23 -12.83
N GLY D 1105 6.31 8.35 -11.51
CA GLY D 1105 7.47 8.55 -10.68
C GLY D 1105 8.00 9.97 -10.78
N VAL D 1106 8.98 10.26 -9.92
CA VAL D 1106 9.45 11.62 -9.80
C VAL D 1106 10.09 12.10 -11.09
N ASP D 1107 10.64 11.19 -11.88
CA ASP D 1107 11.22 11.58 -13.16
C ASP D 1107 10.13 11.95 -14.17
N GLY D 1108 8.89 11.54 -13.91
CA GLY D 1108 7.79 11.98 -14.74
C GLY D 1108 7.21 13.29 -14.27
N LEU D 1109 7.24 13.53 -12.96
CA LEU D 1109 6.75 14.80 -12.45
C LEU D 1109 7.70 15.93 -12.81
N ALA D 1110 9.00 15.66 -12.83
CA ALA D 1110 9.93 16.71 -13.24
C ALA D 1110 9.85 16.94 -14.74
N THR D 1111 9.08 16.11 -15.45
CA THR D 1111 8.73 16.42 -16.83
C THR D 1111 7.50 17.29 -16.87
N VAL D 1112 6.42 16.84 -16.24
CA VAL D 1112 5.18 17.61 -16.22
C VAL D 1112 5.43 19.05 -15.78
N ILE D 1113 6.30 19.26 -14.79
CA ILE D 1113 6.57 20.63 -14.36
C ILE D 1113 7.19 21.44 -15.46
N GLU D 1114 8.27 20.94 -16.09
CA GLU D 1114 9.03 21.80 -16.99
C GLU D 1114 8.15 22.29 -18.13
N GLN D 1115 7.07 21.57 -18.42
CA GLN D 1115 6.15 22.00 -19.46
C GLN D 1115 5.10 22.94 -18.90
N LEU D 1116 4.65 22.70 -17.68
CA LEU D 1116 3.70 23.57 -17.00
C LEU D 1116 4.40 24.69 -16.22
N ALA D 1117 5.60 25.08 -16.62
CA ALA D 1117 6.36 26.04 -15.85
C ALA D 1117 5.86 27.44 -16.09
N GLY D 1118 5.81 28.24 -15.04
CA GLY D 1118 5.47 29.63 -15.15
C GLY D 1118 4.00 29.95 -15.15
N VAL D 1119 3.13 28.99 -15.39
CA VAL D 1119 1.69 29.22 -15.48
C VAL D 1119 1.13 29.20 -14.07
N PRO D 1120 0.39 30.23 -13.65
CA PRO D 1120 -0.14 30.24 -12.28
C PRO D 1120 -1.46 29.49 -12.19
N ILE D 1121 -1.53 28.55 -11.26
CA ILE D 1121 -2.71 27.73 -11.03
C ILE D 1121 -3.01 27.71 -9.54
N PRO D 1122 -4.26 27.49 -9.16
CA PRO D 1122 -4.63 27.66 -7.75
C PRO D 1122 -4.03 26.56 -6.89
N ALA D 1123 -3.57 26.93 -5.70
CA ALA D 1123 -2.93 25.96 -4.83
C ALA D 1123 -3.86 24.80 -4.49
N SER D 1124 -5.17 25.06 -4.47
CA SER D 1124 -6.10 24.00 -4.12
C SER D 1124 -6.17 22.94 -5.20
N ALA D 1125 -5.98 23.33 -6.46
CA ALA D 1125 -6.09 22.37 -7.55
C ALA D 1125 -4.81 21.56 -7.70
N VAL D 1126 -3.66 22.16 -7.38
CA VAL D 1126 -2.39 21.45 -7.46
C VAL D 1126 -2.45 20.23 -6.56
N GLU D 1127 -1.80 19.15 -6.99
CA GLU D 1127 -1.72 17.89 -6.27
C GLU D 1127 -3.09 17.36 -5.86
N SER D 1128 -4.15 17.90 -6.44
CA SER D 1128 -5.48 17.33 -6.26
C SER D 1128 -6.15 17.00 -7.57
N LEU D 1129 -6.01 17.87 -8.58
CA LEU D 1129 -6.68 17.69 -9.85
C LEU D 1129 -5.80 17.93 -11.07
N VAL D 1130 -4.63 18.54 -10.92
CA VAL D 1130 -3.79 18.88 -12.05
C VAL D 1130 -2.53 18.03 -12.09
N PHE D 1131 -1.92 17.75 -10.96
CA PHE D 1131 -0.80 16.81 -11.00
C PHE D 1131 -1.25 15.36 -10.99
N PRO D 1132 -2.16 14.93 -10.11
CA PRO D 1132 -2.42 13.50 -10.02
C PRO D 1132 -3.16 12.95 -11.21
N GLN D 1133 -3.53 13.79 -12.16
CA GLN D 1133 -4.17 13.29 -13.37
C GLN D 1133 -3.13 12.84 -14.39
N ARG D 1134 -2.03 13.58 -14.50
CA ARG D 1134 -1.00 13.23 -15.46
C ARG D 1134 0.11 12.39 -14.86
N VAL D 1135 0.50 12.61 -13.62
CA VAL D 1135 1.43 11.73 -12.94
C VAL D 1135 0.72 10.55 -12.31
N ARG D 1136 0.54 9.46 -13.05
CA ARG D 1136 -0.45 8.40 -12.77
C ARG D 1136 -0.45 8.10 -11.26
N ASP D 1137 0.66 7.72 -10.66
CA ASP D 1137 0.70 7.61 -9.21
C ASP D 1137 1.43 8.79 -8.62
N TYR D 1138 0.79 9.49 -7.70
CA TYR D 1138 1.34 10.72 -7.15
C TYR D 1138 1.15 10.74 -5.66
N GLN D 1139 2.24 10.68 -4.92
CA GLN D 1139 2.18 10.82 -3.49
C GLN D 1139 2.86 12.11 -3.07
N PRO D 1140 2.20 12.94 -2.29
CA PRO D 1140 2.65 14.33 -2.14
C PRO D 1140 4.05 14.47 -1.57
N ALA D 1141 4.74 13.38 -1.32
CA ALA D 1141 6.14 13.49 -0.93
C ALA D 1141 7.03 13.70 -2.16
N MET D 1142 6.74 12.99 -3.25
CA MET D 1142 7.62 13.03 -4.40
C MET D 1142 7.69 14.44 -4.98
N LEU D 1143 6.66 15.24 -4.75
CA LEU D 1143 6.77 16.66 -5.05
C LEU D 1143 7.60 17.35 -4.00
N ASP D 1144 7.33 17.08 -2.72
CA ASP D 1144 8.06 17.75 -1.66
C ASP D 1144 9.52 17.34 -1.66
N GLU D 1145 9.82 16.15 -2.17
CA GLU D 1145 11.22 15.73 -2.25
C GLU D 1145 11.92 16.42 -3.40
N LEU D 1146 11.20 16.69 -4.48
CA LEU D 1146 11.76 17.47 -5.58
C LEU D 1146 12.12 18.87 -5.12
N LEU D 1147 11.14 19.59 -4.58
CA LEU D 1147 11.34 20.93 -4.05
C LEU D 1147 12.56 21.05 -3.13
N ALA D 1148 12.82 20.02 -2.32
CA ALA D 1148 13.84 20.14 -1.30
C ALA D 1148 15.23 20.23 -1.92
N SER D 1149 15.45 19.53 -3.03
CA SER D 1149 16.69 19.66 -3.76
C SER D 1149 16.67 20.98 -4.52
N GLY D 1150 17.69 21.19 -5.36
CA GLY D 1150 17.67 22.38 -6.18
C GLY D 1150 17.05 22.14 -7.53
N GLU D 1151 15.81 21.67 -7.58
CA GLU D 1151 15.23 21.25 -8.84
C GLU D 1151 14.11 22.16 -9.31
N VAL D 1152 13.10 22.40 -8.50
CA VAL D 1152 12.06 23.36 -8.85
C VAL D 1152 11.96 24.38 -7.73
N MET D 1153 11.59 25.60 -8.09
CA MET D 1153 11.43 26.68 -7.13
C MET D 1153 9.96 27.07 -7.08
N TRP D 1154 9.22 26.44 -6.20
CA TRP D 1154 7.83 26.80 -5.96
C TRP D 1154 7.72 28.29 -5.65
N SER D 1155 7.14 29.02 -6.58
CA SER D 1155 6.88 30.43 -6.35
C SER D 1155 5.40 30.71 -6.26
N GLY D 1156 5.07 31.79 -5.56
CA GLY D 1156 3.69 32.18 -5.42
C GLY D 1156 3.43 33.50 -6.07
N ALA D 1157 2.37 33.59 -6.85
CA ALA D 1157 1.94 34.84 -7.45
C ALA D 1157 0.45 35.00 -7.20
N GLY D 1158 -0.06 36.19 -7.45
CA GLY D 1158 -1.46 36.43 -7.19
C GLY D 1158 -1.81 36.25 -5.73
N GLN D 1159 -3.10 36.22 -5.45
CA GLN D 1159 -3.57 36.17 -4.08
C GLN D 1159 -5.04 35.81 -4.06
N ILE D 1160 -5.43 35.02 -3.06
CA ILE D 1160 -6.86 34.60 -2.89
C ILE D 1160 -7.29 34.90 -1.45
N GLY D 1161 -8.51 35.42 -1.26
CA GLY D 1161 -9.03 35.75 0.08
C GLY D 1161 -9.11 34.51 0.96
N ASN D 1162 -9.51 33.38 0.37
CA ASN D 1162 -9.62 32.08 1.07
C ASN D 1162 -8.23 31.61 1.55
N GLY D 1163 -7.19 31.90 0.75
CA GLY D 1163 -5.81 31.50 1.07
C GLY D 1163 -5.23 30.55 0.02
N ASP D 1164 -6.02 30.24 -1.02
CA ASP D 1164 -5.54 29.37 -2.13
C ASP D 1164 -4.81 30.28 -3.14
N GLY D 1165 -3.61 30.71 -2.78
CA GLY D 1165 -2.80 31.61 -3.64
C GLY D 1165 -2.37 30.96 -4.95
N TRP D 1166 -2.32 31.75 -6.02
CA TRP D 1166 -1.90 31.28 -7.34
C TRP D 1166 -0.43 30.92 -7.30
N VAL D 1167 -0.13 29.66 -6.95
CA VAL D 1167 1.24 29.20 -7.03
C VAL D 1167 1.63 29.08 -8.50
N ALA D 1168 2.91 28.98 -8.77
CA ALA D 1168 3.41 28.89 -10.13
C ALA D 1168 4.84 28.36 -10.10
N PHE D 1169 5.05 27.16 -10.62
CA PHE D 1169 6.31 26.44 -10.45
C PHE D 1169 7.32 26.89 -11.49
N HIS D 1170 8.59 26.68 -11.21
CA HIS D 1170 9.68 27.03 -12.11
C HIS D 1170 10.82 26.07 -11.93
N LEU D 1171 11.47 25.68 -13.02
CA LEU D 1171 12.73 24.97 -12.88
C LEU D 1171 13.79 25.94 -12.37
N ALA D 1172 14.92 25.39 -11.92
CA ALA D 1172 15.90 26.25 -11.26
C ALA D 1172 16.98 26.70 -12.23
N ASP D 1173 17.24 25.92 -13.28
CA ASP D 1173 18.17 26.37 -14.31
C ASP D 1173 17.68 27.65 -14.97
N THR D 1174 16.38 27.70 -15.26
CA THR D 1174 15.76 28.78 -16.00
C THR D 1174 14.77 29.56 -15.16
N ALA D 1175 15.11 29.87 -13.91
CA ALA D 1175 14.19 30.66 -13.10
C ALA D 1175 14.14 32.13 -13.52
N PRO D 1176 15.25 32.88 -13.56
CA PRO D 1176 15.10 34.32 -13.81
C PRO D 1176 14.51 34.65 -15.17
N LEU D 1177 14.19 33.66 -15.99
CA LEU D 1177 13.46 33.93 -17.22
C LEU D 1177 11.96 33.82 -17.01
N THR D 1178 11.49 32.68 -16.53
CA THR D 1178 10.06 32.45 -16.36
C THR D 1178 9.51 32.98 -15.05
N LEU D 1179 10.18 33.94 -14.42
CA LEU D 1179 9.72 34.52 -13.17
C LEU D 1179 9.16 35.91 -13.40
N THR D 1180 7.88 36.09 -13.10
CA THR D 1180 7.32 37.43 -13.07
C THR D 1180 8.00 38.24 -11.99
N HIS D 1181 8.06 39.56 -12.20
CA HIS D 1181 8.92 40.39 -11.37
C HIS D 1181 8.48 40.39 -9.91
N GLY D 1182 7.30 40.93 -9.63
CA GLY D 1182 6.92 41.17 -8.26
C GLY D 1182 5.54 41.77 -8.09
N ALA D 1183 5.24 42.31 -6.91
CA ALA D 1183 3.91 42.85 -6.67
C ALA D 1183 3.94 44.33 -6.30
N GLU D 1184 5.03 44.78 -5.67
CA GLU D 1184 5.19 46.17 -5.28
C GLU D 1184 4.08 46.63 -4.32
N ILE D 1185 4.02 45.98 -3.16
CA ILE D 1185 3.19 46.47 -2.06
C ILE D 1185 4.04 47.34 -1.14
N GLU D 1186 3.34 48.12 -0.30
CA GLU D 1186 4.03 48.97 0.66
C GLU D 1186 4.84 48.14 1.64
N PHE D 1187 5.92 48.72 2.15
CA PHE D 1187 6.85 48.00 3.00
C PHE D 1187 6.92 48.66 4.36
N THR D 1188 6.32 48.01 5.36
CA THR D 1188 6.33 48.48 6.72
C THR D 1188 7.67 48.15 7.36
N ASP D 1189 7.73 48.26 8.68
CA ASP D 1189 8.96 47.90 9.37
C ASP D 1189 9.23 46.41 9.29
N THR D 1190 8.22 45.58 9.57
CA THR D 1190 8.41 44.13 9.55
C THR D 1190 8.80 43.65 8.15
N HIS D 1191 8.05 44.06 7.14
CA HIS D 1191 8.40 43.69 5.78
C HIS D 1191 9.81 44.13 5.44
N ARG D 1192 10.26 45.26 5.99
CA ARG D 1192 11.59 45.74 5.69
C ARG D 1192 12.66 44.90 6.38
N VAL D 1193 12.38 44.45 7.62
CA VAL D 1193 13.40 43.71 8.35
C VAL D 1193 13.51 42.29 7.80
N ILE D 1194 12.38 41.71 7.37
CA ILE D 1194 12.46 40.41 6.72
C ILE D 1194 13.35 40.46 5.50
N LEU D 1195 13.04 41.35 4.55
CA LEU D 1195 13.82 41.43 3.32
C LEU D 1195 15.29 41.70 3.61
N GLU D 1196 15.59 42.39 4.71
CA GLU D 1196 16.98 42.66 5.02
C GLU D 1196 17.75 41.36 5.24
N THR D 1197 17.37 40.60 6.25
CA THR D 1197 18.03 39.32 6.50
C THR D 1197 17.75 38.34 5.38
N LEU D 1198 16.47 38.04 5.15
CA LEU D 1198 16.08 36.91 4.30
C LEU D 1198 16.67 37.03 2.90
N GLY D 1199 17.06 38.24 2.50
CA GLY D 1199 17.61 38.39 1.16
C GLY D 1199 19.13 38.41 1.16
N HIS D 1200 19.73 39.08 2.14
CA HIS D 1200 21.18 39.26 2.14
C HIS D 1200 21.93 37.93 2.05
N GLY D 1201 21.42 36.88 2.67
CA GLY D 1201 22.07 35.59 2.69
C GLY D 1201 21.32 34.58 1.84
N GLY D 1202 21.67 33.31 2.00
CA GLY D 1202 20.96 32.27 1.29
C GLY D 1202 19.54 32.10 1.78
N ALA D 1203 19.37 31.54 2.97
CA ALA D 1203 18.05 31.20 3.49
C ALA D 1203 18.09 31.20 5.00
N TYR D 1204 16.92 31.04 5.62
CA TYR D 1204 16.81 31.04 7.06
C TYR D 1204 15.54 30.30 7.46
N PHE D 1205 15.49 29.87 8.71
CA PHE D 1205 14.28 29.30 9.25
C PHE D 1205 13.31 30.41 9.61
N PHE D 1206 12.19 30.02 10.22
CA PHE D 1206 11.23 31.04 10.63
C PHE D 1206 11.73 31.81 11.84
N ARG D 1207 12.19 31.10 12.87
CA ARG D 1207 12.56 31.76 14.11
C ARG D 1207 13.77 32.66 13.92
N GLN D 1208 14.57 32.40 12.87
CA GLN D 1208 15.79 33.18 12.71
C GLN D 1208 15.52 34.54 12.08
N LEU D 1209 14.34 34.71 11.47
CA LEU D 1209 14.03 35.99 10.85
C LEU D 1209 14.01 37.11 11.87
N THR D 1210 13.10 37.05 12.83
CA THR D 1210 13.04 38.03 13.91
C THR D 1210 14.26 37.91 14.80
N ASP D 1211 14.32 38.75 15.83
CA ASP D 1211 15.42 38.73 16.77
C ASP D 1211 14.93 39.06 18.18
N GLY D 1212 15.54 38.39 19.16
CA GLY D 1212 15.25 38.66 20.55
C GLY D 1212 13.94 38.09 21.03
N THR D 1213 12.83 38.59 20.49
CA THR D 1213 11.49 38.17 20.89
C THR D 1213 11.03 37.04 20.00
N VAL D 1214 11.03 35.83 20.53
CA VAL D 1214 10.74 34.66 19.70
C VAL D 1214 9.27 34.62 19.32
N GLU D 1215 8.37 34.80 20.27
CA GLU D 1215 6.95 34.66 20.00
C GLU D 1215 6.16 35.53 20.96
N GLY D 1216 4.84 35.37 20.90
CA GLY D 1216 3.93 36.24 21.62
C GLY D 1216 2.92 36.81 20.66
N THR D 1217 2.44 38.00 21.00
CA THR D 1217 1.58 38.73 20.07
C THR D 1217 2.36 39.26 18.88
N ALA D 1218 3.69 39.31 18.99
CA ALA D 1218 4.51 39.70 17.86
C ALA D 1218 4.72 38.56 16.88
N GLY D 1219 4.56 37.31 17.35
CA GLY D 1219 4.70 36.19 16.44
C GLY D 1219 3.57 36.11 15.44
N GLN D 1220 2.36 36.42 15.87
CA GLN D 1220 1.20 36.26 14.99
C GLN D 1220 1.13 37.36 13.95
N GLU D 1221 1.68 38.53 14.25
CA GLU D 1221 1.68 39.61 13.27
C GLU D 1221 2.75 39.39 12.21
N LEU D 1222 3.93 38.92 12.62
CA LEU D 1222 4.98 38.66 11.66
C LEU D 1222 4.62 37.48 10.77
N LYS D 1223 4.03 36.44 11.35
CA LYS D 1223 3.49 35.35 10.55
C LYS D 1223 2.42 35.85 9.58
N GLN D 1224 1.78 36.98 9.91
CA GLN D 1224 0.83 37.56 8.98
C GLN D 1224 1.53 38.50 8.01
N ALA D 1225 2.75 38.90 8.33
CA ALA D 1225 3.51 39.75 7.41
C ALA D 1225 4.25 38.91 6.38
N LEU D 1226 5.09 37.98 6.85
CA LEU D 1226 5.76 37.06 5.95
C LEU D 1226 4.76 36.34 5.04
N TRP D 1227 3.79 35.65 5.64
CA TRP D 1227 2.92 34.78 4.86
C TRP D 1227 2.05 35.58 3.90
N GLU D 1228 2.17 36.91 3.91
CA GLU D 1228 1.59 37.69 2.84
C GLU D 1228 2.67 38.13 1.86
N LEU D 1229 3.85 38.43 2.37
CA LEU D 1229 4.98 38.78 1.52
C LEU D 1229 5.29 37.67 0.52
N ILE D 1230 4.87 36.46 0.85
CA ILE D 1230 5.06 35.31 -0.04
C ILE D 1230 4.05 35.34 -1.19
N TRP D 1231 2.81 35.72 -0.90
CA TRP D 1231 1.81 35.81 -1.95
C TRP D 1231 2.11 36.94 -2.91
N ALA D 1232 3.10 37.77 -2.60
CA ALA D 1232 3.51 38.79 -3.55
C ALA D 1232 4.43 38.20 -4.61
N GLY D 1233 5.30 37.29 -4.21
CA GLY D 1233 6.32 36.77 -5.10
C GLY D 1233 7.73 37.15 -4.71
N TRP D 1234 7.91 37.79 -3.55
CA TRP D 1234 9.23 38.21 -3.13
C TRP D 1234 9.97 37.13 -2.36
N VAL D 1235 9.25 36.14 -1.83
CA VAL D 1235 9.83 35.13 -0.96
C VAL D 1235 9.13 33.80 -1.22
N THR D 1236 9.94 32.74 -1.35
CA THR D 1236 9.41 31.40 -1.54
C THR D 1236 9.74 30.56 -0.34
N GLY D 1237 9.15 29.36 -0.32
CA GLY D 1237 9.43 28.38 0.70
C GLY D 1237 10.35 27.32 0.15
N ASP D 1238 11.17 26.75 1.03
CA ASP D 1238 12.13 25.76 0.57
C ASP D 1238 11.46 24.42 0.34
N THR D 1239 10.22 24.27 0.78
CA THR D 1239 9.40 23.11 0.46
C THR D 1239 7.97 23.55 0.21
N PHE D 1240 7.12 22.59 -0.16
CA PHE D 1240 5.70 22.80 -0.33
C PHE D 1240 4.92 22.32 0.87
N ALA D 1241 5.54 22.23 2.02
CA ALA D 1241 4.87 21.74 3.21
C ALA D 1241 3.99 22.80 3.85
N PRO D 1242 4.43 24.06 3.99
CA PRO D 1242 3.52 25.06 4.57
C PRO D 1242 2.23 25.20 3.81
N VAL D 1243 2.27 25.33 2.50
CA VAL D 1243 1.05 25.63 1.77
C VAL D 1243 0.07 24.48 1.84
N ARG D 1244 0.57 23.26 2.02
CA ARG D 1244 -0.35 22.16 2.29
C ARG D 1244 -1.13 22.41 3.57
N ALA D 1245 -0.58 23.21 4.47
CA ALA D 1245 -1.26 23.46 5.73
C ALA D 1245 -2.25 24.62 5.64
N VAL D 1246 -1.91 25.65 4.86
CA VAL D 1246 -2.79 26.80 4.76
C VAL D 1246 -4.14 26.41 4.16
N LEU D 1247 -4.14 25.47 3.21
CA LEU D 1247 -5.41 25.00 2.67
C LEU D 1247 -6.21 24.26 3.74
N SER D 1248 -5.53 23.67 4.72
CA SER D 1248 -6.25 22.98 5.79
C SER D 1248 -6.99 23.97 6.68
N GLY D 1249 -6.49 25.19 6.77
CA GLY D 1249 -7.16 26.22 7.53
C GLY D 1249 -6.76 26.20 8.99
N PRO D 1250 -7.55 26.85 9.84
CA PRO D 1250 -7.23 26.83 11.28
C PRO D 1250 -7.51 25.48 11.92
N ARG D 1251 -8.40 24.68 11.32
CA ARG D 1251 -8.78 23.37 11.81
C ARG D 1251 -9.09 23.36 13.31
N GLY D 1279 2.38 22.96 20.32
CA GLY D 1279 3.73 23.50 20.33
C GLY D 1279 4.09 24.22 19.04
N THR D 1280 4.93 23.58 18.23
CA THR D 1280 5.33 24.15 16.95
C THR D 1280 4.10 24.42 16.09
N ASP D 1281 4.25 25.33 15.15
CA ASP D 1281 3.14 25.75 14.30
C ASP D 1281 3.49 25.61 12.83
N PRO D 1282 2.71 24.86 12.06
CA PRO D 1282 2.95 24.81 10.62
C PRO D 1282 2.53 26.12 9.98
N THR D 1283 2.59 26.16 8.65
CA THR D 1283 2.42 27.33 7.81
C THR D 1283 3.56 28.30 8.00
N VAL D 1284 4.55 27.98 8.84
CA VAL D 1284 5.84 28.65 8.84
C VAL D 1284 6.99 27.67 8.92
N SER D 1285 6.75 26.39 8.61
CA SER D 1285 7.69 25.33 8.96
C SER D 1285 9.03 25.49 8.25
N GLY D 1286 9.03 25.33 6.93
CA GLY D 1286 10.27 25.08 6.23
C GLY D 1286 11.17 26.30 6.19
N ARG D 1287 12.36 26.11 5.61
CA ARG D 1287 13.25 27.22 5.36
C ARG D 1287 12.60 28.20 4.38
N TRP D 1288 12.89 29.49 4.55
CA TRP D 1288 12.38 30.52 3.65
C TRP D 1288 13.55 31.23 2.97
N SER D 1289 13.35 31.66 1.73
CA SER D 1289 14.40 32.27 0.94
C SER D 1289 13.86 33.40 0.08
N ALA D 1290 14.78 34.15 -0.51
CA ALA D 1290 14.45 35.28 -1.36
C ALA D 1290 14.57 34.84 -2.81
N LEU D 1291 13.53 35.08 -3.60
CA LEU D 1291 13.53 34.62 -4.97
C LEU D 1291 14.60 35.38 -5.77
N PRO D 1292 15.17 34.78 -6.80
CA PRO D 1292 16.21 35.46 -7.57
C PRO D 1292 15.63 36.57 -8.42
N ALA D 1293 16.45 37.58 -8.67
CA ALA D 1293 16.03 38.74 -9.44
C ALA D 1293 15.72 38.35 -10.88
N ALA D 1294 14.45 38.39 -11.24
CA ALA D 1294 14.03 38.02 -12.57
C ALA D 1294 14.76 38.84 -13.63
N GLU D 1295 14.95 38.25 -14.80
CA GLU D 1295 15.74 38.89 -15.83
C GLU D 1295 15.05 40.15 -16.33
N PRO D 1296 15.78 41.25 -16.55
CA PRO D 1296 15.18 42.42 -17.18
C PRO D 1296 14.67 42.08 -18.57
N ASP D 1297 13.53 42.66 -18.91
CA ASP D 1297 12.88 42.35 -20.19
C ASP D 1297 13.82 42.61 -21.36
N SER D 1298 14.00 41.60 -22.19
CA SER D 1298 14.93 41.69 -23.30
C SER D 1298 14.64 40.57 -24.28
N THR D 1299 15.52 40.42 -25.27
CA THR D 1299 15.27 39.47 -26.33
C THR D 1299 15.36 38.04 -25.84
N VAL D 1300 16.24 37.78 -24.87
CA VAL D 1300 16.38 36.41 -24.36
C VAL D 1300 15.09 35.96 -23.68
N ARG D 1301 14.49 36.85 -22.89
CA ARG D 1301 13.25 36.51 -22.21
C ARG D 1301 12.15 36.22 -23.22
N ALA D 1302 12.05 37.04 -24.26
CA ALA D 1302 10.99 36.83 -25.25
C ALA D 1302 11.21 35.55 -26.04
N HIS D 1303 12.45 35.31 -26.48
CA HIS D 1303 12.75 34.08 -27.18
C HIS D 1303 12.37 32.87 -26.35
N PHE D 1304 12.83 32.83 -25.09
CA PHE D 1304 12.51 31.70 -24.23
C PHE D 1304 11.02 31.56 -24.03
N GLN D 1305 10.32 32.67 -23.85
CA GLN D 1305 8.89 32.59 -23.58
C GLN D 1305 8.14 32.06 -24.79
N ALA D 1306 8.53 32.48 -25.99
CA ALA D 1306 7.86 31.99 -27.19
C ALA D 1306 8.10 30.51 -27.37
N GLU D 1307 9.33 30.06 -27.16
CA GLU D 1307 9.62 28.63 -27.30
C GLU D 1307 8.85 27.82 -26.25
N LEU D 1308 8.76 28.35 -25.03
CA LEU D 1308 8.01 27.64 -23.99
C LEU D 1308 6.54 27.56 -24.33
N LEU D 1309 5.96 28.64 -24.83
CA LEU D 1309 4.55 28.62 -25.18
C LEU D 1309 4.28 27.64 -26.30
N LEU D 1310 5.17 27.58 -27.30
CA LEU D 1310 5.04 26.53 -28.31
C LEU D 1310 5.11 25.15 -27.70
N GLY D 1311 5.88 25.01 -26.61
CA GLY D 1311 5.94 23.72 -25.95
C GLY D 1311 4.65 23.35 -25.24
N ARG D 1312 4.05 24.32 -24.55
CA ARG D 1312 2.92 24.00 -23.68
C ARG D 1312 1.63 23.79 -24.48
N HIS D 1313 1.22 24.80 -25.23
CA HIS D 1313 0.09 24.66 -26.14
C HIS D 1313 0.54 23.93 -27.38
N GLY D 1314 -0.37 23.18 -28.00
CA GLY D 1314 -0.02 22.55 -29.27
C GLY D 1314 0.25 23.58 -30.34
N VAL D 1315 -0.77 24.32 -30.73
CA VAL D 1315 -0.68 25.38 -31.70
C VAL D 1315 -1.18 26.66 -31.04
N LEU D 1316 -0.29 27.63 -30.87
CA LEU D 1316 -0.64 28.81 -30.09
C LEU D 1316 -1.32 29.80 -31.02
N THR D 1317 -2.53 30.19 -30.68
CA THR D 1317 -3.26 31.13 -31.49
C THR D 1317 -3.16 32.52 -30.89
N LYS D 1318 -3.77 33.50 -31.57
CA LYS D 1318 -3.85 34.82 -30.99
C LYS D 1318 -4.73 34.82 -29.75
N GLY D 1319 -5.50 33.75 -29.56
CA GLY D 1319 -6.34 33.68 -28.38
C GLY D 1319 -5.57 33.29 -27.13
N ALA D 1320 -5.00 32.09 -27.11
CA ALA D 1320 -4.42 31.54 -25.89
C ALA D 1320 -3.35 32.45 -25.32
N VAL D 1321 -2.62 33.15 -26.19
CA VAL D 1321 -1.70 34.16 -25.72
C VAL D 1321 -2.43 35.22 -24.92
N GLY D 1322 -3.70 35.47 -25.24
CA GLY D 1322 -4.49 36.40 -24.46
C GLY D 1322 -4.67 35.95 -23.02
N ALA D 1323 -5.04 34.70 -22.82
CA ALA D 1323 -5.24 34.20 -21.46
C ALA D 1323 -3.92 34.06 -20.73
N GLU D 1324 -2.86 33.70 -21.45
CA GLU D 1324 -1.55 33.58 -20.81
C GLU D 1324 -0.99 34.95 -20.43
N GLY D 1325 -1.49 36.00 -21.07
CA GLY D 1325 -1.12 37.35 -20.71
C GLY D 1325 0.36 37.62 -20.76
N VAL D 1326 1.05 37.13 -21.78
CA VAL D 1326 2.46 37.48 -21.92
C VAL D 1326 2.58 38.98 -22.15
N PRO D 1327 3.53 39.67 -21.52
CA PRO D 1327 3.61 41.12 -21.68
C PRO D 1327 3.81 41.52 -23.13
N GLY D 1328 3.21 42.65 -23.50
CA GLY D 1328 3.27 43.14 -24.85
C GLY D 1328 2.15 42.68 -25.76
N GLY D 1329 1.44 41.62 -25.39
CA GLY D 1329 0.37 41.11 -26.21
C GLY D 1329 0.87 40.36 -27.42
N PHE D 1330 -0.10 39.79 -28.16
CA PHE D 1330 0.23 38.99 -29.33
C PHE D 1330 0.98 39.79 -30.38
N ALA D 1331 0.78 41.11 -30.41
CA ALA D 1331 1.47 41.93 -31.40
C ALA D 1331 2.98 41.94 -31.16
N THR D 1332 3.40 41.65 -29.93
CA THR D 1332 4.84 41.56 -29.66
C THR D 1332 5.37 40.17 -29.96
N LEU D 1333 4.52 39.16 -29.82
CA LEU D 1333 4.96 37.80 -30.11
C LEU D 1333 5.04 37.55 -31.60
N TYR D 1334 4.00 37.95 -32.35
CA TYR D 1334 4.01 37.75 -33.79
C TYR D 1334 5.31 38.24 -34.40
N LYS D 1335 5.92 39.27 -33.82
CA LYS D 1335 7.18 39.77 -34.33
C LYS D 1335 8.28 38.73 -34.17
N VAL D 1336 8.57 38.34 -32.92
CA VAL D 1336 9.68 37.41 -32.70
C VAL D 1336 9.31 36.01 -33.17
N LEU D 1337 8.04 35.64 -33.06
CA LEU D 1337 7.62 34.34 -33.57
C LEU D 1337 7.79 34.25 -35.07
N SER D 1338 7.83 35.39 -35.75
CA SER D 1338 8.11 35.37 -37.18
C SER D 1338 9.58 35.12 -37.46
N ALA D 1339 10.46 35.59 -36.58
CA ALA D 1339 11.87 35.25 -36.72
C ALA D 1339 12.09 33.76 -36.62
N PHE D 1340 11.34 33.09 -35.74
CA PHE D 1340 11.43 31.64 -35.66
C PHE D 1340 10.99 30.98 -36.95
N GLU D 1341 9.76 31.24 -37.39
CA GLU D 1341 9.25 30.59 -38.58
C GLU D 1341 10.13 30.87 -39.78
N ASP D 1342 10.69 32.08 -39.86
CA ASP D 1342 11.64 32.39 -40.90
C ASP D 1342 12.86 31.51 -40.82
N ALA D 1343 13.52 31.49 -39.65
CA ALA D 1343 14.73 30.68 -39.51
C ALA D 1343 14.41 29.19 -39.61
N GLY D 1344 13.15 28.82 -39.47
CA GLY D 1344 12.72 27.47 -39.75
C GLY D 1344 12.50 26.57 -38.55
N ARG D 1345 12.07 27.11 -37.41
CA ARG D 1345 11.85 26.26 -36.25
C ARG D 1345 10.39 25.86 -36.11
N CYS D 1346 9.48 26.70 -36.59
CA CYS D 1346 8.05 26.40 -36.59
C CYS D 1346 7.50 26.73 -37.97
N GLN D 1347 6.26 26.29 -38.22
CA GLN D 1347 5.66 26.47 -39.55
C GLN D 1347 4.23 26.95 -39.41
N ARG D 1348 4.01 28.23 -39.67
CA ARG D 1348 2.67 28.78 -39.57
C ARG D 1348 1.77 28.19 -40.63
N GLY D 1349 0.47 28.19 -40.37
CA GLY D 1349 -0.49 27.69 -41.33
C GLY D 1349 -1.89 28.02 -40.86
N TYR D 1350 -2.80 27.11 -41.15
CA TYR D 1350 -4.18 27.19 -40.69
C TYR D 1350 -4.57 25.78 -40.24
N PHE D 1351 -4.32 25.48 -38.97
CA PHE D 1351 -4.36 24.12 -38.47
C PHE D 1351 -5.69 23.75 -37.84
N VAL D 1352 -6.26 24.61 -37.00
CA VAL D 1352 -7.52 24.30 -36.35
C VAL D 1352 -8.63 25.01 -37.11
N GLU D 1353 -9.82 24.40 -37.09
CA GLU D 1353 -10.88 24.77 -38.01
C GLU D 1353 -11.15 26.27 -38.02
N SER D 1354 -11.59 26.82 -36.90
CA SER D 1354 -12.11 28.19 -36.86
C SER D 1354 -11.36 29.00 -35.83
N LEU D 1355 -10.27 29.64 -36.25
CA LEU D 1355 -9.45 30.44 -35.38
C LEU D 1355 -8.75 31.47 -36.23
N GLY D 1356 -7.74 32.13 -35.66
CA GLY D 1356 -7.02 33.16 -36.38
C GLY D 1356 -6.33 32.61 -37.62
N GLY D 1357 -5.65 33.51 -38.33
CA GLY D 1357 -4.86 33.08 -39.47
C GLY D 1357 -3.41 32.77 -39.09
N ALA D 1358 -2.98 33.22 -37.91
CA ALA D 1358 -1.62 32.96 -37.49
C ALA D 1358 -1.38 31.48 -37.23
N GLN D 1359 -1.91 30.95 -36.13
CA GLN D 1359 -1.85 29.53 -35.78
C GLN D 1359 -0.46 28.93 -36.02
N PHE D 1360 0.53 29.40 -35.27
CA PHE D 1360 1.86 28.81 -35.42
C PHE D 1360 1.89 27.44 -34.79
N ALA D 1361 2.90 26.65 -35.13
CA ALA D 1361 3.01 25.29 -34.63
C ALA D 1361 4.37 24.73 -34.97
N VAL D 1362 4.95 23.99 -34.03
CA VAL D 1362 6.17 23.27 -34.35
C VAL D 1362 5.80 22.13 -35.28
N ALA D 1363 6.81 21.53 -35.92
CA ALA D 1363 6.50 20.62 -37.02
C ALA D 1363 6.11 19.24 -36.52
N SER D 1364 6.85 18.70 -35.56
CA SER D 1364 6.56 17.36 -35.08
C SER D 1364 5.17 17.28 -34.46
N THR D 1365 4.69 18.40 -33.90
CA THR D 1365 3.36 18.41 -33.33
C THR D 1365 2.30 18.22 -34.41
N VAL D 1366 2.42 18.95 -35.51
CA VAL D 1366 1.36 18.99 -36.52
C VAL D 1366 1.06 17.59 -37.04
N ASP D 1367 2.09 16.75 -37.19
CA ASP D 1367 1.83 15.38 -37.63
C ASP D 1367 0.96 14.65 -36.63
N ARG D 1368 1.19 14.88 -35.34
CA ARG D 1368 0.32 14.27 -34.33
C ARG D 1368 -1.09 14.85 -34.40
N LEU D 1369 -1.20 16.14 -34.67
CA LEU D 1369 -2.51 16.76 -34.80
C LEU D 1369 -3.27 16.23 -36.01
N ARG D 1370 -2.57 15.68 -36.99
CA ARG D 1370 -3.29 15.14 -38.14
C ARG D 1370 -4.09 13.91 -37.76
N SER D 1371 -3.77 13.28 -36.64
CA SER D 1371 -4.72 12.34 -36.08
C SER D 1371 -5.80 13.12 -35.36
N TYR D 1372 -6.62 12.41 -34.60
CA TYR D 1372 -7.81 13.02 -34.01
C TYR D 1372 -8.68 13.66 -35.07
N LEU D 1373 -8.42 13.35 -36.32
CA LEU D 1373 -9.17 13.90 -37.44
C LEU D 1373 -10.33 12.95 -37.72
N ASP D 1374 -11.51 13.35 -37.28
CA ASP D 1374 -12.69 12.53 -37.50
C ASP D 1374 -12.88 12.24 -38.99
N ASN D 1375 -12.85 10.96 -39.33
CA ASN D 1375 -12.92 10.58 -40.73
C ASN D 1375 -14.34 10.75 -41.28
N VAL D 1376 -14.45 10.65 -42.60
CA VAL D 1376 -15.63 11.14 -43.29
C VAL D 1376 -16.84 10.22 -43.06
N ASP D 1377 -16.61 8.92 -42.98
CA ASP D 1377 -17.72 7.99 -42.88
C ASP D 1377 -18.42 8.15 -41.53
N PRO D 1378 -19.69 7.76 -41.41
CA PRO D 1378 -20.40 7.91 -40.14
C PRO D 1378 -20.18 6.70 -39.25
N GLU D 1379 -19.87 6.95 -37.99
CA GLU D 1379 -19.64 5.88 -37.03
C GLU D 1379 -20.25 6.29 -35.69
N ARG D 1380 -20.40 5.30 -34.81
CA ARG D 1380 -20.89 5.57 -33.48
C ARG D 1380 -19.83 6.30 -32.67
N PRO D 1381 -20.18 7.41 -32.02
CA PRO D 1381 -19.19 8.14 -31.22
C PRO D 1381 -18.57 7.25 -30.16
N GLU D 1382 -17.44 7.72 -29.63
CA GLU D 1382 -16.73 6.93 -28.62
C GLU D 1382 -17.26 7.22 -27.23
N TYR D 1383 -17.54 8.49 -26.93
CA TYR D 1383 -18.02 8.91 -25.61
C TYR D 1383 -17.03 8.55 -24.52
N HIS D 1384 -15.86 9.17 -24.59
CA HIS D 1384 -14.78 8.96 -23.63
C HIS D 1384 -14.55 10.25 -22.86
N ALA D 1385 -15.07 10.31 -21.64
CA ALA D 1385 -15.16 11.55 -20.88
C ALA D 1385 -13.87 11.82 -20.12
N VAL D 1386 -13.53 13.09 -19.99
CA VAL D 1386 -12.39 13.53 -19.19
C VAL D 1386 -12.82 14.79 -18.46
N VAL D 1387 -12.36 14.95 -17.22
CA VAL D 1387 -12.79 16.04 -16.36
C VAL D 1387 -11.57 16.82 -15.91
N LEU D 1388 -11.59 18.13 -16.14
CA LEU D 1388 -10.46 18.98 -15.84
C LEU D 1388 -10.86 19.99 -14.77
N ALA D 1389 -9.90 20.81 -14.36
CA ALA D 1389 -10.23 22.01 -13.61
C ALA D 1389 -10.31 23.19 -14.56
N ALA D 1390 -11.28 24.07 -14.33
CA ALA D 1390 -11.58 25.10 -15.31
C ALA D 1390 -10.40 26.03 -15.52
N THR D 1391 -9.44 26.04 -14.59
CA THR D 1391 -8.32 26.95 -14.68
C THR D 1391 -7.03 26.18 -14.95
N ASP D 1392 -7.21 24.95 -15.43
CA ASP D 1392 -6.11 24.04 -15.73
C ASP D 1392 -5.60 24.36 -17.12
N PRO D 1393 -4.29 24.34 -17.34
CA PRO D 1393 -3.78 24.67 -18.67
C PRO D 1393 -4.27 23.75 -19.76
N ALA D 1394 -4.77 22.56 -19.40
CA ALA D 1394 -5.24 21.64 -20.41
C ALA D 1394 -6.59 22.05 -20.96
N ASN D 1395 -7.37 22.75 -20.17
CA ASN D 1395 -8.68 23.20 -20.60
C ASN D 1395 -8.52 24.23 -21.70
N PRO D 1396 -8.82 23.90 -22.95
CA PRO D 1396 -8.63 24.89 -24.01
C PRO D 1396 -9.66 26.01 -23.96
N TYR D 1397 -10.82 25.74 -23.36
CA TYR D 1397 -11.93 26.69 -23.40
C TYR D 1397 -11.63 27.92 -22.55
N GLY D 1398 -11.58 29.06 -23.20
CA GLY D 1398 -11.23 30.29 -22.54
C GLY D 1398 -9.86 30.81 -22.88
N ALA D 1399 -9.03 30.01 -23.53
CA ALA D 1399 -7.75 30.51 -24.02
C ALA D 1399 -7.72 30.47 -25.54
N ALA D 1400 -7.90 29.29 -26.11
CA ALA D 1400 -7.91 29.21 -27.56
C ALA D 1400 -9.33 29.20 -28.10
N LEU D 1401 -10.18 28.33 -27.56
CA LEU D 1401 -11.56 28.18 -28.00
C LEU D 1401 -12.43 29.13 -27.21
N GLY D 1402 -13.44 29.68 -27.86
CA GLY D 1402 -14.40 30.49 -27.15
C GLY D 1402 -15.43 29.65 -26.42
N TRP D 1403 -16.03 30.26 -25.40
CA TRP D 1403 -17.11 29.60 -24.69
C TRP D 1403 -18.32 29.46 -25.59
N PRO D 1404 -19.07 28.38 -25.46
CA PRO D 1404 -20.37 28.30 -26.13
C PRO D 1404 -21.29 29.40 -25.64
N THR D 1405 -22.00 30.01 -26.59
CA THR D 1405 -22.84 31.15 -26.26
C THR D 1405 -24.26 30.71 -25.92
N ASP D 1406 -24.40 29.49 -25.40
CA ASP D 1406 -25.70 28.87 -25.08
C ASP D 1406 -26.53 29.85 -24.26
N SER D 1407 -26.04 30.37 -23.14
CA SER D 1407 -26.81 31.25 -22.28
C SER D 1407 -26.05 32.55 -22.06
N GLU D 1408 -26.78 33.68 -22.09
CA GLU D 1408 -26.14 34.98 -21.90
C GLU D 1408 -26.31 35.46 -20.47
N ALA D 1409 -27.39 35.04 -19.81
CA ALA D 1409 -27.64 35.52 -18.45
C ALA D 1409 -26.60 34.99 -17.48
N HIS D 1410 -26.44 33.67 -17.40
CA HIS D 1410 -25.45 33.03 -16.56
C HIS D 1410 -24.30 32.58 -17.45
N ARG D 1411 -23.17 33.27 -17.33
CA ARG D 1411 -22.02 33.07 -18.18
C ARG D 1411 -20.85 32.55 -17.36
N PRO D 1412 -20.20 31.47 -17.77
CA PRO D 1412 -19.08 30.95 -16.98
C PRO D 1412 -17.74 31.50 -17.45
N GLY D 1413 -16.69 31.26 -16.66
CA GLY D 1413 -15.36 31.66 -17.05
C GLY D 1413 -14.33 30.85 -16.30
N ARG D 1414 -13.06 31.13 -16.58
CA ARG D 1414 -11.98 30.45 -15.89
C ARG D 1414 -11.88 30.92 -14.45
N LYS D 1415 -12.47 30.16 -13.54
CA LYS D 1415 -12.51 30.56 -12.14
C LYS D 1415 -12.02 29.42 -11.27
N ALA D 1416 -11.38 29.78 -10.17
CA ALA D 1416 -10.80 28.79 -9.27
C ALA D 1416 -11.84 27.79 -8.81
N GLY D 1417 -11.43 26.54 -8.70
CA GLY D 1417 -12.27 25.50 -8.15
C GLY D 1417 -13.49 25.15 -8.98
N ALA D 1418 -13.45 25.43 -10.28
CA ALA D 1418 -14.55 25.10 -11.16
C ALA D 1418 -14.18 23.91 -12.02
N LEU D 1419 -15.15 23.03 -12.26
CA LEU D 1419 -14.94 21.80 -13.02
C LEU D 1419 -15.48 21.97 -14.42
N VAL D 1420 -14.70 21.56 -15.41
CA VAL D 1420 -15.12 21.54 -16.80
C VAL D 1420 -15.06 20.10 -17.25
N ALA D 1421 -16.21 19.46 -17.41
CA ALA D 1421 -16.27 18.07 -17.86
C ALA D 1421 -16.64 18.07 -19.33
N LEU D 1422 -15.79 17.48 -20.16
CA LEU D 1422 -15.96 17.48 -21.60
C LEU D 1422 -15.72 16.08 -22.14
N VAL D 1423 -16.63 15.60 -22.98
CA VAL D 1423 -16.56 14.22 -23.45
C VAL D 1423 -15.63 14.08 -24.65
N ASP D 1424 -15.92 14.75 -25.75
CA ASP D 1424 -15.05 14.67 -26.91
C ASP D 1424 -14.56 16.05 -27.30
N GLY D 1425 -14.50 16.97 -26.35
CA GLY D 1425 -14.26 18.35 -26.66
C GLY D 1425 -15.52 19.18 -26.69
N ARG D 1426 -16.66 18.57 -26.42
CA ARG D 1426 -17.93 19.26 -26.53
C ARG D 1426 -18.24 20.16 -25.34
N LEU D 1427 -17.49 20.06 -24.25
CA LEU D 1427 -17.82 20.76 -23.01
C LEU D 1427 -19.27 20.51 -22.64
N VAL D 1428 -19.56 19.26 -22.30
CA VAL D 1428 -20.95 18.88 -22.08
C VAL D 1428 -21.49 19.49 -20.80
N TRP D 1429 -20.64 19.71 -19.80
CA TRP D 1429 -21.08 20.28 -18.53
C TRP D 1429 -20.20 21.45 -18.15
N PHE D 1430 -20.53 22.06 -17.02
CA PHE D 1430 -19.66 22.99 -16.33
C PHE D 1430 -20.12 23.03 -14.88
N LEU D 1431 -19.43 22.32 -14.01
CA LEU D 1431 -19.72 22.37 -12.58
C LEU D 1431 -18.96 23.56 -12.01
N GLU D 1432 -19.60 24.28 -11.09
CA GLU D 1432 -19.00 25.48 -10.52
C GLU D 1432 -18.99 25.40 -9.01
N ARG D 1433 -17.83 25.63 -8.41
CA ARG D 1433 -17.67 25.78 -6.96
C ARG D 1433 -18.31 24.61 -6.22
N GLY D 1434 -17.77 23.43 -6.46
CA GLY D 1434 -18.41 22.25 -5.91
C GLY D 1434 -19.71 22.01 -6.64
N GLY D 1435 -20.68 21.41 -5.94
CA GLY D 1435 -21.95 21.14 -6.57
C GLY D 1435 -22.88 22.34 -6.61
N ARG D 1436 -22.37 23.51 -6.21
CA ARG D 1436 -23.22 24.68 -6.05
C ARG D 1436 -23.93 25.05 -7.34
N SER D 1437 -23.27 24.87 -8.47
CA SER D 1437 -23.86 25.23 -9.75
C SER D 1437 -23.51 24.18 -10.78
N LEU D 1438 -24.42 23.94 -11.71
CA LEU D 1438 -24.21 23.01 -12.81
C LEU D 1438 -24.80 23.62 -14.07
N LEU D 1439 -24.11 23.45 -15.18
CA LEU D 1439 -24.56 23.98 -16.47
C LEU D 1439 -24.88 22.81 -17.38
N SER D 1440 -25.53 23.10 -18.52
CA SER D 1440 -26.00 22.02 -19.37
C SER D 1440 -25.76 22.32 -20.85
N PHE D 1441 -24.57 22.79 -21.20
CA PHE D 1441 -24.28 23.33 -22.54
C PHE D 1441 -24.72 22.33 -23.60
N GLY D 1442 -24.09 21.16 -23.71
CA GLY D 1442 -24.33 20.24 -24.79
C GLY D 1442 -25.34 19.15 -24.48
N ALA D 1443 -26.61 19.51 -24.37
CA ALA D 1443 -27.60 18.53 -23.97
C ALA D 1443 -27.71 17.42 -25.00
N ASP D 1444 -27.09 16.28 -24.70
CA ASP D 1444 -27.10 15.12 -25.56
C ASP D 1444 -27.53 13.91 -24.74
N ALA D 1445 -28.46 13.13 -25.28
CA ALA D 1445 -28.80 11.86 -24.66
C ALA D 1445 -27.60 10.92 -24.74
N ASP D 1446 -27.43 10.10 -23.71
CA ASP D 1446 -26.39 9.07 -23.69
C ASP D 1446 -24.98 9.68 -23.66
N ALA D 1447 -24.89 11.01 -23.77
CA ALA D 1447 -23.61 11.69 -23.65
C ALA D 1447 -23.47 12.48 -22.37
N GLN D 1448 -24.57 12.81 -21.69
CA GLN D 1448 -24.45 13.32 -20.34
C GLN D 1448 -23.90 12.24 -19.43
N ARG D 1449 -24.19 11.00 -19.75
CA ARG D 1449 -23.86 9.89 -18.87
C ARG D 1449 -22.36 9.69 -18.78
N ALA D 1450 -21.64 9.97 -19.86
CA ALA D 1450 -20.19 9.80 -19.83
C ALA D 1450 -19.54 10.76 -18.85
N ALA D 1451 -19.92 12.04 -18.92
CA ALA D 1451 -19.39 13.00 -17.97
C ALA D 1451 -19.86 12.69 -16.56
N ALA D 1452 -21.09 12.20 -16.42
CA ALA D 1452 -21.55 11.77 -15.11
C ALA D 1452 -20.65 10.68 -14.54
N GLY D 1453 -20.34 9.67 -15.35
CA GLY D 1453 -19.50 8.59 -14.88
C GLY D 1453 -18.09 9.04 -14.55
N ALA D 1454 -17.52 9.91 -15.38
CA ALA D 1454 -16.17 10.40 -15.09
C ALA D 1454 -16.13 11.22 -13.80
N LEU D 1455 -17.12 12.09 -13.61
CA LEU D 1455 -17.14 12.89 -12.40
C LEU D 1455 -17.36 12.02 -11.18
N THR D 1456 -18.18 10.98 -11.32
CA THR D 1456 -18.38 10.07 -10.20
C THR D 1456 -17.11 9.31 -9.87
N ASP D 1457 -16.33 8.93 -10.89
CA ASP D 1457 -15.05 8.30 -10.60
C ASP D 1457 -14.13 9.26 -9.88
N LEU D 1458 -14.16 10.55 -10.25
CA LEU D 1458 -13.35 11.53 -9.53
C LEU D 1458 -13.79 11.63 -8.08
N VAL D 1459 -15.09 11.50 -7.81
CA VAL D 1459 -15.57 11.57 -6.44
C VAL D 1459 -15.12 10.35 -5.66
N SER D 1460 -15.28 9.16 -6.25
CA SER D 1460 -14.98 7.93 -5.53
C SER D 1460 -13.50 7.78 -5.28
N ALA D 1461 -12.67 8.22 -6.22
CA ALA D 1461 -11.22 8.08 -6.04
C ALA D 1461 -10.71 9.07 -5.01
N GLY D 1462 -11.58 9.96 -4.53
CA GLY D 1462 -11.17 10.98 -3.59
C GLY D 1462 -10.40 12.12 -4.19
N ARG D 1463 -10.16 12.11 -5.51
CA ARG D 1463 -9.40 13.18 -6.13
C ARG D 1463 -10.09 14.52 -5.93
N ILE D 1464 -11.39 14.58 -6.20
CA ILE D 1464 -12.11 15.80 -5.81
C ILE D 1464 -12.12 15.89 -4.29
N PRO D 1465 -11.90 17.07 -3.71
CA PRO D 1465 -11.85 17.14 -2.24
C PRO D 1465 -13.15 16.73 -1.58
N SER D 1466 -14.29 17.11 -2.15
CA SER D 1466 -15.58 16.93 -1.49
C SER D 1466 -16.56 16.30 -2.47
N LEU D 1467 -17.54 15.62 -1.92
CA LEU D 1467 -18.64 15.11 -2.73
C LEU D 1467 -19.42 16.27 -3.33
N LEU D 1468 -20.22 15.97 -4.35
CA LEU D 1468 -20.94 16.99 -5.10
C LEU D 1468 -22.36 17.12 -4.56
N VAL D 1469 -22.91 18.33 -4.60
CA VAL D 1469 -24.18 18.60 -3.92
C VAL D 1469 -25.30 18.80 -4.93
N GLU D 1470 -25.01 19.44 -6.07
CA GLU D 1470 -25.98 19.61 -7.16
C GLU D 1470 -27.20 20.42 -6.73
N ARG D 1471 -26.98 21.69 -6.37
CA ARG D 1471 -28.09 22.51 -5.89
C ARG D 1471 -28.93 23.04 -7.05
N ILE D 1472 -28.34 23.85 -7.90
CA ILE D 1472 -29.06 24.43 -9.03
C ILE D 1472 -28.71 23.64 -10.28
N ASN D 1473 -29.45 23.90 -11.35
CA ASN D 1473 -29.23 23.30 -12.64
C ASN D 1473 -29.77 24.25 -13.69
N GLY D 1474 -29.03 24.42 -14.78
CA GLY D 1474 -29.39 25.52 -15.65
C GLY D 1474 -29.29 26.79 -14.84
N VAL D 1475 -30.44 27.33 -14.45
CA VAL D 1475 -30.51 28.35 -13.42
C VAL D 1475 -31.59 27.95 -12.41
N ALA D 1476 -31.17 27.33 -11.31
CA ALA D 1476 -32.03 27.02 -10.17
C ALA D 1476 -33.33 26.36 -10.60
N VAL D 1477 -33.22 25.16 -11.18
CA VAL D 1477 -34.43 24.39 -11.47
C VAL D 1477 -34.97 23.79 -10.19
N LEU D 1478 -36.27 24.01 -9.95
CA LEU D 1478 -36.97 23.52 -8.77
C LEU D 1478 -37.60 22.17 -9.07
N ASP D 1479 -37.91 21.43 -8.01
CA ASP D 1479 -38.41 20.07 -8.18
C ASP D 1479 -39.64 19.98 -9.07
N PRO D 1480 -40.67 20.80 -8.91
CA PRO D 1480 -41.76 20.79 -9.90
C PRO D 1480 -41.36 21.55 -11.16
N ASP D 1481 -42.21 21.44 -12.17
CA ASP D 1481 -42.05 22.17 -13.43
C ASP D 1481 -40.69 21.85 -14.06
N VAL D 1482 -40.53 20.58 -14.46
CA VAL D 1482 -39.28 20.14 -15.05
C VAL D 1482 -39.08 20.81 -16.40
N ASP D 1483 -37.85 21.27 -16.63
CA ASP D 1483 -37.50 21.85 -17.92
C ASP D 1483 -37.20 20.74 -18.92
N ALA D 1484 -37.68 20.92 -20.15
CA ALA D 1484 -37.48 19.90 -21.18
C ALA D 1484 -36.01 19.73 -21.51
N GLU D 1485 -35.30 20.84 -21.72
CA GLU D 1485 -33.86 20.79 -21.95
C GLU D 1485 -33.13 20.18 -20.75
N ARG D 1486 -33.71 20.32 -19.56
CA ARG D 1486 -33.04 19.86 -18.35
C ARG D 1486 -33.36 18.41 -18.04
N ALA D 1487 -34.53 17.94 -18.48
CA ALA D 1487 -35.09 16.63 -18.11
C ALA D 1487 -33.99 15.58 -18.17
N VAL D 1488 -33.08 15.60 -19.15
CA VAL D 1488 -32.09 14.54 -19.28
C VAL D 1488 -30.93 14.67 -18.32
N VAL D 1489 -30.58 15.90 -17.92
CA VAL D 1489 -29.43 16.09 -17.03
C VAL D 1489 -29.66 15.37 -15.71
N GLN D 1490 -30.83 15.58 -15.11
CA GLN D 1490 -31.10 14.93 -13.83
C GLN D 1490 -31.15 13.42 -13.98
N ASP D 1491 -31.78 12.92 -15.05
CA ASP D 1491 -31.83 11.49 -15.27
C ASP D 1491 -30.42 10.91 -15.37
N ALA D 1492 -29.51 11.65 -15.99
CA ALA D 1492 -28.12 11.21 -16.05
C ALA D 1492 -27.50 11.19 -14.67
N LEU D 1493 -27.75 12.24 -13.88
CA LEU D 1493 -27.22 12.28 -12.52
C LEU D 1493 -27.72 11.11 -11.70
N LEU D 1494 -28.94 10.64 -11.97
CA LEU D 1494 -29.48 9.50 -11.24
C LEU D 1494 -28.78 8.21 -11.64
N GLY D 1495 -28.29 8.14 -12.89
CA GLY D 1495 -27.56 6.96 -13.32
C GLY D 1495 -26.33 6.68 -12.48
N ALA D 1496 -25.66 7.72 -12.01
CA ALA D 1496 -24.54 7.57 -11.10
C ALA D 1496 -25.02 7.55 -9.66
N GLY D 1497 -24.06 7.68 -8.74
CA GLY D 1497 -24.35 7.44 -7.35
C GLY D 1497 -25.32 8.43 -6.72
N LEU D 1498 -25.31 9.68 -7.18
CA LEU D 1498 -26.01 10.72 -6.43
C LEU D 1498 -27.51 10.45 -6.38
N SER D 1499 -28.08 10.60 -5.19
CA SER D 1499 -29.43 10.19 -4.88
C SER D 1499 -30.40 11.37 -4.90
N ARG D 1500 -31.63 11.09 -4.48
CA ARG D 1500 -32.73 12.05 -4.51
C ARG D 1500 -32.92 12.77 -3.18
N THR D 1501 -31.92 12.75 -2.30
CA THR D 1501 -32.01 13.49 -1.05
C THR D 1501 -32.21 14.97 -1.34
N PRO D 1502 -33.09 15.66 -0.61
CA PRO D 1502 -33.24 17.11 -0.79
C PRO D 1502 -31.90 17.81 -0.67
N ARG D 1503 -31.65 18.71 -1.61
CA ARG D 1503 -30.36 19.37 -1.71
C ARG D 1503 -30.28 20.56 -0.77
N GLY D 1504 -29.17 20.65 -0.06
CA GLY D 1504 -28.94 21.77 0.86
C GLY D 1504 -30.06 21.94 1.88
N LEU D 1505 -30.51 20.83 2.47
CA LEU D 1505 -31.69 20.87 3.32
C LEU D 1505 -31.48 21.79 4.53
N ARG D 1506 -30.26 21.85 5.05
CA ARG D 1506 -29.94 22.74 6.15
C ARG D 1506 -30.86 22.52 7.35
#